data_2O1W
#
_entry.id   2O1W
#
_cell.length_a   210.330
_cell.length_b   137.500
_cell.length_c   133.150
_cell.angle_alpha   90.00
_cell.angle_beta   124.10
_cell.angle_gamma   90.00
#
_symmetry.space_group_name_H-M   'C 1 2 1'
#
_entity_poly.entity_id   1
_entity_poly.type   'polypeptide(L)'
_entity_poly.pdbx_seq_one_letter_code
;MGSSHHHHHHSSGLVPRGSHMSEKFAFQAEVNRMMKLIINSLYKNKEIFLRELISNASDALDKIRLISLTDENALAGNEE
LTVKIKCDKEKNLLHVTDTGVGMTREELVKNLGTIAKSGTSEFLNKMTEAQEDGQSTSELIGQFGVGFYSAFLVADKVIV
TSKHNNDTQHIWESDSNEFSVIADPRGNTLGRGTTITLVLKEEASDYLELDTIKNLVKKYSQFINFPIYVWSSKTGGGGK
TVWDWELMNDIKPIWQRPSKEVEDDEYKAFYKSFSKESDDPMAYIHFTAEGEVTFKSILFVPTSAPRGLFDEYGSKKSDY
IKLYVRRVFITDDFHDMMPKYLNFVKGVVDSDDLPLNVSRETLQQHKLLKVIRKKLVRKTLDMIKKIADEKYNDTFWKEF
GTNIKLGVIEDHSNRTRLAKLLRFQSSHHPSDITSLDQYVERMKEKQDKIYFMAGSSRKEAESSPFVERLLKKGYEVIYL
TEPVDEYCIQALPEFDGKRFQNVAKE
;
_entity_poly.pdbx_strand_id   A,B,C,D,E
#
# COMPACT_ATOMS: atom_id res chain seq x y z
N LYS A 44 18.68 -23.12 11.45
CA LYS A 44 17.47 -22.27 11.30
C LYS A 44 17.60 -21.29 10.12
N ASN A 45 18.83 -21.14 9.62
CA ASN A 45 19.04 -20.34 8.44
C ASN A 45 19.90 -21.08 7.41
N LYS A 46 19.57 -22.36 7.22
CA LYS A 46 20.37 -23.31 6.42
C LYS A 46 20.68 -22.85 4.98
N GLU A 47 19.70 -22.21 4.34
CA GLU A 47 19.83 -21.72 2.96
C GLU A 47 21.09 -20.89 2.72
N ILE A 48 21.61 -20.26 3.79
CA ILE A 48 22.84 -19.49 3.72
C ILE A 48 23.97 -20.20 2.93
N PHE A 49 23.95 -21.55 3.00
CA PHE A 49 24.96 -22.39 2.36
C PHE A 49 25.18 -22.04 0.89
N LEU A 50 24.08 -21.79 0.17
CA LEU A 50 24.11 -21.54 -1.25
C LEU A 50 24.63 -20.15 -1.56
N ARG A 51 24.34 -19.19 -0.68
CA ARG A 51 24.98 -17.87 -0.76
C ARG A 51 26.48 -18.03 -0.58
N GLU A 52 26.84 -18.85 0.40
CA GLU A 52 28.23 -19.05 0.74
C GLU A 52 29.00 -19.72 -0.40
N LEU A 53 28.40 -20.75 -1.00
CA LEU A 53 28.98 -21.41 -2.17
C LEU A 53 29.14 -20.43 -3.36
N ILE A 54 28.05 -19.73 -3.66
CA ILE A 54 28.05 -18.77 -4.76
C ILE A 54 29.10 -17.75 -4.48
N SER A 55 29.21 -17.32 -3.23
CA SER A 55 30.20 -16.31 -2.80
C SER A 55 31.67 -16.65 -3.15
N ASN A 56 32.06 -17.88 -2.84
CA ASN A 56 33.39 -18.39 -3.11
C ASN A 56 33.64 -18.58 -4.61
N ALA A 57 32.65 -19.15 -5.30
CA ALA A 57 32.73 -19.33 -6.74
C ALA A 57 33.16 -18.02 -7.36
N SER A 58 32.50 -16.94 -6.96
CA SER A 58 32.83 -15.59 -7.43
C SER A 58 34.27 -15.15 -7.12
N ASP A 59 34.77 -15.55 -5.95
CA ASP A 59 36.12 -15.20 -5.56
C ASP A 59 37.12 -16.04 -6.31
N ALA A 60 36.76 -17.29 -6.60
CA ALA A 60 37.61 -18.13 -7.43
C ALA A 60 37.66 -17.53 -8.82
N LEU A 61 36.54 -17.03 -9.32
CA LEU A 61 36.50 -16.41 -10.63
C LEU A 61 37.28 -15.08 -10.67
N ASP A 62 37.18 -14.32 -9.60
CA ASP A 62 37.95 -13.08 -9.45
C ASP A 62 39.44 -13.29 -9.38
N LYS A 63 39.86 -14.46 -8.88
CA LYS A 63 41.26 -14.83 -8.67
C LYS A 63 41.96 -15.20 -9.97
N ILE A 64 41.28 -16.01 -10.79
CA ILE A 64 41.81 -16.43 -12.07
C ILE A 64 41.90 -15.24 -13.03
N ARG A 65 40.99 -14.30 -12.88
CA ARG A 65 40.96 -13.09 -13.69
C ARG A 65 42.21 -12.23 -13.44
N LEU A 66 42.53 -12.02 -12.18
CA LEU A 66 43.71 -11.26 -11.79
C LEU A 66 44.93 -11.89 -12.38
N ILE A 67 44.92 -13.22 -12.37
CA ILE A 67 46.04 -14.00 -12.90
C ILE A 67 46.17 -13.71 -14.39
N SER A 68 45.07 -13.78 -15.13
CA SER A 68 45.09 -13.60 -16.58
C SER A 68 45.48 -12.20 -17.04
N LEU A 69 45.74 -11.31 -16.08
CA LEU A 69 46.26 -9.97 -16.38
C LEU A 69 47.74 -10.01 -16.70
N THR A 70 48.49 -10.79 -15.92
CA THR A 70 49.91 -10.94 -16.17
C THR A 70 50.20 -12.21 -16.95
N ASP A 71 49.36 -13.22 -16.76
CA ASP A 71 49.55 -14.52 -17.40
C ASP A 71 48.70 -14.64 -18.66
N GLU A 72 49.36 -14.74 -19.82
CA GLU A 72 48.66 -14.81 -21.11
C GLU A 72 47.89 -16.11 -21.36
N ASN A 73 48.26 -17.15 -20.62
CA ASN A 73 47.75 -18.48 -20.87
C ASN A 73 46.65 -18.91 -19.93
N ALA A 74 46.53 -18.22 -18.80
CA ALA A 74 45.64 -18.57 -17.70
C ALA A 74 44.32 -19.26 -18.08
N LEU A 75 43.63 -18.71 -19.07
CA LEU A 75 42.29 -19.20 -19.44
C LEU A 75 42.27 -20.22 -20.60
N ALA A 76 43.42 -20.76 -20.95
CA ALA A 76 43.51 -21.73 -22.04
C ALA A 76 42.83 -23.06 -21.71
N GLY A 77 42.78 -23.39 -20.42
CA GLY A 77 42.13 -24.61 -19.95
C GLY A 77 40.63 -24.60 -20.13
N ASN A 78 40.05 -23.40 -20.04
CA ASN A 78 38.62 -23.17 -20.21
C ASN A 78 38.39 -21.69 -20.46
N GLU A 79 37.84 -21.35 -21.62
CA GLU A 79 37.71 -19.94 -21.97
C GLU A 79 36.62 -19.16 -21.20
N GLU A 80 35.63 -19.87 -20.65
CA GLU A 80 34.50 -19.23 -19.96
C GLU A 80 34.77 -18.92 -18.49
N LEU A 81 34.06 -17.94 -17.95
CA LEU A 81 34.12 -17.61 -16.53
C LEU A 81 32.73 -17.62 -15.89
N THR A 82 32.24 -18.79 -15.50
CA THR A 82 30.85 -18.91 -15.11
C THR A 82 30.66 -19.82 -13.92
N VAL A 83 29.54 -19.66 -13.23
CA VAL A 83 29.15 -20.58 -12.18
C VAL A 83 27.96 -21.42 -12.71
N LYS A 84 28.08 -22.74 -12.66
CA LYS A 84 27.05 -23.61 -13.24
C LYS A 84 26.50 -24.61 -12.23
N ILE A 85 25.24 -24.37 -11.83
CA ILE A 85 24.55 -25.12 -10.79
C ILE A 85 23.58 -26.11 -11.41
N LYS A 86 23.71 -27.37 -11.00
CA LYS A 86 22.90 -28.46 -11.55
C LYS A 86 22.29 -29.30 -10.43
N CYS A 87 21.02 -29.64 -10.59
CA CYS A 87 20.32 -30.55 -9.69
C CYS A 87 20.35 -31.98 -10.22
N ASP A 88 20.33 -32.93 -9.27
CA ASP A 88 20.24 -34.34 -9.60
C ASP A 88 19.37 -35.06 -8.55
N LYS A 89 18.06 -34.88 -8.69
CA LYS A 89 17.07 -35.37 -7.71
C LYS A 89 17.14 -36.88 -7.52
N GLU A 90 17.28 -37.61 -8.63
CA GLU A 90 17.33 -39.07 -8.62
C GLU A 90 18.55 -39.60 -7.85
N LYS A 91 19.67 -38.90 -8.01
CA LYS A 91 20.90 -39.25 -7.30
C LYS A 91 21.04 -38.46 -5.99
N ASN A 92 20.08 -37.57 -5.73
CA ASN A 92 20.03 -36.75 -4.50
C ASN A 92 21.20 -35.74 -4.38
N LEU A 93 21.66 -35.24 -5.52
CA LEU A 93 22.87 -34.43 -5.58
C LEU A 93 22.66 -32.95 -5.93
N LEU A 94 23.61 -32.12 -5.49
CA LEU A 94 23.64 -30.70 -5.87
C LEU A 94 25.04 -30.27 -6.27
N HIS A 95 25.18 -29.83 -7.51
CA HIS A 95 26.46 -29.38 -8.06
C HIS A 95 26.57 -27.86 -8.20
N VAL A 96 27.72 -27.33 -7.81
CA VAL A 96 28.00 -25.91 -7.96
C VAL A 96 29.42 -25.74 -8.57
N THR A 97 29.45 -25.58 -9.90
CA THR A 97 30.68 -25.65 -10.69
C THR A 97 31.13 -24.30 -11.18
N ASP A 98 32.29 -23.86 -10.70
CA ASP A 98 32.90 -22.64 -11.17
C ASP A 98 34.03 -22.93 -12.17
N THR A 99 34.18 -22.09 -13.17
CA THR A 99 35.30 -22.24 -14.08
C THR A 99 36.41 -21.35 -13.55
N GLY A 100 36.55 -21.36 -12.23
CA GLY A 100 37.44 -20.45 -11.52
C GLY A 100 38.91 -20.77 -11.58
N VAL A 101 39.64 -20.36 -10.53
CA VAL A 101 41.09 -20.58 -10.43
C VAL A 101 41.46 -22.05 -10.23
N GLY A 102 40.57 -22.82 -9.60
CA GLY A 102 40.83 -24.22 -9.32
C GLY A 102 41.79 -24.42 -8.16
N MET A 103 41.99 -25.69 -7.81
CA MET A 103 42.84 -26.05 -6.69
C MET A 103 43.76 -27.24 -6.99
N THR A 104 45.04 -27.05 -6.70
CA THR A 104 46.03 -28.12 -6.75
C THR A 104 45.77 -29.11 -5.63
N ARG A 105 46.31 -30.33 -5.76
CA ARG A 105 46.20 -31.37 -4.73
C ARG A 105 46.70 -30.89 -3.37
N GLU A 106 47.89 -30.26 -3.36
CA GLU A 106 48.45 -29.68 -2.15
C GLU A 106 47.53 -28.61 -1.52
N GLU A 107 46.87 -27.82 -2.37
CA GLU A 107 45.93 -26.78 -1.93
C GLU A 107 44.66 -27.35 -1.28
N LEU A 108 44.00 -28.27 -1.98
CA LEU A 108 42.78 -28.93 -1.47
C LEU A 108 42.97 -29.46 -0.05
N VAL A 109 44.12 -30.10 0.19
CA VAL A 109 44.45 -30.67 1.50
C VAL A 109 44.63 -29.59 2.57
N LYS A 110 45.38 -28.54 2.23
CA LYS A 110 45.70 -27.47 3.18
C LYS A 110 44.51 -26.53 3.44
N ASN A 111 43.91 -26.06 2.36
CA ASN A 111 42.85 -25.05 2.42
C ASN A 111 41.53 -25.53 3.02
N LEU A 112 41.30 -26.84 2.98
CA LEU A 112 40.05 -27.44 3.48
C LEU A 112 40.25 -28.41 4.64
N GLY A 113 41.52 -28.76 4.93
CA GLY A 113 41.82 -29.80 5.90
C GLY A 113 42.54 -29.33 7.15
N THR A 114 43.16 -28.16 7.05
CA THR A 114 43.99 -27.63 8.13
C THR A 114 43.74 -26.14 8.35
N VAL A 146 35.96 -18.32 4.70
CA VAL A 146 35.64 -19.75 4.54
C VAL A 146 34.45 -20.20 5.42
N GLY A 147 33.30 -19.56 5.21
CA GLY A 147 32.03 -19.97 5.81
C GLY A 147 31.57 -21.27 5.20
N PHE A 148 31.86 -21.40 3.89
CA PHE A 148 31.94 -22.67 3.15
C PHE A 148 31.30 -23.90 3.86
N TYR A 149 32.00 -24.41 4.87
CA TYR A 149 31.61 -25.60 5.62
C TYR A 149 30.13 -25.65 6.00
N SER A 150 29.45 -24.52 5.81
CA SER A 150 28.00 -24.43 5.97
C SER A 150 27.28 -25.46 5.08
N ALA A 151 27.97 -25.89 4.02
CA ALA A 151 27.46 -26.94 3.12
C ALA A 151 27.13 -28.23 3.87
N PHE A 152 27.70 -28.41 5.05
CA PHE A 152 27.44 -29.60 5.87
C PHE A 152 26.10 -29.51 6.60
N LEU A 153 25.52 -28.30 6.63
CA LEU A 153 24.19 -28.07 7.18
C LEU A 153 23.13 -28.84 6.41
N VAL A 154 23.34 -28.96 5.10
CA VAL A 154 22.38 -29.60 4.20
C VAL A 154 22.83 -30.94 3.59
N ALA A 155 24.11 -31.30 3.77
CA ALA A 155 24.66 -32.49 3.14
C ALA A 155 25.37 -33.45 4.10
N ASP A 156 25.21 -34.74 3.81
CA ASP A 156 25.90 -35.83 4.51
C ASP A 156 27.32 -36.04 3.98
N LYS A 157 27.54 -35.68 2.71
CA LYS A 157 28.83 -35.88 2.05
C LYS A 157 29.07 -34.75 1.06
N VAL A 158 30.28 -34.17 1.12
CA VAL A 158 30.68 -33.09 0.23
C VAL A 158 31.84 -33.54 -0.66
N ILE A 159 31.65 -33.46 -1.97
CA ILE A 159 32.67 -33.89 -2.93
C ILE A 159 33.16 -32.72 -3.78
N VAL A 160 34.43 -32.36 -3.59
CA VAL A 160 35.04 -31.26 -4.34
C VAL A 160 35.93 -31.80 -5.46
N THR A 161 35.45 -31.66 -6.69
CA THR A 161 36.21 -32.00 -7.87
C THR A 161 36.83 -30.73 -8.47
N SER A 162 38.17 -30.67 -8.51
CA SER A 162 38.85 -29.46 -8.99
C SER A 162 39.95 -29.69 -10.02
N LYS A 163 40.23 -28.64 -10.78
CA LYS A 163 41.26 -28.63 -11.81
C LYS A 163 41.95 -27.27 -11.83
N HIS A 164 43.22 -27.26 -11.44
CA HIS A 164 44.05 -26.05 -11.44
C HIS A 164 45.01 -26.14 -12.63
N ASN A 165 45.44 -24.99 -13.14
CA ASN A 165 46.31 -24.96 -14.31
C ASN A 165 47.67 -25.63 -14.11
N ASN A 166 48.15 -25.69 -12.86
CA ASN A 166 49.47 -26.26 -12.55
C ASN A 166 49.45 -27.73 -12.10
N ASP A 167 48.32 -28.41 -12.31
CA ASP A 167 48.10 -29.75 -11.78
C ASP A 167 47.06 -30.48 -12.63
N THR A 168 46.98 -31.79 -12.44
CA THR A 168 45.93 -32.62 -13.05
C THR A 168 44.69 -32.64 -12.15
N GLN A 169 43.53 -33.00 -12.71
CA GLN A 169 42.25 -32.99 -11.97
C GLN A 169 42.30 -33.85 -10.71
N HIS A 170 41.52 -33.46 -9.70
CA HIS A 170 41.49 -34.15 -8.40
C HIS A 170 40.12 -34.21 -7.76
N ILE A 171 39.95 -35.11 -6.79
CA ILE A 171 38.71 -35.22 -6.05
C ILE A 171 38.96 -35.25 -4.54
N TRP A 172 38.31 -34.36 -3.82
CA TRP A 172 38.33 -34.33 -2.38
C TRP A 172 36.93 -34.69 -1.90
N GLU A 173 36.84 -35.57 -0.90
CA GLU A 173 35.53 -35.95 -0.38
C GLU A 173 35.53 -36.05 1.14
N SER A 174 34.38 -35.79 1.76
CA SER A 174 34.31 -35.73 3.23
C SER A 174 32.90 -35.93 3.78
N ASP A 175 32.80 -36.77 4.80
CA ASP A 175 31.58 -36.87 5.60
C ASP A 175 31.75 -36.08 6.91
N SER A 176 32.69 -35.12 6.91
CA SER A 176 33.06 -34.28 8.07
C SER A 176 33.74 -35.00 9.25
N ASN A 177 33.96 -36.31 9.10
CA ASN A 177 34.68 -37.12 10.09
C ASN A 177 36.14 -37.36 9.68
N GLU A 178 36.40 -37.16 8.39
CA GLU A 178 37.71 -37.35 7.76
C GLU A 178 37.64 -36.81 6.32
N PHE A 179 38.72 -36.98 5.56
CA PHE A 179 38.69 -36.71 4.13
C PHE A 179 39.79 -37.45 3.35
N SER A 180 39.57 -37.60 2.04
CA SER A 180 40.53 -38.25 1.14
C SER A 180 40.63 -37.54 -0.22
N VAL A 181 41.85 -37.33 -0.69
CA VAL A 181 42.07 -36.73 -2.00
C VAL A 181 42.69 -37.73 -2.97
N ILE A 182 41.96 -38.04 -4.03
CA ILE A 182 42.42 -38.93 -5.09
C ILE A 182 42.47 -38.18 -6.43
N ALA A 183 43.31 -38.66 -7.35
CA ALA A 183 43.30 -38.12 -8.71
C ALA A 183 42.03 -38.57 -9.42
N ASP A 184 41.51 -37.72 -10.31
CA ASP A 184 40.25 -38.02 -10.98
C ASP A 184 40.39 -39.04 -12.10
N PRO A 185 39.81 -40.25 -11.92
CA PRO A 185 39.81 -41.33 -12.90
C PRO A 185 39.28 -40.91 -14.28
N ARG A 186 38.34 -39.97 -14.30
CA ARG A 186 37.79 -39.45 -15.57
C ARG A 186 38.78 -38.55 -16.31
N GLY A 187 39.86 -38.15 -15.62
CA GLY A 187 40.86 -37.24 -16.18
C GLY A 187 40.39 -35.79 -16.09
N ASN A 188 40.97 -34.94 -16.93
CA ASN A 188 40.62 -33.52 -16.96
C ASN A 188 39.25 -33.30 -17.62
N THR A 189 38.19 -33.47 -16.84
CA THR A 189 36.82 -33.24 -17.33
C THR A 189 36.40 -31.77 -17.22
N LEU A 190 37.08 -31.03 -16.37
CA LEU A 190 36.70 -29.65 -16.07
C LEU A 190 37.39 -28.61 -16.92
N GLY A 191 38.55 -28.95 -17.49
CA GLY A 191 39.35 -27.99 -18.24
C GLY A 191 40.06 -27.08 -17.25
N ARG A 192 39.28 -26.31 -16.51
CA ARG A 192 39.74 -25.56 -15.35
C ARG A 192 38.54 -25.31 -14.44
N GLY A 193 38.78 -25.17 -13.14
CA GLY A 193 37.70 -24.83 -12.21
C GLY A 193 37.42 -25.85 -11.13
N THR A 194 36.20 -25.82 -10.58
CA THR A 194 35.85 -26.59 -9.40
C THR A 194 34.37 -27.02 -9.44
N THR A 195 34.06 -28.22 -8.96
CA THR A 195 32.66 -28.63 -8.76
C THR A 195 32.41 -29.11 -7.34
N ILE A 196 31.52 -28.43 -6.63
CA ILE A 196 31.12 -28.83 -5.29
C ILE A 196 29.87 -29.72 -5.35
N THR A 197 30.06 -31.03 -5.23
CA THR A 197 28.94 -31.96 -5.29
C THR A 197 28.46 -32.29 -3.89
N LEU A 198 27.19 -31.99 -3.61
CA LEU A 198 26.61 -32.27 -2.31
C LEU A 198 25.68 -33.48 -2.33
N VAL A 199 25.99 -34.47 -1.48
CA VAL A 199 25.08 -35.58 -1.25
C VAL A 199 24.16 -35.09 -0.14
N LEU A 200 22.96 -34.67 -0.53
CA LEU A 200 22.04 -33.97 0.37
C LEU A 200 21.38 -34.85 1.43
N LYS A 201 21.20 -34.26 2.62
CA LYS A 201 20.49 -34.90 3.73
C LYS A 201 19.03 -35.21 3.37
N GLU A 202 18.45 -36.20 4.04
CA GLU A 202 17.07 -36.62 3.79
C GLU A 202 16.03 -35.57 4.21
N GLU A 203 16.48 -34.58 4.99
CA GLU A 203 15.63 -33.48 5.43
C GLU A 203 15.84 -32.21 4.62
N ALA A 204 16.75 -32.26 3.65
CA ALA A 204 17.03 -31.13 2.76
C ALA A 204 16.71 -31.47 1.30
N SER A 205 15.75 -32.39 1.13
CA SER A 205 15.30 -32.82 -0.20
C SER A 205 14.61 -31.72 -1.01
N ASP A 206 14.36 -30.58 -0.35
CA ASP A 206 13.70 -29.42 -0.96
C ASP A 206 14.64 -28.64 -1.86
N TYR A 207 15.95 -28.82 -1.66
CA TYR A 207 16.96 -28.15 -2.50
C TYR A 207 17.23 -28.93 -3.77
N LEU A 208 16.45 -30.00 -3.98
CA LEU A 208 16.51 -30.73 -5.24
C LEU A 208 15.50 -30.18 -6.24
N GLU A 209 14.52 -29.44 -5.74
CA GLU A 209 13.47 -28.83 -6.57
C GLU A 209 13.99 -27.59 -7.30
N LEU A 210 13.80 -27.58 -8.63
CA LEU A 210 14.30 -26.51 -9.51
C LEU A 210 13.84 -25.12 -9.10
N ASP A 211 12.56 -25.00 -8.75
CA ASP A 211 11.94 -23.73 -8.41
C ASP A 211 12.46 -23.15 -7.08
N THR A 212 12.75 -24.02 -6.12
CA THR A 212 13.36 -23.60 -4.85
C THR A 212 14.74 -23.05 -5.15
N ILE A 213 15.50 -23.81 -5.95
CA ILE A 213 16.90 -23.48 -6.27
C ILE A 213 17.02 -22.19 -7.05
N LYS A 214 16.24 -22.08 -8.13
CA LYS A 214 16.21 -20.88 -8.96
C LYS A 214 16.00 -19.65 -8.09
N ASN A 215 14.98 -19.72 -7.22
CA ASN A 215 14.61 -18.67 -6.27
C ASN A 215 15.75 -18.27 -5.35
N LEU A 216 16.45 -19.27 -4.82
CA LEU A 216 17.59 -19.03 -3.93
C LEU A 216 18.75 -18.46 -4.71
N VAL A 217 19.11 -19.13 -5.80
CA VAL A 217 20.21 -18.68 -6.64
C VAL A 217 19.95 -17.22 -6.98
N LYS A 218 18.81 -16.94 -7.61
CA LYS A 218 18.46 -15.58 -8.05
C LYS A 218 18.60 -14.56 -6.95
N LYS A 219 18.29 -14.97 -5.73
CA LYS A 219 18.35 -14.08 -4.57
C LYS A 219 19.77 -13.73 -4.19
N TYR A 220 20.63 -14.74 -4.13
CA TYR A 220 22.05 -14.56 -3.80
C TYR A 220 22.95 -14.20 -5.01
N SER A 221 22.34 -14.21 -6.20
CA SER A 221 22.98 -13.84 -7.45
C SER A 221 23.17 -12.35 -7.58
N GLN A 222 22.18 -11.59 -7.09
CA GLN A 222 22.01 -10.18 -7.41
C GLN A 222 23.28 -9.38 -7.60
N PHE A 223 24.23 -9.52 -6.68
CA PHE A 223 25.41 -8.67 -6.72
C PHE A 223 26.67 -9.36 -7.23
N ILE A 224 26.50 -10.56 -7.78
CA ILE A 224 27.60 -11.29 -8.41
C ILE A 224 27.79 -10.78 -9.85
N ASN A 225 29.03 -10.54 -10.25
CA ASN A 225 29.29 -10.05 -11.58
C ASN A 225 29.65 -11.15 -12.58
N PHE A 226 29.27 -12.39 -12.30
CA PHE A 226 29.63 -13.50 -13.18
C PHE A 226 28.37 -14.25 -13.47
N PRO A 227 28.13 -14.56 -14.74
CA PRO A 227 26.87 -15.21 -15.10
C PRO A 227 26.67 -16.51 -14.33
N ILE A 228 25.52 -16.66 -13.69
CA ILE A 228 25.19 -17.88 -12.94
C ILE A 228 24.08 -18.63 -13.67
N TYR A 229 24.34 -19.88 -14.06
CA TYR A 229 23.35 -20.69 -14.79
C TYR A 229 22.80 -21.86 -13.98
N VAL A 230 21.52 -22.16 -14.15
CA VAL A 230 20.95 -23.33 -13.52
C VAL A 230 20.38 -24.22 -14.61
N TRP A 231 20.69 -25.52 -14.52
CA TRP A 231 20.21 -26.48 -15.49
C TRP A 231 18.72 -26.73 -15.27
N SER A 232 17.90 -26.10 -16.12
CA SER A 232 16.44 -26.10 -15.95
C SER A 232 15.70 -26.54 -17.21
N SER A 233 14.39 -26.73 -17.08
CA SER A 233 13.57 -27.14 -18.21
C SER A 233 12.74 -25.98 -18.77
N LYS A 234 12.29 -26.14 -20.01
CA LYS A 234 11.40 -25.18 -20.67
C LYS A 234 10.50 -25.90 -21.67
N THR A 235 9.29 -25.37 -21.85
CA THR A 235 8.31 -25.98 -22.75
C THR A 235 8.07 -25.10 -23.96
N LYS A 240 7.40 -29.02 -26.52
CA LYS A 240 7.86 -30.09 -25.66
C LYS A 240 8.98 -29.67 -24.69
N THR A 241 9.44 -30.63 -23.90
CA THR A 241 10.42 -30.40 -22.85
C THR A 241 11.84 -30.30 -23.39
N VAL A 242 12.48 -29.16 -23.15
CA VAL A 242 13.87 -28.97 -23.49
C VAL A 242 14.62 -28.49 -22.24
N TRP A 243 15.71 -29.17 -21.92
CA TRP A 243 16.59 -28.76 -20.81
C TRP A 243 17.78 -27.95 -21.31
N ASP A 244 18.10 -26.86 -20.60
CA ASP A 244 19.21 -25.97 -20.97
C ASP A 244 19.69 -25.12 -19.79
N TRP A 245 20.76 -24.35 -19.99
CA TRP A 245 21.22 -23.38 -19.01
C TRP A 245 20.40 -22.10 -19.06
N GLU A 246 19.87 -21.72 -17.91
CA GLU A 246 19.08 -20.51 -17.79
C GLU A 246 19.81 -19.53 -16.90
N LEU A 247 20.21 -18.39 -17.47
CA LEU A 247 20.89 -17.34 -16.73
C LEU A 247 20.00 -16.85 -15.58
N MET A 248 20.63 -16.53 -14.44
CA MET A 248 19.91 -16.15 -13.22
C MET A 248 20.08 -14.67 -12.80
N ASN A 249 21.10 -14.02 -13.30
CA ASN A 249 21.41 -12.69 -12.82
C ASN A 249 21.87 -11.73 -13.91
N ASP A 250 22.07 -10.47 -13.51
CA ASP A 250 22.62 -9.50 -14.41
C ASP A 250 24.08 -9.26 -14.05
N ILE A 251 24.96 -9.75 -14.93
CA ILE A 251 26.41 -9.55 -14.85
C ILE A 251 26.78 -8.04 -14.75
N LYS A 252 25.85 -7.17 -15.17
CA LYS A 252 26.07 -5.73 -15.18
C LYS A 252 26.07 -5.17 -13.77
N PRO A 253 27.21 -4.58 -13.35
CA PRO A 253 27.37 -4.12 -11.98
C PRO A 253 26.46 -2.93 -11.74
N ILE A 254 26.07 -2.72 -10.50
CA ILE A 254 25.14 -1.65 -10.19
C ILE A 254 25.78 -0.27 -10.22
N TRP A 255 27.06 -0.19 -9.89
CA TRP A 255 27.78 1.07 -9.95
C TRP A 255 28.01 1.53 -11.38
N GLN A 256 27.72 0.66 -12.35
CA GLN A 256 27.89 0.98 -13.76
C GLN A 256 26.58 1.42 -14.39
N ARG A 257 25.50 1.27 -13.62
CA ARG A 257 24.19 1.68 -14.08
C ARG A 257 23.99 3.18 -13.84
N PRO A 258 23.14 3.83 -14.66
CA PRO A 258 22.79 5.23 -14.42
C PRO A 258 21.97 5.37 -13.15
N SER A 259 22.25 6.43 -12.38
CA SER A 259 21.67 6.58 -11.04
C SER A 259 20.15 6.62 -11.04
N LYS A 260 19.59 7.34 -12.01
CA LYS A 260 18.13 7.45 -12.20
C LYS A 260 17.44 6.08 -12.24
N GLU A 261 18.17 5.05 -12.64
CA GLU A 261 17.62 3.70 -12.80
C GLU A 261 17.87 2.79 -11.59
N VAL A 262 18.64 3.27 -10.62
CA VAL A 262 18.93 2.44 -9.45
C VAL A 262 18.04 2.80 -8.27
N GLU A 263 17.24 1.83 -7.85
CA GLU A 263 16.36 1.94 -6.71
C GLU A 263 17.12 2.08 -5.39
N ASP A 264 16.52 2.78 -4.44
CA ASP A 264 17.15 2.99 -3.15
C ASP A 264 17.30 1.70 -2.30
N ASP A 265 16.44 0.71 -2.55
CA ASP A 265 16.57 -0.60 -1.92
C ASP A 265 17.90 -1.25 -2.32
N GLU A 266 18.16 -1.22 -3.62
CA GLU A 266 19.32 -1.87 -4.19
C GLU A 266 20.57 -1.30 -3.57
N TYR A 267 20.73 0.02 -3.63
CA TYR A 267 21.89 0.67 -3.03
C TYR A 267 22.14 0.16 -1.63
N LYS A 268 21.06 -0.03 -0.86
CA LYS A 268 21.18 -0.49 0.52
C LYS A 268 21.58 -1.97 0.56
N ALA A 269 20.95 -2.78 -0.27
CA ALA A 269 21.24 -4.22 -0.33
C ALA A 269 22.72 -4.43 -0.69
N PHE A 270 23.12 -3.80 -1.77
CA PHE A 270 24.47 -3.87 -2.24
C PHE A 270 25.41 -3.58 -1.10
N TYR A 271 25.08 -2.62 -0.23
CA TYR A 271 25.96 -2.31 0.88
C TYR A 271 25.99 -3.48 1.84
N LYS A 272 24.83 -4.06 2.10
CA LYS A 272 24.77 -5.18 3.01
C LYS A 272 25.56 -6.34 2.42
N SER A 273 25.42 -6.54 1.11
CA SER A 273 25.99 -7.70 0.46
C SER A 273 27.52 -7.67 0.35
N PHE A 274 28.17 -6.69 0.99
CA PHE A 274 29.61 -6.75 1.09
C PHE A 274 30.24 -6.34 2.43
N SER A 275 29.44 -6.39 3.48
CA SER A 275 29.96 -6.15 4.82
C SER A 275 29.10 -6.84 5.87
N LYS A 276 28.09 -7.57 5.39
CA LYS A 276 27.02 -8.07 6.24
C LYS A 276 26.51 -6.97 7.19
N GLU A 277 26.56 -7.22 8.51
CA GLU A 277 25.93 -6.37 9.55
C GLU A 277 24.45 -6.19 9.23
N SER A 278 24.17 -6.24 7.92
CA SER A 278 22.86 -6.14 7.31
C SER A 278 22.04 -5.02 7.90
N ASP A 279 22.61 -3.83 7.99
CA ASP A 279 21.80 -2.67 8.38
C ASP A 279 22.08 -1.61 7.36
N ASP A 280 21.05 -0.83 7.04
CA ASP A 280 21.18 0.26 6.07
C ASP A 280 22.47 1.04 6.33
N PRO A 281 23.07 1.57 5.29
CA PRO A 281 24.19 2.44 5.57
C PRO A 281 23.64 3.80 5.98
N MET A 282 24.38 4.55 6.78
CA MET A 282 23.90 5.85 7.20
C MET A 282 23.64 6.78 6.01
N ALA A 283 24.49 6.69 4.98
CA ALA A 283 24.29 7.43 3.73
C ALA A 283 25.19 6.90 2.64
N TYR A 284 24.68 6.89 1.40
CA TYR A 284 25.46 6.51 0.23
C TYR A 284 25.52 7.61 -0.81
N ILE A 285 26.59 7.64 -1.59
CA ILE A 285 26.66 8.56 -2.72
C ILE A 285 27.02 7.75 -3.93
N HIS A 286 26.46 8.07 -5.09
CA HIS A 286 26.80 7.30 -6.27
C HIS A 286 27.00 8.24 -7.41
N PHE A 287 28.24 8.32 -7.87
CA PHE A 287 28.63 9.32 -8.86
C PHE A 287 29.55 8.77 -9.91
N THR A 288 29.50 9.39 -11.09
CA THR A 288 30.42 9.08 -12.16
C THR A 288 31.33 10.27 -12.36
N ALA A 289 32.63 10.05 -12.29
CA ALA A 289 33.62 11.14 -12.32
C ALA A 289 34.13 11.39 -13.71
N GLU A 290 34.03 12.65 -14.12
CA GLU A 290 34.59 13.12 -15.38
C GLU A 290 35.84 13.95 -15.08
N GLY A 291 36.75 14.04 -16.04
CA GLY A 291 37.91 14.89 -15.86
C GLY A 291 39.21 14.19 -16.18
N GLU A 292 40.23 14.47 -15.39
CA GLU A 292 41.58 13.93 -15.65
C GLU A 292 41.57 12.40 -15.65
N VAL A 293 40.78 11.84 -14.74
CA VAL A 293 40.55 10.41 -14.70
C VAL A 293 39.04 10.16 -14.78
N THR A 294 38.65 9.03 -15.35
CA THR A 294 37.25 8.68 -15.43
C THR A 294 37.02 7.42 -14.65
N PHE A 295 36.10 7.48 -13.70
CA PHE A 295 35.65 6.28 -12.96
C PHE A 295 34.27 6.43 -12.41
N LYS A 296 33.53 5.34 -12.39
CA LYS A 296 32.26 5.31 -11.67
C LYS A 296 32.60 4.88 -10.26
N SER A 297 31.65 4.97 -9.34
CA SER A 297 31.92 4.72 -7.92
C SER A 297 30.63 4.72 -7.08
N ILE A 298 30.67 4.09 -5.91
CA ILE A 298 29.65 4.27 -4.89
C ILE A 298 30.42 4.27 -3.59
N LEU A 299 30.17 5.24 -2.73
CA LEU A 299 30.77 5.19 -1.42
C LEU A 299 29.65 5.14 -0.37
N PHE A 300 29.98 4.66 0.82
CA PHE A 300 28.98 4.57 1.87
C PHE A 300 29.52 5.10 3.17
N VAL A 301 28.60 5.56 4.02
CA VAL A 301 28.93 5.86 5.40
C VAL A 301 28.27 4.80 6.28
N PRO A 302 29.08 3.99 6.99
CA PRO A 302 28.55 2.92 7.84
C PRO A 302 27.80 3.51 9.03
N THR A 303 26.82 2.74 9.51
CA THR A 303 25.87 3.19 10.54
C THR A 303 26.56 3.39 11.87
N SER A 304 27.60 2.60 12.11
CA SER A 304 28.39 2.69 13.32
C SER A 304 29.86 2.71 12.97
N ALA A 305 30.61 3.57 13.66
CA ALA A 305 32.06 3.60 13.56
C ALA A 305 32.61 2.26 14.04
N PRO A 306 33.33 1.53 13.16
CA PRO A 306 33.84 0.18 13.44
C PRO A 306 34.91 0.13 14.56
N ARG A 307 34.55 -0.47 15.69
CA ARG A 307 35.42 -0.54 16.86
C ARG A 307 35.50 -1.96 17.41
N TYR A 320 38.97 -1.59 2.84
CA TYR A 320 37.55 -1.26 2.88
C TYR A 320 36.99 -0.97 1.51
N ILE A 321 37.81 -0.36 0.64
CA ILE A 321 37.37 0.05 -0.69
C ILE A 321 37.86 -0.92 -1.76
N LYS A 322 36.91 -1.55 -2.46
CA LYS A 322 37.22 -2.47 -3.56
C LYS A 322 37.42 -1.71 -4.86
N LEU A 323 38.59 -1.84 -5.46
CA LEU A 323 38.87 -1.16 -6.72
C LEU A 323 38.74 -2.10 -7.88
N TYR A 324 38.16 -1.62 -8.98
CA TYR A 324 37.99 -2.40 -10.20
C TYR A 324 38.57 -1.61 -11.33
N VAL A 325 39.07 -2.30 -12.35
CA VAL A 325 39.59 -1.65 -13.54
C VAL A 325 38.91 -2.29 -14.73
N ARG A 326 38.29 -1.45 -15.54
CA ARG A 326 37.44 -1.85 -16.67
C ARG A 326 36.53 -3.00 -16.27
N ARG A 327 35.94 -2.89 -15.09
CA ARG A 327 34.99 -3.90 -14.53
C ARG A 327 35.63 -5.21 -14.07
N VAL A 328 36.95 -5.24 -13.92
CA VAL A 328 37.62 -6.43 -13.44
C VAL A 328 38.17 -6.20 -12.05
N PHE A 329 37.75 -7.02 -11.09
CA PHE A 329 38.21 -6.85 -9.70
C PHE A 329 39.72 -6.87 -9.60
N ILE A 330 40.28 -5.96 -8.80
CA ILE A 330 41.73 -5.87 -8.64
C ILE A 330 42.18 -6.12 -7.19
N THR A 331 41.57 -5.42 -6.23
CA THR A 331 42.09 -5.42 -4.85
C THR A 331 41.09 -4.82 -3.86
N ASP A 332 41.46 -4.82 -2.59
CA ASP A 332 40.83 -3.98 -1.59
C ASP A 332 41.85 -3.68 -0.49
N ASP A 333 43.04 -4.22 -0.67
CA ASP A 333 44.14 -4.01 0.27
C ASP A 333 44.77 -2.64 0.04
N PHE A 334 44.09 -1.81 -0.75
CA PHE A 334 44.61 -0.48 -1.01
C PHE A 334 44.12 0.45 0.08
N HIS A 335 45.06 0.91 0.90
CA HIS A 335 44.76 1.65 2.12
C HIS A 335 44.96 3.15 1.97
N ASP A 336 45.95 3.54 1.17
CA ASP A 336 46.15 4.94 0.80
C ASP A 336 45.09 5.43 -0.20
N MET A 337 44.10 4.59 -0.47
CA MET A 337 42.92 5.05 -1.18
C MET A 337 42.41 6.37 -0.56
N MET A 338 41.90 6.28 0.69
CA MET A 338 41.34 7.40 1.45
C MET A 338 42.31 7.92 2.47
N PRO A 339 42.14 9.15 2.93
CA PRO A 339 42.96 9.61 4.04
C PRO A 339 42.58 8.89 5.33
N LYS A 340 43.34 9.14 6.39
CA LYS A 340 43.14 8.45 7.66
C LYS A 340 41.76 8.76 8.28
N TYR A 341 41.43 10.05 8.40
CA TYR A 341 40.20 10.47 9.07
C TYR A 341 38.94 10.01 8.34
N LEU A 342 39.10 9.52 7.12
CA LEU A 342 37.97 9.02 6.34
C LEU A 342 38.03 7.51 6.10
N ASN A 343 38.70 6.81 7.00
CA ASN A 343 38.92 5.37 6.86
C ASN A 343 37.66 4.53 6.90
N PHE A 344 36.64 5.08 7.55
CA PHE A 344 35.36 4.39 7.77
C PHE A 344 34.57 4.14 6.47
N VAL A 345 34.91 4.88 5.42
CA VAL A 345 34.14 4.83 4.19
C VAL A 345 34.36 3.50 3.53
N LYS A 346 33.28 2.95 2.99
CA LYS A 346 33.31 1.69 2.27
C LYS A 346 32.77 1.92 0.87
N GLY A 347 33.10 1.00 -0.04
CA GLY A 347 32.52 1.01 -1.39
C GLY A 347 33.44 0.70 -2.55
N VAL A 348 32.91 0.86 -3.76
CA VAL A 348 33.61 0.49 -4.97
C VAL A 348 34.06 1.69 -5.79
N VAL A 349 35.21 1.54 -6.47
CA VAL A 349 35.72 2.51 -7.44
C VAL A 349 35.97 1.74 -8.72
N ASP A 350 35.54 2.22 -9.87
CA ASP A 350 35.67 1.42 -11.08
C ASP A 350 36.23 2.20 -12.24
N SER A 351 37.55 2.34 -12.24
CA SER A 351 38.26 3.10 -13.26
C SER A 351 38.17 2.40 -14.58
N ASP A 352 38.25 3.16 -15.64
CA ASP A 352 38.51 2.61 -16.98
C ASP A 352 39.77 3.29 -17.61
N ASP A 353 40.48 4.02 -16.76
CA ASP A 353 41.66 4.73 -17.15
C ASP A 353 42.94 4.09 -16.62
N LEU A 354 42.86 3.44 -15.47
CA LEU A 354 44.02 2.80 -14.85
C LEU A 354 44.63 1.68 -15.73
N PRO A 355 45.95 1.45 -15.62
CA PRO A 355 46.55 0.28 -16.26
C PRO A 355 46.04 -1.07 -15.69
N LEU A 356 45.24 -1.77 -16.51
CA LEU A 356 44.63 -3.04 -16.14
C LEU A 356 45.67 -4.12 -15.93
N ASN A 357 46.52 -4.31 -16.95
CA ASN A 357 47.53 -5.39 -17.00
C ASN A 357 48.86 -4.95 -16.40
N VAL A 358 48.82 -4.59 -15.12
CA VAL A 358 50.01 -4.30 -14.32
C VAL A 358 50.03 -5.16 -13.05
N SER A 359 51.18 -5.09 -12.36
CA SER A 359 51.32 -5.60 -10.99
C SER A 359 50.64 -4.62 -10.02
N ARG A 360 50.13 -5.14 -8.90
CA ARG A 360 49.52 -4.33 -7.85
C ARG A 360 50.54 -3.40 -7.18
N GLU A 361 51.81 -3.79 -7.22
CA GLU A 361 52.87 -2.88 -6.79
C GLU A 361 52.87 -1.64 -7.70
N THR A 362 52.93 -1.89 -9.01
CA THR A 362 52.96 -0.83 -10.04
C THR A 362 51.70 0.04 -9.93
N LEU A 363 50.56 -0.64 -9.85
CA LEU A 363 49.29 0.07 -9.79
C LEU A 363 49.22 1.05 -8.62
N GLN A 364 49.77 0.68 -7.45
CA GLN A 364 49.57 1.48 -6.23
C GLN A 364 50.36 2.78 -6.24
N GLN A 365 51.51 2.78 -6.90
CA GLN A 365 52.29 3.98 -6.97
C GLN A 365 51.92 4.81 -8.20
N HIS A 366 50.84 4.40 -8.88
CA HIS A 366 50.40 5.06 -10.09
C HIS A 366 49.87 6.49 -9.82
N LYS A 367 50.33 7.44 -10.63
CA LYS A 367 49.99 8.87 -10.48
C LYS A 367 48.46 9.13 -10.48
N LEU A 368 47.73 8.41 -11.33
CA LEU A 368 46.29 8.56 -11.44
C LEU A 368 45.55 8.27 -10.13
N LEU A 369 46.17 7.49 -9.25
CA LEU A 369 45.55 7.14 -7.96
C LEU A 369 45.41 8.35 -7.04
N LYS A 370 46.46 9.15 -6.94
CA LYS A 370 46.41 10.38 -6.16
C LYS A 370 45.30 11.32 -6.65
N VAL A 371 45.08 11.35 -7.98
CA VAL A 371 43.96 12.07 -8.59
C VAL A 371 42.64 11.43 -8.16
N ILE A 372 42.54 10.11 -8.29
CA ILE A 372 41.34 9.36 -7.91
C ILE A 372 41.05 9.49 -6.42
N ARG A 373 42.10 9.66 -5.62
CA ARG A 373 41.95 9.91 -4.20
C ARG A 373 41.23 11.24 -3.96
N LYS A 374 41.82 12.33 -4.48
CA LYS A 374 41.24 13.68 -4.35
C LYS A 374 39.76 13.70 -4.64
N LYS A 375 39.37 13.22 -5.82
CA LYS A 375 37.97 13.13 -6.23
C LYS A 375 37.05 12.39 -5.22
N LEU A 376 37.53 11.28 -4.67
CA LEU A 376 36.77 10.51 -3.69
C LEU A 376 36.54 11.25 -2.39
N VAL A 377 37.56 11.91 -1.87
CA VAL A 377 37.42 12.68 -0.64
C VAL A 377 36.39 13.78 -0.83
N ARG A 378 36.52 14.57 -1.92
CA ARG A 378 35.54 15.60 -2.23
C ARG A 378 34.12 15.00 -2.31
N LYS A 379 33.92 13.88 -3.00
CA LYS A 379 32.56 13.34 -3.08
C LYS A 379 32.09 12.68 -1.80
N THR A 380 33.00 12.36 -0.89
CA THR A 380 32.62 11.83 0.41
C THR A 380 32.12 12.97 1.24
N LEU A 381 32.84 14.10 1.21
CA LEU A 381 32.45 15.28 1.96
C LEU A 381 31.19 15.91 1.38
N ASP A 382 30.95 15.69 0.08
CA ASP A 382 29.68 16.04 -0.52
C ASP A 382 28.59 15.19 0.11
N MET A 383 28.81 13.88 0.14
CA MET A 383 27.82 12.94 0.64
C MET A 383 27.47 13.21 2.10
N ILE A 384 28.47 13.62 2.87
CA ILE A 384 28.28 13.88 4.28
C ILE A 384 27.47 15.16 4.49
N LYS A 385 27.76 16.18 3.67
CA LYS A 385 27.01 17.44 3.69
C LYS A 385 25.53 17.18 3.44
N LYS A 386 25.23 16.37 2.44
CA LYS A 386 23.85 16.02 2.08
C LYS A 386 23.03 15.30 3.15
N ILE A 387 23.62 15.00 4.31
CA ILE A 387 22.86 14.33 5.36
C ILE A 387 21.86 15.30 5.99
N ALA A 388 20.63 14.83 6.20
CA ALA A 388 19.57 15.60 6.85
C ALA A 388 20.05 16.22 8.16
N ASP A 389 19.77 17.51 8.33
CA ASP A 389 20.30 18.30 9.46
C ASP A 389 20.13 17.68 10.84
N GLU A 390 18.95 17.13 11.11
CA GLU A 390 18.71 16.43 12.38
C GLU A 390 19.50 15.13 12.45
N LYS A 391 19.40 14.33 11.40
CA LYS A 391 20.15 13.07 11.31
C LYS A 391 21.66 13.24 11.48
N TYR A 392 22.20 14.36 10.99
CA TYR A 392 23.61 14.64 11.09
C TYR A 392 24.07 14.81 12.53
N ASN A 393 23.34 15.64 13.29
CA ASN A 393 23.72 15.95 14.67
C ASN A 393 23.46 14.79 15.61
N ASP A 394 22.41 14.04 15.32
CA ASP A 394 21.98 12.98 16.21
C ASP A 394 22.67 11.64 15.97
N THR A 395 22.87 11.30 14.70
CA THR A 395 23.54 10.03 14.37
C THR A 395 24.99 10.23 13.98
N PHE A 396 25.21 10.77 12.78
CA PHE A 396 26.56 10.92 12.22
C PHE A 396 27.51 11.49 13.25
N TRP A 397 27.26 12.72 13.70
CA TRP A 397 28.21 13.39 14.57
C TRP A 397 28.60 12.58 15.78
N LYS A 398 27.65 11.80 16.30
CA LYS A 398 27.92 10.94 17.45
C LYS A 398 28.95 9.87 17.10
N GLU A 399 28.84 9.28 15.91
CA GLU A 399 29.79 8.28 15.45
C GLU A 399 31.13 8.87 15.00
N PHE A 400 31.08 9.76 14.03
CA PHE A 400 32.28 10.18 13.33
C PHE A 400 32.76 11.59 13.60
N GLY A 401 32.20 12.22 14.62
CA GLY A 401 32.59 13.57 14.98
C GLY A 401 34.10 13.77 15.03
N THR A 402 34.78 12.86 15.73
CA THR A 402 36.22 12.93 15.92
C THR A 402 36.98 12.89 14.58
N ASN A 403 36.49 12.06 13.65
CA ASN A 403 37.04 11.97 12.32
C ASN A 403 37.08 13.33 11.64
N ILE A 404 35.92 13.99 11.63
CA ILE A 404 35.81 15.31 11.05
C ILE A 404 36.79 16.25 11.73
N LYS A 405 36.82 16.22 13.06
CA LYS A 405 37.77 17.02 13.81
C LYS A 405 39.22 16.72 13.42
N LEU A 406 39.51 15.44 13.16
CA LEU A 406 40.82 15.04 12.65
C LEU A 406 41.06 15.56 11.25
N GLY A 407 40.02 15.52 10.43
CA GLY A 407 40.09 16.00 9.06
C GLY A 407 40.57 17.42 8.95
N VAL A 408 40.03 18.29 9.79
CA VAL A 408 40.41 19.70 9.82
C VAL A 408 41.91 19.84 10.06
N ILE A 409 42.47 18.83 10.71
CA ILE A 409 43.89 18.83 11.02
C ILE A 409 44.75 18.31 9.86
N GLU A 410 44.38 17.14 9.32
CA GLU A 410 45.09 16.53 8.20
C GLU A 410 44.89 17.30 6.89
N ASP A 411 43.65 17.30 6.44
CA ASP A 411 43.30 17.76 5.11
C ASP A 411 43.22 19.30 5.03
N HIS A 412 44.32 19.94 4.67
CA HIS A 412 44.30 21.39 4.56
C HIS A 412 43.54 21.85 3.33
N SER A 413 43.50 21.00 2.31
CA SER A 413 42.87 21.36 1.05
C SER A 413 41.37 21.25 1.11
N ASN A 414 40.85 20.68 2.19
CA ASN A 414 39.40 20.65 2.42
C ASN A 414 39.01 21.30 3.72
N ARG A 415 39.98 21.94 4.35
CA ARG A 415 39.80 22.55 5.65
C ARG A 415 38.50 23.34 5.80
N THR A 416 38.12 24.13 4.80
CA THR A 416 36.92 24.95 4.90
C THR A 416 35.66 24.11 4.82
N ARG A 417 35.64 23.19 3.87
CA ARG A 417 34.50 22.28 3.72
C ARG A 417 34.27 21.50 5.01
N LEU A 418 35.36 21.20 5.72
CA LEU A 418 35.29 20.46 6.97
C LEU A 418 34.82 21.35 8.10
N ALA A 419 35.45 22.51 8.26
CA ALA A 419 35.05 23.45 9.33
C ALA A 419 33.53 23.57 9.43
N LYS A 420 32.88 23.75 8.28
CA LYS A 420 31.42 23.85 8.21
C LYS A 420 30.68 22.60 8.69
N LEU A 421 31.40 21.49 8.84
CA LEU A 421 30.83 20.23 9.32
C LEU A 421 31.06 20.01 10.80
N LEU A 422 31.84 20.88 11.42
CA LEU A 422 32.13 20.75 12.83
C LEU A 422 30.90 21.06 13.66
N ARG A 423 30.77 20.37 14.80
CA ARG A 423 29.74 20.64 15.79
C ARG A 423 30.32 20.63 17.22
N PHE A 424 29.79 21.49 18.08
CA PHE A 424 30.22 21.56 19.47
C PHE A 424 29.04 21.81 20.40
N GLN A 425 29.26 21.59 21.68
CA GLN A 425 28.36 22.09 22.69
C GLN A 425 28.69 23.55 22.91
N SER A 426 27.73 24.32 23.39
CA SER A 426 27.96 25.72 23.70
C SER A 426 26.95 26.23 24.71
N SER A 427 27.21 27.44 25.18
CA SER A 427 26.40 28.09 26.20
C SER A 427 24.97 28.33 25.73
N HIS A 428 24.73 28.21 24.44
CA HIS A 428 23.41 28.46 23.88
C HIS A 428 22.35 27.44 24.32
N HIS A 429 22.79 26.27 24.76
CA HIS A 429 21.86 25.19 25.11
C HIS A 429 22.54 24.11 25.96
N PRO A 430 21.86 23.64 27.02
CA PRO A 430 22.30 22.58 27.94
C PRO A 430 22.92 21.33 27.31
N SER A 431 22.32 20.82 26.24
CA SER A 431 22.77 19.55 25.64
C SER A 431 22.98 19.60 24.13
N ASP A 432 22.11 20.31 23.42
CA ASP A 432 22.15 20.38 21.95
C ASP A 432 23.48 20.88 21.43
N ILE A 433 23.95 20.26 20.35
CA ILE A 433 25.17 20.70 19.71
C ILE A 433 24.87 21.76 18.65
N THR A 434 25.84 22.66 18.43
CA THR A 434 25.69 23.75 17.47
C THR A 434 26.83 23.78 16.47
N SER A 435 26.52 24.21 15.26
CA SER A 435 27.52 24.34 14.22
C SER A 435 28.22 25.67 14.41
N LEU A 436 29.25 25.91 13.62
CA LEU A 436 29.95 27.18 13.72
C LEU A 436 29.22 28.31 13.01
N ASP A 437 28.54 27.97 11.90
CA ASP A 437 27.68 28.92 11.22
C ASP A 437 26.54 29.40 12.11
N GLN A 438 25.87 28.46 12.79
CA GLN A 438 24.84 28.77 13.78
C GLN A 438 25.34 29.67 14.92
N TYR A 439 26.61 29.51 15.28
CA TYR A 439 27.24 30.36 16.29
C TYR A 439 27.38 31.77 15.74
N VAL A 440 27.90 31.89 14.52
CA VAL A 440 28.12 33.20 13.92
C VAL A 440 26.82 33.97 13.76
N GLU A 441 25.80 33.33 13.19
CA GLU A 441 24.46 33.90 13.05
C GLU A 441 24.00 34.56 14.35
N ARG A 442 24.43 34.01 15.49
CA ARG A 442 23.98 34.48 16.79
C ARG A 442 24.82 35.59 17.43
N MET A 443 26.01 35.86 16.88
CA MET A 443 26.94 36.84 17.46
C MET A 443 26.40 38.27 17.58
N LYS A 444 27.00 39.07 18.46
CA LYS A 444 26.70 40.50 18.54
C LYS A 444 27.42 41.22 17.41
N GLU A 445 26.91 42.39 17.02
CA GLU A 445 27.40 43.16 15.87
C GLU A 445 28.90 43.49 15.91
N LYS A 446 29.42 43.78 17.09
CA LYS A 446 30.82 44.16 17.25
C LYS A 446 31.71 43.04 17.78
N GLN A 447 31.11 41.87 17.99
CA GLN A 447 31.85 40.67 18.38
C GLN A 447 32.52 40.04 17.16
N ASP A 448 33.85 40.02 17.15
CA ASP A 448 34.62 39.46 16.04
C ASP A 448 35.44 38.22 16.46
N LYS A 449 35.19 37.76 17.68
CA LYS A 449 35.88 36.61 18.23
C LYS A 449 34.89 35.51 18.56
N ILE A 450 35.22 34.29 18.16
CA ILE A 450 34.46 33.12 18.60
C ILE A 450 35.11 32.60 19.88
N TYR A 451 34.36 32.66 20.97
CA TYR A 451 34.90 32.30 22.28
C TYR A 451 34.73 30.83 22.58
N PHE A 452 35.82 30.22 23.04
CA PHE A 452 35.77 28.83 23.49
C PHE A 452 36.45 28.66 24.83
N MET A 453 35.85 27.82 25.67
CA MET A 453 36.47 27.37 26.91
C MET A 453 36.79 25.89 26.79
N ALA A 454 38.06 25.56 27.01
CA ALA A 454 38.49 24.16 27.01
C ALA A 454 38.28 23.57 28.41
N GLY A 455 37.83 22.31 28.43
CA GLY A 455 37.63 21.59 29.70
C GLY A 455 37.84 20.10 29.52
N SER A 456 37.69 19.36 30.62
CA SER A 456 37.77 17.91 30.59
C SER A 456 36.38 17.31 30.40
N SER A 457 35.38 18.05 30.86
CA SER A 457 33.96 17.72 30.69
C SER A 457 33.19 19.03 30.53
N ARG A 458 31.96 18.95 30.03
CA ARG A 458 31.12 20.15 29.87
C ARG A 458 30.94 20.90 31.19
N LYS A 459 30.61 20.16 32.24
CA LYS A 459 30.34 20.72 33.55
C LYS A 459 31.55 21.51 34.09
N GLU A 460 32.75 21.04 33.77
CA GLU A 460 33.99 21.72 34.16
C GLU A 460 34.10 23.08 33.46
N ALA A 461 33.92 23.06 32.14
CA ALA A 461 34.11 24.23 31.29
C ALA A 461 33.04 25.29 31.49
N GLU A 462 31.80 24.86 31.70
CA GLU A 462 30.68 25.79 31.87
C GLU A 462 30.71 26.49 33.23
N SER A 463 31.22 25.79 34.24
CA SER A 463 31.30 26.32 35.61
C SER A 463 32.54 27.19 35.81
N SER A 464 33.35 27.28 34.76
CA SER A 464 34.56 28.09 34.72
C SER A 464 34.29 29.56 35.06
N PRO A 465 35.21 30.19 35.81
CA PRO A 465 35.08 31.61 36.17
C PRO A 465 35.29 32.53 34.98
N PHE A 466 35.97 32.04 33.93
CA PHE A 466 36.26 32.84 32.75
C PHE A 466 35.00 33.18 31.95
N VAL A 467 34.08 32.21 31.86
CA VAL A 467 32.85 32.38 31.08
C VAL A 467 31.84 33.32 31.75
N GLU A 468 31.89 33.38 33.08
CA GLU A 468 30.98 34.20 33.88
C GLU A 468 30.61 35.52 33.20
N ARG A 469 31.62 36.37 32.99
CA ARG A 469 31.41 37.70 32.42
C ARG A 469 30.94 37.66 30.97
N LEU A 470 31.47 36.71 30.21
CA LEU A 470 31.07 36.52 28.81
C LEU A 470 29.58 36.19 28.71
N LEU A 471 29.16 35.14 29.43
CA LEU A 471 27.75 34.73 29.47
C LEU A 471 26.82 35.84 29.98
N LYS A 472 27.19 36.46 31.09
CA LYS A 472 26.38 37.51 31.70
C LYS A 472 26.19 38.72 30.76
N LYS A 473 27.20 39.01 29.95
CA LYS A 473 27.08 40.04 28.92
C LYS A 473 26.54 39.47 27.61
N GLY A 474 25.92 38.30 27.68
CA GLY A 474 25.18 37.71 26.55
C GLY A 474 26.01 37.26 25.36
N TYR A 475 27.26 36.89 25.62
CA TYR A 475 28.07 36.26 24.59
C TYR A 475 27.83 34.76 24.67
N GLU A 476 28.22 34.06 23.62
CA GLU A 476 28.12 32.61 23.59
C GLU A 476 29.53 32.04 23.64
N VAL A 477 29.71 30.97 24.41
CA VAL A 477 31.00 30.31 24.51
C VAL A 477 30.89 28.83 24.14
N ILE A 478 31.79 28.40 23.26
CA ILE A 478 31.87 27.01 22.83
C ILE A 478 32.64 26.19 23.86
N TYR A 479 32.13 25.00 24.16
CA TYR A 479 32.79 24.13 25.11
C TYR A 479 33.50 23.00 24.40
N LEU A 480 34.83 23.01 24.52
CA LEU A 480 35.68 21.96 23.98
C LEU A 480 36.00 20.96 25.09
N THR A 481 35.46 19.76 24.95
CA THR A 481 35.53 18.74 26.02
C THR A 481 36.36 17.52 25.63
N GLU A 482 36.54 17.31 24.33
CA GLU A 482 37.39 16.23 23.84
C GLU A 482 38.82 16.74 23.69
N PRO A 483 39.81 15.83 23.79
CA PRO A 483 41.20 16.30 23.77
C PRO A 483 41.62 16.79 22.38
N VAL A 484 40.98 16.23 21.35
CA VAL A 484 41.25 16.60 19.96
C VAL A 484 40.79 18.03 19.65
N ASP A 485 39.74 18.46 20.34
CA ASP A 485 39.08 19.76 20.07
C ASP A 485 40.02 20.95 19.96
N GLU A 486 40.88 21.10 20.96
CA GLU A 486 41.75 22.28 21.00
C GLU A 486 42.76 22.29 19.86
N TYR A 487 43.11 21.09 19.37
CA TYR A 487 44.04 20.95 18.26
C TYR A 487 43.33 21.15 16.94
N CYS A 488 42.04 20.86 16.93
CA CYS A 488 41.21 21.14 15.81
C CYS A 488 41.16 22.65 15.63
N ILE A 489 40.58 23.33 16.62
CA ILE A 489 40.50 24.80 16.67
C ILE A 489 41.87 25.47 16.47
N GLN A 490 42.92 24.81 16.94
CA GLN A 490 44.27 25.35 16.79
C GLN A 490 44.75 25.26 15.34
N ALA A 491 44.12 24.38 14.56
CA ALA A 491 44.42 24.21 13.14
C ALA A 491 43.47 25.00 12.25
N LEU A 492 42.65 25.83 12.88
CA LEU A 492 41.65 26.61 12.20
C LEU A 492 41.87 28.09 12.52
N PRO A 493 42.41 28.82 11.53
CA PRO A 493 42.81 30.22 11.70
C PRO A 493 41.59 31.10 11.96
N GLU A 494 40.80 31.27 10.92
CA GLU A 494 39.57 32.01 11.00
C GLU A 494 38.43 31.09 10.62
N PHE A 495 37.24 31.44 11.06
CA PHE A 495 36.04 30.85 10.51
C PHE A 495 35.09 31.98 10.15
N ASP A 496 34.88 32.17 8.85
CA ASP A 496 33.97 33.18 8.31
C ASP A 496 34.44 34.58 8.75
N GLY A 497 35.74 34.84 8.56
CA GLY A 497 36.34 36.11 8.96
C GLY A 497 36.44 36.35 10.46
N LYS A 498 36.07 35.35 11.25
CA LYS A 498 36.13 35.45 12.71
C LYS A 498 37.32 34.66 13.25
N ARG A 499 38.07 35.28 14.16
CA ARG A 499 39.15 34.59 14.86
C ARG A 499 38.63 33.96 16.15
N PHE A 500 39.19 32.80 16.50
CA PHE A 500 38.86 32.12 17.76
C PHE A 500 39.55 32.78 18.94
N GLN A 501 38.96 32.62 20.12
CA GLN A 501 39.53 33.17 21.34
C GLN A 501 39.30 32.25 22.53
N ASN A 502 40.41 31.83 23.12
CA ASN A 502 40.39 31.03 24.35
C ASN A 502 40.04 31.93 25.52
N VAL A 503 38.83 31.79 26.06
CA VAL A 503 38.38 32.64 27.17
C VAL A 503 39.33 32.60 28.35
N ALA A 504 39.99 31.45 28.55
CA ALA A 504 40.94 31.26 29.64
C ALA A 504 42.27 31.99 29.42
N LYS A 505 42.39 32.65 28.26
CA LYS A 505 43.58 33.40 27.90
C LYS A 505 43.31 34.91 27.77
N GLU A 506 44.38 35.68 27.63
CA GLU A 506 44.28 37.13 27.43
C GLU A 506 43.85 37.44 25.99
N SER B 22 -52.37 -12.42 19.88
CA SER B 22 -51.69 -12.73 18.55
C SER B 22 -50.41 -13.65 18.70
N GLU B 23 -50.32 -14.26 19.90
CA GLU B 23 -49.05 -14.71 20.54
C GLU B 23 -48.95 -16.23 20.73
N LYS B 24 -50.09 -16.90 20.99
CA LYS B 24 -50.10 -18.36 21.02
C LYS B 24 -50.95 -18.85 19.86
N PHE B 25 -50.47 -19.92 19.21
CA PHE B 25 -51.04 -20.43 17.97
C PHE B 25 -51.48 -21.91 18.08
N ALA B 26 -52.58 -22.26 17.40
CA ALA B 26 -52.92 -23.68 17.12
C ALA B 26 -52.01 -24.27 16.03
N PHE B 27 -51.99 -25.59 15.87
CA PHE B 27 -51.35 -26.20 14.69
C PHE B 27 -52.38 -26.27 13.60
N GLN B 28 -51.92 -26.44 12.36
CA GLN B 28 -52.83 -26.75 11.29
C GLN B 28 -53.51 -28.03 11.75
N ALA B 29 -54.84 -28.08 11.62
CA ALA B 29 -55.59 -29.29 11.99
C ALA B 29 -55.26 -30.51 11.11
N GLU B 30 -54.29 -30.31 10.20
CA GLU B 30 -53.65 -31.38 9.39
C GLU B 30 -52.23 -31.70 9.88
N VAL B 31 -51.92 -31.31 11.12
CA VAL B 31 -50.72 -31.74 11.83
C VAL B 31 -51.22 -32.29 13.18
N ASN B 32 -52.21 -31.62 13.76
CA ASN B 32 -52.99 -32.23 14.84
C ASN B 32 -53.67 -33.57 14.47
N ARG B 33 -53.68 -33.89 13.17
CA ARG B 33 -54.03 -35.22 12.67
C ARG B 33 -52.78 -36.03 12.37
N MET B 34 -51.78 -35.37 11.80
CA MET B 34 -50.49 -36.03 11.51
C MET B 34 -49.79 -36.49 12.78
N MET B 35 -49.75 -35.68 13.83
CA MET B 35 -49.10 -36.16 15.05
C MET B 35 -49.92 -37.29 15.67
N LYS B 36 -51.24 -37.12 15.68
CA LYS B 36 -52.13 -38.22 16.05
C LYS B 36 -51.81 -39.47 15.24
N LEU B 37 -51.65 -39.32 13.93
CA LEU B 37 -51.31 -40.45 13.08
C LEU B 37 -49.94 -41.05 13.43
N ILE B 38 -48.94 -40.20 13.72
CA ILE B 38 -47.59 -40.65 14.12
C ILE B 38 -47.62 -41.37 15.48
N ILE B 39 -48.34 -40.79 16.44
CA ILE B 39 -48.38 -41.33 17.80
C ILE B 39 -49.25 -42.61 17.94
N ASN B 40 -49.99 -42.94 16.89
CA ASN B 40 -50.79 -44.15 16.86
C ASN B 40 -50.13 -45.39 16.21
N SER B 41 -48.80 -45.42 16.20
CA SER B 41 -48.07 -46.61 15.78
C SER B 41 -46.70 -46.77 16.46
N LEU B 42 -45.89 -45.72 16.42
CA LEU B 42 -44.45 -45.79 16.73
C LEU B 42 -44.03 -45.78 18.22
N TYR B 43 -45.00 -45.99 19.12
CA TYR B 43 -44.68 -46.15 20.53
C TYR B 43 -43.72 -47.34 20.75
N LYS B 44 -43.53 -48.13 19.69
CA LYS B 44 -42.72 -49.36 19.73
C LYS B 44 -41.33 -49.19 19.11
N ASN B 45 -41.14 -48.08 18.40
CA ASN B 45 -39.83 -47.74 17.84
C ASN B 45 -39.46 -46.26 18.13
N LYS B 46 -39.74 -45.86 19.37
CA LYS B 46 -39.61 -44.48 19.80
C LYS B 46 -38.22 -43.83 19.57
N GLU B 47 -37.16 -44.62 19.68
CA GLU B 47 -35.78 -44.13 19.50
C GLU B 47 -35.57 -43.37 18.20
N ILE B 48 -36.33 -43.77 17.16
CA ILE B 48 -36.31 -43.10 15.84
C ILE B 48 -36.21 -41.56 15.94
N PHE B 49 -36.76 -41.03 17.02
CA PHE B 49 -36.84 -39.60 17.23
C PHE B 49 -35.47 -38.90 17.10
N LEU B 50 -34.44 -39.56 17.64
CA LEU B 50 -33.10 -38.99 17.70
C LEU B 50 -32.40 -39.09 16.35
N ARG B 51 -32.73 -40.16 15.61
CA ARG B 51 -32.32 -40.27 14.21
C ARG B 51 -32.96 -39.15 13.47
N GLU B 52 -34.24 -38.93 13.74
CA GLU B 52 -34.93 -37.87 13.01
C GLU B 52 -34.40 -36.48 13.28
N LEU B 53 -34.07 -36.22 14.55
CA LEU B 53 -33.50 -34.93 14.97
C LEU B 53 -32.10 -34.70 14.39
N ILE B 54 -31.29 -35.75 14.48
CA ILE B 54 -29.95 -35.75 13.88
C ILE B 54 -30.07 -35.43 12.37
N SER B 55 -30.99 -36.14 11.76
CA SER B 55 -31.24 -36.00 10.35
C SER B 55 -31.41 -34.53 9.89
N ASN B 56 -32.28 -33.81 10.61
CA ASN B 56 -32.65 -32.43 10.29
C ASN B 56 -31.50 -31.51 10.56
N ALA B 57 -30.80 -31.77 11.70
CA ALA B 57 -29.64 -30.93 12.07
C ALA B 57 -28.69 -30.93 10.90
N SER B 58 -28.46 -32.13 10.37
CA SER B 58 -27.62 -32.31 9.19
C SER B 58 -28.08 -31.59 7.93
N ASP B 59 -29.39 -31.52 7.73
CA ASP B 59 -29.92 -30.74 6.62
C ASP B 59 -29.84 -29.23 6.83
N ALA B 60 -29.91 -28.83 8.09
CA ALA B 60 -29.77 -27.43 8.43
C ALA B 60 -28.35 -27.08 8.12
N LEU B 61 -27.46 -27.94 8.58
CA LEU B 61 -26.05 -27.70 8.36
C LEU B 61 -25.71 -27.63 6.84
N ASP B 62 -26.27 -28.55 6.06
CA ASP B 62 -26.10 -28.56 4.60
C ASP B 62 -26.67 -27.33 3.95
N LYS B 63 -27.67 -26.69 4.60
CA LYS B 63 -28.39 -25.54 4.02
C LYS B 63 -27.57 -24.30 4.13
N ILE B 64 -26.91 -24.15 5.27
CA ILE B 64 -26.19 -22.94 5.55
C ILE B 64 -24.91 -22.96 4.74
N ARG B 65 -24.44 -24.18 4.48
CA ARG B 65 -23.23 -24.40 3.71
C ARG B 65 -23.42 -23.94 2.25
N LEU B 66 -24.51 -24.38 1.63
CA LEU B 66 -24.84 -23.98 0.30
C LEU B 66 -24.86 -22.48 0.23
N ILE B 67 -25.38 -21.84 1.28
CA ILE B 67 -25.57 -20.40 1.33
C ILE B 67 -24.18 -19.77 1.32
N SER B 68 -23.27 -20.32 2.13
CA SER B 68 -21.97 -19.69 2.30
C SER B 68 -21.12 -19.75 1.05
N LEU B 69 -21.65 -20.42 0.03
CA LEU B 69 -20.98 -20.49 -1.26
C LEU B 69 -21.14 -19.18 -2.02
N THR B 70 -22.32 -18.59 -1.99
CA THR B 70 -22.50 -17.32 -2.69
C THR B 70 -22.38 -16.16 -1.71
N ASP B 71 -22.70 -16.44 -0.44
CA ASP B 71 -22.71 -15.43 0.63
C ASP B 71 -21.43 -15.53 1.48
N GLU B 72 -20.59 -14.50 1.39
CA GLU B 72 -19.30 -14.47 2.08
C GLU B 72 -19.43 -14.39 3.61
N ASN B 73 -20.56 -13.91 4.09
CA ASN B 73 -20.72 -13.58 5.51
C ASN B 73 -21.41 -14.66 6.31
N ALA B 74 -22.10 -15.55 5.60
CA ALA B 74 -23.05 -16.50 6.17
C ALA B 74 -22.66 -17.05 7.53
N LEU B 75 -21.38 -17.41 7.66
CA LEU B 75 -20.90 -18.09 8.88
C LEU B 75 -20.30 -17.14 9.92
N ALA B 76 -20.50 -15.84 9.76
CA ALA B 76 -19.93 -14.90 10.71
C ALA B 76 -20.60 -15.01 12.09
N GLY B 77 -21.81 -15.55 12.13
CA GLY B 77 -22.53 -15.62 13.38
C GLY B 77 -22.00 -16.67 14.30
N ASN B 78 -21.44 -17.69 13.68
CA ASN B 78 -20.82 -18.84 14.33
C ASN B 78 -19.96 -19.57 13.30
N GLU B 79 -18.67 -19.61 13.54
CA GLU B 79 -17.77 -20.21 12.56
C GLU B 79 -17.87 -21.73 12.43
N GLU B 80 -18.36 -22.40 13.46
CA GLU B 80 -18.47 -23.88 13.48
C GLU B 80 -19.74 -24.46 12.79
N LEU B 81 -19.65 -25.70 12.32
CA LEU B 81 -20.79 -26.40 11.76
C LEU B 81 -20.91 -27.77 12.44
N THR B 82 -21.59 -27.82 13.57
CA THR B 82 -21.60 -29.03 14.38
C THR B 82 -22.93 -29.28 14.99
N VAL B 83 -23.23 -30.52 15.38
CA VAL B 83 -24.42 -30.82 16.13
C VAL B 83 -24.00 -31.12 17.55
N LYS B 84 -24.58 -30.44 18.54
CA LYS B 84 -24.13 -30.63 19.92
C LYS B 84 -25.29 -31.06 20.84
N ILE B 85 -25.18 -32.30 21.34
CA ILE B 85 -26.23 -32.95 22.13
C ILE B 85 -25.85 -32.95 23.59
N LYS B 86 -26.71 -32.44 24.45
CA LYS B 86 -26.44 -32.39 25.88
C LYS B 86 -27.58 -32.98 26.69
N CYS B 87 -27.25 -33.70 27.76
CA CYS B 87 -28.26 -34.28 28.65
C CYS B 87 -28.38 -33.38 29.83
N ASP B 88 -29.56 -33.39 30.46
CA ASP B 88 -29.79 -32.64 31.69
C ASP B 88 -30.74 -33.44 32.61
N LYS B 89 -30.21 -34.47 33.27
CA LYS B 89 -31.02 -35.43 34.02
C LYS B 89 -31.82 -34.80 35.15
N GLU B 90 -31.17 -33.86 35.85
CA GLU B 90 -31.78 -33.19 37.00
C GLU B 90 -32.97 -32.33 36.56
N LYS B 91 -32.86 -31.71 35.40
CA LYS B 91 -33.94 -30.90 34.85
C LYS B 91 -34.80 -31.71 33.88
N ASN B 92 -34.45 -32.98 33.70
CA ASN B 92 -35.19 -33.94 32.83
C ASN B 92 -35.18 -33.55 31.33
N LEU B 93 -34.10 -32.90 30.90
CA LEU B 93 -34.05 -32.30 29.57
C LEU B 93 -33.13 -32.99 28.56
N LEU B 94 -33.42 -32.81 27.27
CA LEU B 94 -32.56 -33.29 26.20
C LEU B 94 -32.39 -32.23 25.13
N HIS B 95 -31.16 -31.74 25.00
CA HIS B 95 -30.82 -30.75 23.97
C HIS B 95 -30.13 -31.33 22.72
N VAL B 96 -30.51 -30.80 21.54
CA VAL B 96 -29.88 -31.17 20.28
C VAL B 96 -29.67 -29.85 19.50
N THR B 97 -28.45 -29.31 19.60
CA THR B 97 -28.13 -27.99 19.04
C THR B 97 -27.26 -28.02 17.80
N ASP B 98 -27.80 -27.56 16.68
CA ASP B 98 -27.03 -27.44 15.45
C ASP B 98 -26.61 -26.01 15.24
N THR B 99 -25.45 -25.81 14.64
CA THR B 99 -25.00 -24.47 14.32
C THR B 99 -25.41 -24.15 12.89
N GLY B 100 -26.58 -24.67 12.53
CA GLY B 100 -27.08 -24.73 11.16
C GLY B 100 -27.54 -23.42 10.58
N VAL B 101 -28.52 -23.48 9.67
CA VAL B 101 -29.02 -22.28 8.98
C VAL B 101 -29.94 -21.42 9.88
N GLY B 102 -30.53 -22.06 10.89
CA GLY B 102 -31.42 -21.42 11.85
C GLY B 102 -32.79 -21.06 11.28
N MET B 103 -33.64 -20.46 12.12
CA MET B 103 -34.98 -20.09 11.69
C MET B 103 -35.46 -18.69 12.15
N THR B 104 -35.90 -17.86 11.21
CA THR B 104 -36.58 -16.60 11.52
C THR B 104 -37.89 -16.87 12.23
N ARG B 105 -38.42 -15.86 12.90
CA ARG B 105 -39.69 -15.94 13.62
C ARG B 105 -40.82 -16.36 12.68
N GLU B 106 -40.90 -15.70 11.52
CA GLU B 106 -41.88 -16.07 10.51
C GLU B 106 -41.72 -17.54 10.11
N GLU B 107 -40.49 -18.02 10.01
CA GLU B 107 -40.23 -19.42 9.62
C GLU B 107 -40.67 -20.44 10.67
N LEU B 108 -40.23 -20.23 11.90
CA LEU B 108 -40.65 -21.09 13.01
C LEU B 108 -42.18 -21.30 13.00
N VAL B 109 -42.93 -20.22 12.83
CA VAL B 109 -44.37 -20.31 12.90
C VAL B 109 -44.89 -21.14 11.73
N LYS B 110 -44.41 -20.89 10.52
CA LYS B 110 -44.94 -21.52 9.30
C LYS B 110 -44.54 -22.95 9.20
N ASN B 111 -43.25 -23.18 9.41
CA ASN B 111 -42.57 -24.49 9.18
C ASN B 111 -42.92 -25.60 10.19
N LEU B 112 -43.31 -25.20 11.40
CA LEU B 112 -43.69 -26.16 12.44
C LEU B 112 -45.18 -26.10 12.76
N GLY B 113 -45.95 -25.47 11.89
CA GLY B 113 -47.34 -25.17 12.19
C GLY B 113 -48.28 -25.62 11.11
N THR B 114 -47.78 -25.57 9.87
CA THR B 114 -48.47 -26.16 8.73
C THR B 114 -47.49 -27.19 8.26
N ILE B 115 -47.67 -27.66 7.03
CA ILE B 115 -46.60 -28.31 6.27
C ILE B 115 -46.97 -28.44 4.78
N ALA B 116 -45.95 -28.56 3.91
CA ALA B 116 -46.22 -28.62 2.46
C ALA B 116 -45.22 -29.38 1.55
N LYS B 117 -44.10 -29.87 2.12
CA LYS B 117 -42.96 -30.48 1.38
C LYS B 117 -43.26 -31.51 0.22
N SER B 118 -44.51 -31.46 -0.29
CA SER B 118 -45.04 -32.26 -1.42
C SER B 118 -45.32 -33.76 -1.15
N GLY B 119 -46.56 -34.06 -0.76
CA GLY B 119 -46.99 -35.44 -0.50
C GLY B 119 -47.85 -35.65 0.74
N THR B 120 -49.14 -35.29 0.65
CA THR B 120 -50.11 -35.45 1.76
C THR B 120 -51.48 -36.02 1.29
N SER B 121 -51.62 -36.26 -0.01
CA SER B 121 -52.55 -37.29 -0.48
C SER B 121 -51.69 -38.52 -0.75
N GLU B 122 -50.38 -38.30 -0.72
CA GLU B 122 -49.42 -39.36 -0.45
C GLU B 122 -49.42 -39.56 1.06
N PHE B 123 -48.49 -38.90 1.76
CA PHE B 123 -48.16 -39.20 3.16
C PHE B 123 -49.33 -39.48 4.13
N LEU B 124 -50.20 -38.51 4.37
CA LEU B 124 -51.28 -38.70 5.34
C LEU B 124 -52.33 -39.75 4.93
N ASN B 125 -52.38 -40.06 3.63
CA ASN B 125 -53.09 -41.24 3.14
C ASN B 125 -52.20 -42.47 3.28
N LYS B 126 -50.97 -42.37 2.77
CA LYS B 126 -49.97 -43.45 2.84
C LYS B 126 -49.42 -43.73 4.26
N MET B 127 -50.09 -43.17 5.27
CA MET B 127 -49.91 -43.55 6.67
C MET B 127 -51.19 -44.21 7.23
N THR B 128 -52.34 -43.75 6.73
CA THR B 128 -53.63 -44.36 7.06
C THR B 128 -53.96 -45.45 6.01
N GLU B 129 -52.93 -45.87 5.27
CA GLU B 129 -53.02 -47.04 4.37
C GLU B 129 -51.68 -47.80 4.42
N ALA B 130 -51.03 -47.73 5.58
CA ALA B 130 -49.76 -48.43 5.84
C ALA B 130 -49.62 -48.76 7.33
N GLN B 131 -50.44 -49.71 7.77
CA GLN B 131 -50.43 -50.26 9.13
C GLN B 131 -51.08 -51.65 9.15
N GLU B 132 -52.23 -51.77 8.49
CA GLU B 132 -52.95 -53.05 8.39
C GLU B 132 -52.50 -53.89 7.20
N ASP B 133 -52.24 -53.23 6.06
CA ASP B 133 -51.71 -53.89 4.88
C ASP B 133 -50.28 -54.37 5.16
N GLY B 134 -49.37 -53.43 5.42
CA GLY B 134 -48.00 -53.76 5.82
C GLY B 134 -46.92 -52.78 5.36
N GLN B 135 -46.27 -52.16 6.35
CA GLN B 135 -45.12 -51.25 6.16
C GLN B 135 -44.91 -50.41 7.42
N SER B 136 -43.66 -50.32 7.87
CA SER B 136 -43.31 -49.49 9.04
C SER B 136 -43.20 -48.00 8.67
N THR B 137 -44.02 -47.21 9.37
CA THR B 137 -44.13 -45.77 9.13
C THR B 137 -42.76 -45.10 9.27
N SER B 138 -41.93 -45.63 10.15
CA SER B 138 -40.57 -45.14 10.42
C SER B 138 -39.80 -44.79 9.15
N GLU B 139 -40.09 -45.52 8.07
CA GLU B 139 -39.51 -45.25 6.75
C GLU B 139 -40.16 -44.01 6.12
N LEU B 140 -41.48 -43.93 6.22
CA LEU B 140 -42.15 -42.82 5.58
C LEU B 140 -41.91 -41.49 6.30
N ILE B 141 -41.80 -41.51 7.63
CA ILE B 141 -41.42 -40.31 8.43
C ILE B 141 -40.17 -39.62 7.84
N GLY B 142 -39.13 -40.42 7.64
CA GLY B 142 -37.95 -40.03 6.88
C GLY B 142 -38.26 -39.67 5.43
N GLN B 143 -39.30 -40.32 4.86
CA GLN B 143 -39.73 -40.07 3.47
C GLN B 143 -40.25 -38.63 3.22
N PHE B 144 -40.49 -37.89 4.30
CA PHE B 144 -41.19 -36.62 4.17
C PHE B 144 -40.77 -35.57 5.18
N GLY B 145 -39.63 -35.81 5.86
CA GLY B 145 -39.08 -34.85 6.85
C GLY B 145 -40.20 -34.23 7.70
N VAL B 146 -40.89 -35.12 8.42
CA VAL B 146 -41.99 -34.81 9.32
C VAL B 146 -41.44 -35.15 10.70
N GLY B 147 -40.14 -35.52 10.64
CA GLY B 147 -39.33 -36.12 11.71
C GLY B 147 -39.19 -35.26 12.94
N PHE B 148 -39.33 -33.94 12.77
CA PHE B 148 -39.51 -33.13 13.92
C PHE B 148 -40.61 -33.73 14.81
N TYR B 149 -41.69 -34.27 14.25
CA TYR B 149 -42.82 -34.49 15.12
C TYR B 149 -42.71 -35.78 15.91
N SER B 150 -41.90 -36.71 15.40
CA SER B 150 -41.64 -37.96 16.09
C SER B 150 -41.07 -37.71 17.47
N ALA B 151 -40.56 -36.50 17.68
CA ALA B 151 -40.02 -36.06 18.97
C ALA B 151 -41.12 -36.05 20.04
N PHE B 152 -42.38 -36.10 19.62
CA PHE B 152 -43.49 -36.14 20.57
C PHE B 152 -43.71 -37.53 21.11
N LEU B 153 -43.14 -38.53 20.45
CA LEU B 153 -43.16 -39.93 20.93
C LEU B 153 -42.50 -40.07 22.30
N VAL B 154 -41.46 -39.26 22.54
CA VAL B 154 -40.65 -39.35 23.76
C VAL B 154 -40.78 -38.14 24.69
N ALA B 155 -41.43 -37.07 24.20
CA ALA B 155 -41.54 -35.82 24.97
C ALA B 155 -42.96 -35.30 25.17
N ASP B 156 -43.18 -34.72 26.36
CA ASP B 156 -44.40 -33.99 26.70
C ASP B 156 -44.38 -32.53 26.23
N LYS B 157 -43.20 -31.96 26.05
CA LYS B 157 -43.09 -30.58 25.62
C LYS B 157 -41.84 -30.40 24.75
N VAL B 158 -41.99 -29.76 23.58
CA VAL B 158 -40.87 -29.57 22.65
C VAL B 158 -40.55 -28.07 22.56
N ILE B 159 -39.32 -27.68 22.84
CA ILE B 159 -38.98 -26.26 22.75
C ILE B 159 -37.89 -26.00 21.72
N VAL B 160 -38.27 -25.29 20.66
CA VAL B 160 -37.30 -24.97 19.60
C VAL B 160 -36.77 -23.55 19.75
N THR B 161 -35.49 -23.46 20.05
CA THR B 161 -34.86 -22.16 20.11
C THR B 161 -33.99 -21.90 18.89
N SER B 162 -34.29 -20.87 18.12
CA SER B 162 -33.56 -20.67 16.89
C SER B 162 -33.09 -19.25 16.64
N LYS B 163 -32.12 -19.15 15.73
CA LYS B 163 -31.47 -17.89 15.37
C LYS B 163 -31.11 -17.92 13.90
N HIS B 164 -31.71 -17.07 13.09
CA HIS B 164 -31.46 -17.06 11.66
C HIS B 164 -30.77 -15.74 11.44
N ASN B 165 -29.98 -15.64 10.37
CA ASN B 165 -29.21 -14.43 10.08
C ASN B 165 -30.03 -13.21 9.81
N ASN B 166 -31.26 -13.39 9.34
CA ASN B 166 -32.11 -12.23 9.03
C ASN B 166 -33.07 -11.79 10.16
N ASP B 167 -32.83 -12.24 11.38
CA ASP B 167 -33.81 -12.11 12.44
C ASP B 167 -33.10 -12.21 13.76
N THR B 168 -33.78 -11.83 14.82
CA THR B 168 -33.23 -11.96 16.16
C THR B 168 -33.68 -13.30 16.68
N GLN B 169 -32.97 -13.86 17.69
CA GLN B 169 -33.35 -15.15 18.34
C GLN B 169 -34.83 -15.30 18.74
N HIS B 170 -35.30 -16.55 18.74
CA HIS B 170 -36.70 -16.85 19.06
C HIS B 170 -36.92 -18.18 19.80
N ILE B 171 -38.08 -18.30 20.41
CA ILE B 171 -38.44 -19.57 21.04
C ILE B 171 -39.83 -20.04 20.67
N TRP B 172 -39.93 -21.27 20.19
CA TRP B 172 -41.22 -21.88 19.84
C TRP B 172 -41.42 -23.03 20.80
N GLU B 173 -42.61 -23.16 21.39
CA GLU B 173 -42.84 -24.26 22.32
C GLU B 173 -44.20 -24.93 22.10
N SER B 174 -44.33 -26.20 22.47
CA SER B 174 -45.55 -26.90 22.17
C SER B 174 -45.72 -28.15 23.00
N ASP B 175 -46.92 -28.31 23.56
CA ASP B 175 -47.34 -29.58 24.13
C ASP B 175 -48.20 -30.41 23.15
N SER B 176 -48.08 -30.09 21.85
CA SER B 176 -48.85 -30.70 20.74
C SER B 176 -50.37 -30.37 20.71
N ASN B 177 -50.80 -29.53 21.65
CA ASN B 177 -52.19 -29.08 21.71
C ASN B 177 -52.34 -27.66 21.16
N GLU B 178 -51.20 -26.97 21.07
CA GLU B 178 -51.11 -25.60 20.62
C GLU B 178 -49.63 -25.26 20.54
N PHE B 179 -49.30 -24.00 20.23
CA PHE B 179 -47.89 -23.48 20.31
C PHE B 179 -47.78 -21.96 20.41
N SER B 180 -46.64 -21.49 20.89
CA SER B 180 -46.42 -20.05 21.03
C SER B 180 -44.98 -19.67 20.72
N VAL B 181 -44.82 -18.60 19.95
CA VAL B 181 -43.47 -18.17 19.62
C VAL B 181 -43.22 -16.80 20.22
N ILE B 182 -42.19 -16.72 21.06
CA ILE B 182 -41.80 -15.47 21.74
C ILE B 182 -40.37 -15.14 21.35
N ALA B 183 -40.00 -13.86 21.48
CA ALA B 183 -38.56 -13.51 21.28
C ALA B 183 -37.76 -13.99 22.48
N ASP B 184 -36.50 -14.33 22.25
CA ASP B 184 -35.64 -14.89 23.32
C ASP B 184 -35.10 -13.83 24.29
N PRO B 185 -35.63 -13.85 25.53
CA PRO B 185 -35.18 -12.93 26.58
C PRO B 185 -33.68 -12.97 26.79
N ARG B 186 -33.05 -14.12 26.62
CA ARG B 186 -31.59 -14.19 26.75
C ARG B 186 -30.86 -13.45 25.62
N GLY B 187 -31.60 -13.08 24.58
CA GLY B 187 -30.98 -12.48 23.38
C GLY B 187 -30.33 -13.51 22.47
N ASN B 188 -29.43 -13.05 21.59
CA ASN B 188 -28.75 -13.97 20.67
C ASN B 188 -27.71 -14.88 21.38
N THR B 189 -28.20 -15.93 22.01
CA THR B 189 -27.30 -16.87 22.66
C THR B 189 -26.72 -17.89 21.69
N LEU B 190 -27.37 -18.10 20.55
CA LEU B 190 -26.93 -19.11 19.59
C LEU B 190 -25.90 -18.64 18.55
N GLY B 191 -25.84 -17.34 18.28
CA GLY B 191 -25.01 -16.85 17.16
C GLY B 191 -25.72 -17.14 15.86
N ARG B 192 -25.70 -18.43 15.49
CA ARG B 192 -26.57 -18.95 14.42
C ARG B 192 -26.99 -20.35 14.72
N GLY B 193 -28.17 -20.75 14.30
CA GLY B 193 -28.57 -22.13 14.53
C GLY B 193 -29.84 -22.38 15.30
N THR B 194 -30.00 -23.58 15.85
CA THR B 194 -31.28 -24.05 16.36
C THR B 194 -31.06 -25.02 17.52
N THR B 195 -31.81 -24.90 18.60
CA THR B 195 -31.76 -25.94 19.64
C THR B 195 -33.15 -26.55 19.92
N ILE B 196 -33.20 -27.89 19.79
CA ILE B 196 -34.42 -28.63 20.05
C ILE B 196 -34.38 -29.18 21.45
N THR B 197 -35.07 -28.50 22.38
CA THR B 197 -35.08 -28.93 23.78
C THR B 197 -36.31 -29.78 24.11
N LEU B 198 -36.09 -31.05 24.48
CA LEU B 198 -37.20 -31.93 24.76
C LEU B 198 -37.42 -32.04 26.25
N VAL B 199 -38.65 -31.82 26.69
CA VAL B 199 -39.04 -32.15 28.05
C VAL B 199 -39.59 -33.57 28.02
N LEU B 200 -38.78 -34.52 28.49
CA LEU B 200 -38.99 -35.95 28.22
C LEU B 200 -40.07 -36.58 29.06
N LYS B 201 -40.82 -37.50 28.45
CA LYS B 201 -41.86 -38.25 29.15
C LYS B 201 -41.27 -39.11 30.29
N GLU B 202 -42.09 -39.42 31.29
CA GLU B 202 -41.65 -40.22 32.43
C GLU B 202 -41.33 -41.67 32.07
N GLU B 203 -41.75 -42.11 30.88
CA GLU B 203 -41.44 -43.46 30.42
C GLU B 203 -40.28 -43.47 29.42
N ALA B 204 -39.71 -42.30 29.17
CA ALA B 204 -38.56 -42.19 28.27
C ALA B 204 -37.33 -41.63 29.01
N SER B 205 -37.27 -41.91 30.31
CA SER B 205 -36.16 -41.45 31.15
C SER B 205 -34.83 -42.12 30.80
N ASP B 206 -34.87 -43.15 29.96
CA ASP B 206 -33.68 -43.88 29.48
C ASP B 206 -32.84 -43.11 28.46
N TYR B 207 -33.44 -42.07 27.86
CA TYR B 207 -32.75 -41.21 26.92
C TYR B 207 -32.02 -40.10 27.65
N LEU B 208 -32.07 -40.12 28.97
CA LEU B 208 -31.26 -39.21 29.77
C LEU B 208 -29.88 -39.79 30.08
N GLU B 209 -29.73 -41.11 29.95
CA GLU B 209 -28.47 -41.81 30.23
C GLU B 209 -27.49 -41.63 29.08
N LEU B 210 -26.28 -41.17 29.43
CA LEU B 210 -25.24 -40.85 28.43
C LEU B 210 -24.90 -42.00 27.50
N ASP B 211 -24.83 -43.21 28.08
CA ASP B 211 -24.44 -44.38 27.33
C ASP B 211 -25.51 -44.84 26.33
N THR B 212 -26.78 -44.63 26.68
CA THR B 212 -27.88 -44.91 25.77
C THR B 212 -27.74 -43.99 24.59
N ILE B 213 -27.59 -42.70 24.90
CA ILE B 213 -27.55 -41.62 23.92
C ILE B 213 -26.38 -41.75 22.96
N LYS B 214 -25.19 -41.95 23.53
CA LYS B 214 -23.97 -42.08 22.74
C LYS B 214 -24.17 -43.18 21.71
N ASN B 215 -24.71 -44.31 22.17
CA ASN B 215 -25.01 -45.50 21.36
C ASN B 215 -25.96 -45.17 20.21
N LEU B 216 -27.04 -44.45 20.53
CA LEU B 216 -28.04 -44.03 19.53
C LEU B 216 -27.44 -43.03 18.58
N VAL B 217 -26.85 -41.98 19.13
CA VAL B 217 -26.20 -40.99 18.29
C VAL B 217 -25.25 -41.67 17.33
N LYS B 218 -24.21 -42.30 17.86
CA LYS B 218 -23.25 -43.08 17.05
C LYS B 218 -23.88 -43.92 15.91
N LYS B 219 -24.98 -44.62 16.21
CA LYS B 219 -25.67 -45.41 15.22
C LYS B 219 -26.23 -44.56 14.06
N TYR B 220 -26.88 -43.43 14.38
CA TYR B 220 -27.52 -42.64 13.36
C TYR B 220 -26.54 -41.60 12.88
N SER B 221 -25.35 -41.62 13.42
CA SER B 221 -24.32 -40.66 13.02
C SER B 221 -23.66 -41.06 11.70
N GLN B 222 -23.64 -42.37 11.47
CA GLN B 222 -22.71 -42.99 10.53
C GLN B 222 -22.55 -42.25 9.22
N PHE B 223 -23.66 -41.85 8.63
CA PHE B 223 -23.62 -41.28 7.28
C PHE B 223 -23.77 -39.77 7.20
N ILE B 224 -23.65 -39.13 8.36
CA ILE B 224 -23.71 -37.67 8.50
C ILE B 224 -22.31 -37.08 8.28
N ASN B 225 -22.21 -36.01 7.51
CA ASN B 225 -20.89 -35.46 7.17
C ASN B 225 -20.55 -34.28 8.04
N PHE B 226 -21.19 -34.19 9.21
CA PHE B 226 -21.00 -33.03 10.09
C PHE B 226 -20.72 -33.56 11.47
N PRO B 227 -19.66 -33.04 12.10
CA PRO B 227 -19.23 -33.56 13.39
C PRO B 227 -20.38 -33.54 14.36
N ILE B 228 -20.67 -34.61 15.07
CA ILE B 228 -21.76 -34.62 16.02
C ILE B 228 -21.15 -34.84 17.39
N TYR B 229 -21.33 -33.90 18.32
CA TYR B 229 -20.75 -34.03 19.66
C TYR B 229 -21.80 -34.26 20.74
N VAL B 230 -21.43 -35.05 21.75
CA VAL B 230 -22.29 -35.28 22.90
C VAL B 230 -21.55 -34.86 24.16
N TRP B 231 -22.23 -34.12 25.03
CA TRP B 231 -21.62 -33.63 26.25
C TRP B 231 -21.51 -34.77 27.22
N SER B 232 -20.29 -35.28 27.36
CA SER B 232 -20.04 -36.48 28.15
C SER B 232 -18.91 -36.30 29.15
N SER B 233 -18.70 -37.31 30.02
CA SER B 233 -17.65 -37.26 31.04
C SER B 233 -16.49 -38.12 30.66
N LYS B 234 -15.35 -37.84 31.27
CA LYS B 234 -14.15 -38.67 31.12
C LYS B 234 -13.31 -38.64 32.40
N THR B 235 -12.60 -39.74 32.67
CA THR B 235 -11.79 -39.81 33.87
C THR B 235 -10.31 -39.87 33.53
N LYS B 240 -9.47 -37.58 37.56
CA LYS B 240 -10.78 -37.09 38.00
C LYS B 240 -11.80 -36.82 36.85
N THR B 241 -13.00 -36.40 37.22
CA THR B 241 -14.09 -36.23 36.28
C THR B 241 -13.97 -34.92 35.52
N VAL B 242 -13.89 -35.03 34.19
CA VAL B 242 -13.87 -33.87 33.32
C VAL B 242 -14.95 -34.08 32.29
N TRP B 243 -15.84 -33.08 32.14
CA TRP B 243 -16.88 -33.10 31.11
C TRP B 243 -16.38 -32.32 29.91
N ASP B 244 -16.63 -32.87 28.72
CA ASP B 244 -16.28 -32.22 27.45
C ASP B 244 -17.13 -32.70 26.25
N TRP B 245 -16.95 -32.07 25.09
CA TRP B 245 -17.54 -32.58 23.86
C TRP B 245 -16.75 -33.77 23.33
N GLU B 246 -17.44 -34.89 23.11
CA GLU B 246 -16.86 -36.10 22.54
C GLU B 246 -17.44 -36.39 21.15
N LEU B 247 -16.59 -36.36 20.12
CA LEU B 247 -17.03 -36.59 18.73
C LEU B 247 -17.60 -37.99 18.59
N MET B 248 -18.60 -38.15 17.76
CA MET B 248 -19.32 -39.41 17.67
C MET B 248 -19.18 -40.10 16.31
N ASN B 249 -18.75 -39.38 15.28
CA ASN B 249 -18.73 -39.98 13.95
C ASN B 249 -17.52 -39.55 13.14
N ASP B 250 -17.43 -40.12 11.94
CA ASP B 250 -16.44 -39.67 10.98
C ASP B 250 -17.05 -38.79 9.88
N ILE B 251 -16.69 -37.50 9.96
CA ILE B 251 -17.04 -36.47 8.96
C ILE B 251 -16.62 -36.84 7.52
N LYS B 252 -15.72 -37.81 7.42
CA LYS B 252 -15.16 -38.25 6.14
C LYS B 252 -16.14 -39.14 5.44
N PRO B 253 -16.67 -38.67 4.28
CA PRO B 253 -17.76 -39.37 3.59
C PRO B 253 -17.23 -40.71 3.06
N ILE B 254 -18.15 -41.63 2.82
CA ILE B 254 -17.72 -42.95 2.41
C ILE B 254 -17.33 -43.04 0.96
N TRP B 255 -17.95 -42.25 0.12
CA TRP B 255 -17.53 -42.24 -1.26
C TRP B 255 -16.15 -41.61 -1.47
N GLN B 256 -15.60 -41.01 -0.41
CA GLN B 256 -14.26 -40.42 -0.49
C GLN B 256 -13.15 -41.33 0.03
N ARG B 257 -13.55 -42.48 0.57
CA ARG B 257 -12.66 -43.49 1.06
C ARG B 257 -12.21 -44.43 -0.07
N PRO B 258 -10.99 -45.00 0.07
CA PRO B 258 -10.54 -45.98 -0.91
C PRO B 258 -11.38 -47.24 -0.79
N SER B 259 -11.78 -47.80 -1.93
CA SER B 259 -12.69 -48.96 -1.99
C SER B 259 -12.20 -50.17 -1.17
N LYS B 260 -10.92 -50.51 -1.31
CA LYS B 260 -10.29 -51.55 -0.51
C LYS B 260 -10.62 -51.47 0.99
N GLU B 261 -10.89 -50.27 1.48
CA GLU B 261 -11.12 -50.06 2.89
C GLU B 261 -12.61 -50.02 3.24
N VAL B 262 -13.47 -50.09 2.24
CA VAL B 262 -14.90 -49.96 2.53
C VAL B 262 -15.61 -51.30 2.50
N GLU B 263 -16.17 -51.64 3.66
CA GLU B 263 -16.87 -52.89 3.87
C GLU B 263 -18.18 -52.94 3.09
N ASP B 264 -18.60 -54.13 2.67
CA ASP B 264 -19.81 -54.34 1.89
C ASP B 264 -21.06 -54.17 2.72
N ASP B 265 -20.97 -54.24 4.03
CA ASP B 265 -22.09 -53.86 4.89
C ASP B 265 -22.38 -52.35 4.76
N GLU B 266 -21.30 -51.59 4.82
CA GLU B 266 -21.36 -50.15 4.76
C GLU B 266 -22.00 -49.72 3.46
N TYR B 267 -21.49 -50.20 2.33
CA TYR B 267 -22.08 -49.80 1.05
C TYR B 267 -23.56 -50.06 1.04
N LYS B 268 -24.00 -51.13 1.70
CA LYS B 268 -25.41 -51.45 1.72
C LYS B 268 -26.16 -50.51 2.64
N ALA B 269 -25.64 -50.30 3.85
CA ALA B 269 -26.23 -49.38 4.84
C ALA B 269 -26.42 -47.94 4.31
N PHE B 270 -25.34 -47.38 3.79
CA PHE B 270 -25.34 -46.08 3.14
C PHE B 270 -26.40 -45.98 2.08
N TYR B 271 -26.78 -47.08 1.45
CA TYR B 271 -27.83 -47.00 0.46
C TYR B 271 -29.13 -46.91 1.18
N LYS B 272 -29.26 -47.70 2.24
CA LYS B 272 -30.50 -47.71 3.00
C LYS B 272 -30.72 -46.34 3.63
N SER B 273 -29.63 -45.78 4.16
CA SER B 273 -29.67 -44.49 4.86
C SER B 273 -29.92 -43.26 3.95
N PHE B 274 -30.28 -43.48 2.68
CA PHE B 274 -30.78 -42.37 1.89
C PHE B 274 -31.98 -42.63 0.97
N SER B 275 -32.70 -43.70 1.24
CA SER B 275 -33.92 -43.98 0.50
C SER B 275 -34.86 -44.83 1.35
N LYS B 276 -34.42 -45.12 2.59
CA LYS B 276 -35.04 -46.12 3.47
C LYS B 276 -35.27 -47.45 2.72
N GLU B 277 -36.54 -47.85 2.59
CA GLU B 277 -36.93 -49.18 2.06
C GLU B 277 -36.16 -50.28 2.81
N SER B 278 -34.99 -49.88 3.31
CA SER B 278 -34.08 -50.70 4.07
C SER B 278 -33.94 -52.13 3.54
N ASP B 279 -33.69 -52.26 2.24
CA ASP B 279 -33.34 -53.54 1.65
C ASP B 279 -32.09 -53.34 0.81
N ASP B 280 -31.22 -54.35 0.79
CA ASP B 280 -29.97 -54.25 0.05
C ASP B 280 -30.25 -53.71 -1.36
N PRO B 281 -29.31 -52.95 -1.92
CA PRO B 281 -29.51 -52.58 -3.32
C PRO B 281 -29.17 -53.78 -4.17
N MET B 282 -29.72 -53.85 -5.38
CA MET B 282 -29.47 -55.00 -6.24
C MET B 282 -28.00 -55.09 -6.58
N ALA B 283 -27.36 -53.94 -6.87
CA ALA B 283 -25.92 -53.87 -7.10
C ALA B 283 -25.39 -52.46 -6.96
N TYR B 284 -24.23 -52.26 -6.33
CA TYR B 284 -23.59 -50.94 -6.23
C TYR B 284 -22.28 -50.90 -6.99
N ILE B 285 -21.86 -49.74 -7.43
CA ILE B 285 -20.54 -49.61 -8.00
C ILE B 285 -19.88 -48.41 -7.39
N HIS B 286 -18.61 -48.45 -7.06
CA HIS B 286 -18.00 -47.31 -6.39
C HIS B 286 -16.68 -47.04 -7.03
N PHE B 287 -16.54 -45.90 -7.66
CA PHE B 287 -15.37 -45.69 -8.47
C PHE B 287 -14.90 -44.28 -8.37
N THR B 288 -13.62 -44.06 -8.59
CA THR B 288 -13.11 -42.71 -8.68
C THR B 288 -12.69 -42.43 -10.11
N ALA B 289 -13.18 -41.32 -10.65
CA ALA B 289 -13.01 -41.02 -12.07
C ALA B 289 -11.82 -40.10 -12.33
N GLU B 290 -10.93 -40.56 -13.20
CA GLU B 290 -9.81 -39.77 -13.63
C GLU B 290 -10.09 -39.30 -15.06
N GLY B 291 -9.54 -38.14 -15.41
CA GLY B 291 -9.58 -37.76 -16.80
C GLY B 291 -9.91 -36.31 -16.96
N GLU B 292 -10.75 -36.02 -17.94
CA GLU B 292 -11.10 -34.65 -18.24
C GLU B 292 -11.70 -33.99 -17.00
N VAL B 293 -12.51 -34.77 -16.29
CA VAL B 293 -13.08 -34.33 -15.02
C VAL B 293 -12.73 -35.34 -13.93
N THR B 294 -12.55 -34.84 -12.71
CA THR B 294 -12.23 -35.71 -11.58
C THR B 294 -13.35 -35.68 -10.56
N PHE B 295 -13.93 -36.85 -10.29
CA PHE B 295 -14.95 -37.02 -9.25
C PHE B 295 -14.98 -38.42 -8.69
N LYS B 296 -15.25 -38.53 -7.40
CA LYS B 296 -15.52 -39.82 -6.77
C LYS B 296 -17.01 -40.03 -6.90
N SER B 297 -17.54 -41.20 -6.59
CA SER B 297 -18.96 -41.49 -6.80
C SER B 297 -19.34 -42.85 -6.26
N ILE B 298 -20.63 -43.13 -6.07
CA ILE B 298 -21.16 -44.48 -5.82
C ILE B 298 -22.49 -44.49 -6.49
N LEU B 299 -22.83 -45.51 -7.23
CA LEU B 299 -24.14 -45.57 -7.89
C LEU B 299 -24.81 -46.88 -7.50
N PHE B 300 -26.13 -46.91 -7.46
CA PHE B 300 -26.77 -48.12 -6.98
C PHE B 300 -27.83 -48.51 -7.95
N VAL B 301 -28.17 -49.78 -7.96
CA VAL B 301 -29.31 -50.28 -8.70
C VAL B 301 -30.30 -50.77 -7.67
N PRO B 302 -31.48 -50.12 -7.60
CA PRO B 302 -32.52 -50.45 -6.63
C PRO B 302 -33.12 -51.83 -6.89
N THR B 303 -33.57 -52.46 -5.80
CA THR B 303 -34.01 -53.86 -5.80
C THR B 303 -35.28 -54.01 -6.61
N SER B 304 -36.06 -52.95 -6.64
CA SER B 304 -37.31 -52.95 -7.38
C SER B 304 -37.43 -51.65 -8.15
N ALA B 305 -37.87 -51.76 -9.39
CA ALA B 305 -38.15 -50.59 -10.22
C ALA B 305 -39.26 -49.79 -9.53
N PRO B 306 -38.98 -48.51 -9.19
CA PRO B 306 -39.91 -47.66 -8.42
C PRO B 306 -41.20 -47.31 -9.17
N ARG B 307 -42.33 -47.86 -8.71
CA ARG B 307 -43.61 -47.67 -9.38
C ARG B 307 -44.68 -47.22 -8.39
N TYR B 320 -32.85 -38.18 -7.79
CA TYR B 320 -32.32 -39.45 -7.32
C TYR B 320 -30.85 -39.34 -7.00
N ILE B 321 -30.09 -38.59 -7.80
CA ILE B 321 -28.63 -38.48 -7.61
C ILE B 321 -28.18 -37.19 -6.89
N LYS B 322 -27.63 -37.32 -5.68
CA LYS B 322 -27.15 -36.18 -4.93
C LYS B 322 -25.80 -35.76 -5.41
N LEU B 323 -25.60 -34.54 -5.87
CA LEU B 323 -24.28 -34.11 -6.32
C LEU B 323 -23.60 -33.30 -5.26
N TYR B 324 -22.30 -33.47 -5.04
CA TYR B 324 -21.55 -32.58 -4.15
C TYR B 324 -20.40 -31.96 -4.91
N VAL B 325 -19.93 -30.83 -4.43
CA VAL B 325 -18.72 -30.25 -5.01
C VAL B 325 -17.72 -29.94 -3.90
N ARG B 326 -16.49 -30.43 -4.08
CA ARG B 326 -15.48 -30.42 -3.03
C ARG B 326 -16.07 -30.81 -1.65
N ARG B 327 -16.85 -31.89 -1.66
CA ARG B 327 -17.47 -32.49 -0.46
C ARG B 327 -18.57 -31.66 0.19
N VAL B 328 -19.04 -30.60 -0.50
CA VAL B 328 -20.15 -29.74 -0.04
C VAL B 328 -21.44 -30.04 -0.79
N PHE B 329 -22.54 -30.28 -0.06
CA PHE B 329 -23.78 -30.70 -0.72
C PHE B 329 -24.31 -29.58 -1.61
N ILE B 330 -24.81 -29.91 -2.80
CA ILE B 330 -25.30 -28.91 -3.72
C ILE B 330 -26.75 -29.15 -4.07
N THR B 331 -27.11 -30.35 -4.52
CA THR B 331 -28.47 -30.56 -5.05
C THR B 331 -28.85 -32.01 -5.16
N ASP B 332 -30.05 -32.30 -5.64
CA ASP B 332 -30.40 -33.64 -6.15
C ASP B 332 -31.51 -33.49 -7.18
N ASP B 333 -31.93 -32.24 -7.36
CA ASP B 333 -32.93 -31.89 -8.37
C ASP B 333 -32.37 -31.92 -9.78
N PHE B 334 -31.13 -32.42 -9.90
CA PHE B 334 -30.50 -32.48 -11.21
C PHE B 334 -30.99 -33.74 -11.89
N HIS B 335 -31.79 -33.55 -12.93
CA HIS B 335 -32.48 -34.66 -13.60
C HIS B 335 -31.79 -35.16 -14.89
N ASP B 336 -31.23 -34.21 -15.65
CA ASP B 336 -30.38 -34.50 -16.80
C ASP B 336 -29.02 -35.10 -16.40
N MET B 337 -28.86 -35.47 -15.12
CA MET B 337 -27.70 -36.23 -14.66
C MET B 337 -27.57 -37.49 -15.48
N MET B 338 -28.58 -38.35 -15.40
CA MET B 338 -28.60 -39.59 -16.16
C MET B 338 -29.55 -39.47 -17.35
N PRO B 339 -29.43 -40.35 -18.35
CA PRO B 339 -30.44 -40.43 -19.38
C PRO B 339 -31.73 -41.05 -18.84
N LYS B 340 -32.77 -41.04 -19.66
CA LYS B 340 -34.11 -41.47 -19.23
C LYS B 340 -34.16 -42.93 -18.81
N TYR B 341 -33.65 -43.82 -19.68
CA TYR B 341 -33.70 -45.28 -19.44
C TYR B 341 -32.92 -45.75 -18.20
N LEU B 342 -32.07 -44.87 -17.68
CA LEU B 342 -31.28 -45.14 -16.48
C LEU B 342 -31.68 -44.28 -15.28
N ASN B 343 -32.93 -43.81 -15.28
CA ASN B 343 -33.48 -42.97 -14.20
C ASN B 343 -33.48 -43.68 -12.85
N PHE B 344 -33.59 -45.01 -12.86
CA PHE B 344 -33.71 -45.76 -11.62
C PHE B 344 -32.47 -45.66 -10.74
N VAL B 345 -31.34 -45.27 -11.32
CA VAL B 345 -30.05 -45.29 -10.61
C VAL B 345 -30.05 -44.22 -9.53
N LYS B 346 -29.54 -44.58 -8.35
CA LYS B 346 -29.43 -43.65 -7.22
C LYS B 346 -27.99 -43.51 -6.81
N GLY B 347 -27.66 -42.41 -6.14
CA GLY B 347 -26.36 -42.32 -5.48
C GLY B 347 -25.68 -40.98 -5.56
N VAL B 348 -24.44 -40.89 -5.09
CA VAL B 348 -23.75 -39.62 -4.96
C VAL B 348 -22.71 -39.38 -6.04
N VAL B 349 -22.53 -38.13 -6.44
CA VAL B 349 -21.42 -37.76 -7.30
C VAL B 349 -20.63 -36.65 -6.62
N ASP B 350 -19.32 -36.75 -6.47
CA ASP B 350 -18.60 -35.75 -5.70
C ASP B 350 -17.42 -35.10 -6.44
N SER B 351 -17.73 -34.14 -7.31
CA SER B 351 -16.72 -33.48 -8.12
C SER B 351 -15.82 -32.65 -7.24
N ASP B 352 -14.57 -32.47 -7.68
CA ASP B 352 -13.69 -31.43 -7.14
C ASP B 352 -13.26 -30.45 -8.23
N ASP B 353 -13.85 -30.63 -9.42
CA ASP B 353 -13.56 -29.83 -10.61
C ASP B 353 -14.62 -28.77 -10.93
N LEU B 354 -15.87 -29.06 -10.56
CA LEU B 354 -16.99 -28.17 -10.87
C LEU B 354 -16.85 -26.86 -10.12
N PRO B 355 -17.38 -25.76 -10.69
CA PRO B 355 -17.45 -24.51 -9.95
C PRO B 355 -18.35 -24.60 -8.70
N LEU B 356 -17.72 -24.58 -7.52
CA LEU B 356 -18.40 -24.61 -6.22
C LEU B 356 -19.28 -23.39 -5.97
N ASN B 357 -18.68 -22.21 -6.08
CA ASN B 357 -19.40 -20.97 -5.78
C ASN B 357 -20.07 -20.37 -7.05
N VAL B 358 -20.99 -21.14 -7.61
CA VAL B 358 -21.88 -20.65 -8.66
C VAL B 358 -23.38 -20.73 -8.18
N SER B 359 -24.29 -20.14 -8.96
CA SER B 359 -25.71 -20.51 -8.90
C SER B 359 -25.98 -21.94 -9.48
N ARG B 360 -27.07 -22.57 -9.02
CA ARG B 360 -27.43 -23.91 -9.51
C ARG B 360 -27.91 -23.85 -10.98
N GLU B 361 -28.41 -22.67 -11.39
CA GLU B 361 -28.72 -22.43 -12.79
C GLU B 361 -27.44 -22.56 -13.64
N THR B 362 -26.42 -21.81 -13.22
CA THR B 362 -25.10 -21.80 -13.87
C THR B 362 -24.48 -23.20 -13.88
N LEU B 363 -24.50 -23.85 -12.70
CA LEU B 363 -23.95 -25.19 -12.54
C LEU B 363 -24.54 -26.24 -13.51
N GLN B 364 -25.85 -26.17 -13.76
CA GLN B 364 -26.54 -27.22 -14.56
C GLN B 364 -26.22 -27.15 -16.06
N GLN B 365 -25.97 -25.94 -16.55
CA GLN B 365 -25.63 -25.78 -17.97
C GLN B 365 -24.11 -25.89 -18.22
N HIS B 366 -23.40 -26.21 -17.14
CA HIS B 366 -21.94 -26.35 -17.18
C HIS B 366 -21.52 -27.51 -18.08
N LYS B 367 -20.53 -27.24 -18.92
CA LYS B 367 -19.99 -28.21 -19.88
C LYS B 367 -19.48 -29.50 -19.25
N LEU B 368 -18.80 -29.37 -18.11
CA LEU B 368 -18.23 -30.51 -17.39
C LEU B 368 -19.29 -31.54 -17.02
N LEU B 369 -20.54 -31.11 -16.91
CA LEU B 369 -21.63 -32.00 -16.53
C LEU B 369 -21.92 -33.04 -17.59
N LYS B 370 -21.90 -32.62 -18.84
CA LYS B 370 -22.11 -33.55 -19.95
C LYS B 370 -21.00 -34.62 -20.02
N VAL B 371 -19.80 -34.23 -19.60
CA VAL B 371 -18.66 -35.14 -19.44
C VAL B 371 -18.94 -36.11 -18.29
N ILE B 372 -19.30 -35.56 -17.13
CA ILE B 372 -19.62 -36.34 -15.92
C ILE B 372 -20.81 -37.26 -16.16
N ARG B 373 -21.71 -36.84 -17.04
CA ARG B 373 -22.82 -37.68 -17.44
C ARG B 373 -22.31 -38.92 -18.14
N LYS B 374 -21.56 -38.72 -19.22
CA LYS B 374 -20.97 -39.83 -20.00
C LYS B 374 -20.32 -40.89 -19.12
N LYS B 375 -19.39 -40.44 -18.28
CA LYS B 375 -18.66 -41.32 -17.37
C LYS B 375 -19.61 -42.14 -16.49
N LEU B 376 -20.65 -41.51 -15.96
CA LEU B 376 -21.62 -42.20 -15.11
C LEU B 376 -22.40 -43.30 -15.83
N VAL B 377 -22.81 -43.04 -17.06
CA VAL B 377 -23.56 -44.04 -17.80
C VAL B 377 -22.64 -45.23 -18.01
N ARG B 378 -21.43 -44.97 -18.48
CA ARG B 378 -20.49 -46.06 -18.72
C ARG B 378 -20.32 -46.89 -17.45
N LYS B 379 -20.08 -46.25 -16.32
CA LYS B 379 -19.83 -47.00 -15.09
C LYS B 379 -21.09 -47.65 -14.54
N THR B 380 -22.25 -47.22 -15.02
CA THR B 380 -23.52 -47.84 -14.63
C THR B 380 -23.66 -49.12 -15.41
N LEU B 381 -23.37 -49.06 -16.71
CA LEU B 381 -23.42 -50.24 -17.56
C LEU B 381 -22.32 -51.25 -17.23
N ASP B 382 -21.22 -50.76 -16.68
CA ASP B 382 -20.18 -51.60 -16.10
C ASP B 382 -20.79 -52.34 -14.95
N MET B 383 -21.37 -51.61 -14.02
CA MET B 383 -21.94 -52.20 -12.81
C MET B 383 -23.02 -53.23 -13.11
N ILE B 384 -23.78 -53.00 -14.16
CA ILE B 384 -24.87 -53.88 -14.53
C ILE B 384 -24.33 -55.15 -15.15
N LYS B 385 -23.29 -55.02 -15.96
CA LYS B 385 -22.57 -56.15 -16.54
C LYS B 385 -22.04 -57.08 -15.46
N LYS B 386 -21.37 -56.52 -14.45
CA LYS B 386 -20.84 -57.27 -13.33
C LYS B 386 -21.87 -58.05 -12.48
N ILE B 387 -23.15 -58.05 -12.84
CA ILE B 387 -24.14 -58.80 -12.07
C ILE B 387 -24.03 -60.29 -12.38
N ALA B 388 -24.08 -61.11 -11.34
CA ALA B 388 -24.05 -62.54 -11.50
C ALA B 388 -25.06 -63.04 -12.53
N ASP B 389 -24.62 -63.90 -13.45
CA ASP B 389 -25.42 -64.35 -14.59
C ASP B 389 -26.82 -64.84 -14.27
N GLU B 390 -26.97 -65.64 -13.20
CA GLU B 390 -28.29 -66.08 -12.75
C GLU B 390 -29.09 -64.92 -12.15
N LYS B 391 -28.48 -64.19 -11.24
CA LYS B 391 -29.13 -63.04 -10.65
C LYS B 391 -29.61 -62.02 -11.69
N TYR B 392 -28.91 -61.92 -12.82
CA TYR B 392 -29.26 -60.94 -13.85
C TYR B 392 -30.55 -61.31 -14.53
N ASN B 393 -30.67 -62.56 -14.94
CA ASN B 393 -31.86 -62.98 -15.64
C ASN B 393 -33.07 -63.07 -14.73
N ASP B 394 -32.83 -63.49 -13.48
CA ASP B 394 -33.92 -63.75 -12.56
C ASP B 394 -34.45 -62.52 -11.83
N THR B 395 -33.53 -61.64 -11.43
CA THR B 395 -33.92 -60.43 -10.72
C THR B 395 -33.89 -59.22 -11.65
N PHE B 396 -32.69 -58.75 -11.98
CA PHE B 396 -32.52 -57.52 -12.74
C PHE B 396 -33.44 -57.47 -13.94
N TRP B 397 -33.29 -58.42 -14.85
CA TRP B 397 -34.02 -58.32 -16.10
C TRP B 397 -35.52 -58.18 -15.89
N LYS B 398 -36.03 -58.85 -14.85
CA LYS B 398 -37.46 -58.78 -14.51
C LYS B 398 -37.88 -57.36 -14.18
N GLU B 399 -37.06 -56.66 -13.39
CA GLU B 399 -37.32 -55.26 -13.05
C GLU B 399 -37.05 -54.30 -14.20
N PHE B 400 -35.83 -54.27 -14.69
CA PHE B 400 -35.38 -53.19 -15.57
C PHE B 400 -35.19 -53.58 -17.03
N GLY B 401 -35.68 -54.75 -17.41
CA GLY B 401 -35.55 -55.21 -18.79
C GLY B 401 -35.90 -54.15 -19.81
N THR B 402 -37.05 -53.51 -19.60
CA THR B 402 -37.59 -52.50 -20.52
C THR B 402 -36.66 -51.29 -20.66
N ASN B 403 -36.09 -50.84 -19.55
CA ASN B 403 -35.09 -49.77 -19.56
C ASN B 403 -33.94 -50.03 -20.51
N ILE B 404 -33.34 -51.22 -20.38
CA ILE B 404 -32.28 -51.67 -21.27
C ILE B 404 -32.75 -51.65 -22.72
N LYS B 405 -33.93 -52.24 -22.96
CA LYS B 405 -34.54 -52.18 -24.27
C LYS B 405 -34.71 -50.74 -24.75
N LEU B 406 -35.12 -49.84 -23.86
CA LEU B 406 -35.19 -48.42 -24.19
C LEU B 406 -33.81 -47.83 -24.45
N GLY B 407 -32.81 -48.26 -23.67
CA GLY B 407 -31.43 -47.79 -23.80
C GLY B 407 -30.91 -47.95 -25.21
N VAL B 408 -31.15 -49.14 -25.76
CA VAL B 408 -30.71 -49.49 -27.10
C VAL B 408 -31.25 -48.49 -28.11
N ILE B 409 -32.39 -47.89 -27.76
CA ILE B 409 -33.06 -46.94 -28.65
C ILE B 409 -32.49 -45.52 -28.47
N GLU B 410 -32.43 -45.05 -27.23
CA GLU B 410 -31.89 -43.73 -26.92
C GLU B 410 -30.37 -43.64 -27.16
N ASP B 411 -29.63 -44.47 -26.41
CA ASP B 411 -28.19 -44.34 -26.31
C ASP B 411 -27.50 -45.02 -27.47
N HIS B 412 -27.20 -44.27 -28.52
CA HIS B 412 -26.51 -44.84 -29.68
C HIS B 412 -25.03 -45.10 -29.39
N SER B 413 -24.45 -44.26 -28.53
CA SER B 413 -23.03 -44.37 -28.16
C SER B 413 -22.70 -45.54 -27.22
N ASN B 414 -23.74 -46.19 -26.68
CA ASN B 414 -23.55 -47.39 -25.87
C ASN B 414 -24.32 -48.60 -26.43
N ARG B 415 -24.89 -48.38 -27.60
CA ARG B 415 -25.76 -49.34 -28.25
C ARG B 415 -25.20 -50.78 -28.21
N THR B 416 -23.90 -50.96 -28.41
CA THR B 416 -23.34 -52.33 -28.43
C THR B 416 -23.25 -52.92 -27.03
N ARG B 417 -22.80 -52.09 -26.08
CA ARG B 417 -22.72 -52.49 -24.68
C ARG B 417 -24.09 -52.93 -24.19
N LEU B 418 -25.14 -52.23 -24.65
CA LEU B 418 -26.51 -52.55 -24.29
C LEU B 418 -27.01 -53.83 -24.96
N ALA B 419 -26.86 -53.91 -26.29
CA ALA B 419 -27.30 -55.08 -27.02
C ALA B 419 -26.92 -56.35 -26.27
N LYS B 420 -25.69 -56.36 -25.78
CA LYS B 420 -25.15 -57.51 -25.04
C LYS B 420 -25.90 -57.77 -23.73
N LEU B 421 -26.65 -56.78 -23.27
CA LEU B 421 -27.41 -56.92 -22.04
C LEU B 421 -28.85 -57.34 -22.28
N LEU B 422 -29.24 -57.43 -23.55
CA LEU B 422 -30.61 -57.80 -23.89
C LEU B 422 -30.87 -59.26 -23.61
N ARG B 423 -32.10 -59.58 -23.23
CA ARG B 423 -32.57 -60.95 -23.06
C ARG B 423 -33.96 -61.12 -23.64
N PHE B 424 -34.22 -62.31 -24.19
CA PHE B 424 -35.52 -62.65 -24.77
C PHE B 424 -35.93 -64.08 -24.49
N GLN B 425 -37.21 -64.36 -24.65
CA GLN B 425 -37.65 -65.74 -24.69
C GLN B 425 -37.32 -66.19 -26.08
N SER B 426 -37.17 -67.50 -26.27
CA SER B 426 -36.96 -68.04 -27.59
C SER B 426 -37.35 -69.50 -27.62
N SER B 427 -37.36 -70.05 -28.84
CA SER B 427 -37.76 -71.44 -29.10
C SER B 427 -36.87 -72.46 -28.41
N HIS B 428 -35.72 -72.01 -27.93
CA HIS B 428 -34.77 -72.90 -27.28
C HIS B 428 -35.29 -73.49 -25.96
N HIS B 429 -36.26 -72.82 -25.33
CA HIS B 429 -36.73 -73.22 -24.01
C HIS B 429 -38.10 -72.58 -23.69
N PRO B 430 -39.05 -73.39 -23.16
CA PRO B 430 -40.39 -72.99 -22.72
C PRO B 430 -40.50 -71.67 -21.93
N SER B 431 -39.60 -71.43 -20.98
CA SER B 431 -39.72 -70.28 -20.10
C SER B 431 -38.45 -69.45 -19.96
N ASP B 432 -37.29 -70.11 -19.93
CA ASP B 432 -35.99 -69.44 -19.69
C ASP B 432 -35.70 -68.40 -20.75
N ILE B 433 -35.12 -67.29 -20.31
CA ILE B 433 -34.73 -66.24 -21.24
C ILE B 433 -33.29 -66.48 -21.72
N THR B 434 -32.99 -66.01 -22.92
CA THR B 434 -31.67 -66.19 -23.50
C THR B 434 -31.12 -64.88 -23.99
N SER B 435 -29.81 -64.75 -23.95
CA SER B 435 -29.15 -63.56 -24.43
C SER B 435 -28.97 -63.69 -25.91
N LEU B 436 -28.43 -62.66 -26.52
CA LEU B 436 -28.21 -62.68 -27.95
C LEU B 436 -26.93 -63.41 -28.31
N ASP B 437 -25.91 -63.27 -27.47
CA ASP B 437 -24.71 -64.09 -27.60
C ASP B 437 -25.00 -65.59 -27.54
N GLN B 438 -25.76 -66.02 -26.52
CA GLN B 438 -26.20 -67.40 -26.39
C GLN B 438 -26.98 -67.90 -27.60
N TYR B 439 -27.70 -67.00 -28.27
CA TYR B 439 -28.42 -67.36 -29.48
C TYR B 439 -27.42 -67.62 -30.58
N VAL B 440 -26.44 -66.72 -30.71
CA VAL B 440 -25.46 -66.82 -31.79
C VAL B 440 -24.65 -68.11 -31.67
N GLU B 441 -24.12 -68.37 -30.47
CA GLU B 441 -23.42 -69.60 -30.16
C GLU B 441 -24.15 -70.84 -30.67
N ARG B 442 -25.47 -70.81 -30.66
CA ARG B 442 -26.29 -71.95 -31.05
C ARG B 442 -26.61 -72.07 -32.56
N MET B 443 -26.34 -71.02 -33.33
CA MET B 443 -26.76 -70.95 -34.75
C MET B 443 -26.13 -72.04 -35.61
N LYS B 444 -26.74 -72.32 -36.76
CA LYS B 444 -26.17 -73.23 -37.76
C LYS B 444 -25.09 -72.48 -38.54
N GLU B 445 -24.15 -73.23 -39.11
CA GLU B 445 -22.98 -72.67 -39.79
C GLU B 445 -23.28 -71.66 -40.90
N LYS B 446 -24.35 -71.91 -41.66
CA LYS B 446 -24.69 -71.04 -42.77
C LYS B 446 -25.86 -70.08 -42.48
N GLN B 447 -26.36 -70.12 -41.24
CA GLN B 447 -27.39 -69.20 -40.76
C GLN B 447 -26.74 -67.86 -40.41
N ASP B 448 -27.11 -66.82 -41.14
CA ASP B 448 -26.59 -65.47 -40.90
C ASP B 448 -27.67 -64.49 -40.45
N LYS B 449 -28.87 -65.01 -40.18
CA LYS B 449 -30.01 -64.22 -39.75
C LYS B 449 -30.47 -64.66 -38.37
N ILE B 450 -30.70 -63.69 -37.49
CA ILE B 450 -31.33 -63.98 -36.22
C ILE B 450 -32.83 -63.83 -36.41
N TYR B 451 -33.55 -64.93 -36.22
CA TYR B 451 -34.98 -64.93 -36.50
C TYR B 451 -35.81 -64.55 -35.29
N PHE B 452 -36.75 -63.64 -35.50
CA PHE B 452 -37.71 -63.26 -34.46
C PHE B 452 -39.14 -63.28 -34.99
N MET B 453 -40.06 -63.76 -34.14
CA MET B 453 -41.50 -63.62 -34.36
C MET B 453 -42.11 -62.67 -33.33
N ALA B 454 -42.74 -61.60 -33.81
CA ALA B 454 -43.40 -60.65 -32.92
C ALA B 454 -44.77 -61.19 -32.56
N GLY B 455 -45.18 -60.99 -31.31
CA GLY B 455 -46.49 -61.41 -30.84
C GLY B 455 -47.02 -60.51 -29.75
N SER B 456 -48.23 -60.78 -29.30
CA SER B 456 -48.84 -60.05 -28.17
C SER B 456 -48.51 -60.77 -26.86
N SER B 457 -48.33 -62.09 -26.99
CA SER B 457 -47.94 -62.98 -25.90
C SER B 457 -47.07 -64.08 -26.50
N ARG B 458 -46.32 -64.77 -25.64
CA ARG B 458 -45.48 -65.89 -26.09
C ARG B 458 -46.28 -66.96 -26.85
N LYS B 459 -47.39 -67.38 -26.25
CA LYS B 459 -48.24 -68.42 -26.82
C LYS B 459 -48.75 -68.10 -28.23
N GLU B 460 -48.98 -66.80 -28.49
CA GLU B 460 -49.38 -66.30 -29.81
C GLU B 460 -48.26 -66.49 -30.84
N ALA B 461 -47.06 -66.03 -30.46
CA ALA B 461 -45.88 -66.01 -31.33
C ALA B 461 -45.33 -67.40 -31.62
N GLU B 462 -45.36 -68.27 -30.60
CA GLU B 462 -44.83 -69.62 -30.76
C GLU B 462 -45.75 -70.50 -31.59
N SER B 463 -47.05 -70.25 -31.52
CA SER B 463 -48.04 -71.05 -32.24
C SER B 463 -48.21 -70.58 -33.69
N SER B 464 -47.47 -69.51 -34.01
CA SER B 464 -47.45 -68.90 -35.35
C SER B 464 -47.09 -69.92 -36.44
N PRO B 465 -47.77 -69.82 -37.60
CA PRO B 465 -47.47 -70.70 -38.74
C PRO B 465 -46.10 -70.41 -39.37
N PHE B 466 -45.58 -69.20 -39.15
CA PHE B 466 -44.31 -68.77 -39.74
C PHE B 466 -43.13 -69.55 -39.15
N VAL B 467 -43.19 -69.79 -37.84
CA VAL B 467 -42.10 -70.47 -37.11
C VAL B 467 -42.04 -71.96 -37.42
N GLU B 468 -43.18 -72.54 -37.76
CA GLU B 468 -43.30 -73.98 -38.06
C GLU B 468 -42.07 -74.54 -38.78
N ARG B 469 -41.82 -74.04 -39.98
CA ARG B 469 -40.73 -74.54 -40.83
C ARG B 469 -39.35 -74.24 -40.26
N LEU B 470 -39.20 -73.06 -39.65
CA LEU B 470 -37.96 -72.67 -39.00
C LEU B 470 -37.58 -73.62 -37.86
N LEU B 471 -38.51 -73.81 -36.92
CA LEU B 471 -38.33 -74.76 -35.81
C LEU B 471 -38.07 -76.19 -36.29
N LYS B 472 -38.91 -76.68 -37.20
CA LYS B 472 -38.78 -78.04 -37.71
C LYS B 472 -37.43 -78.29 -38.38
N LYS B 473 -36.88 -77.26 -39.02
CA LYS B 473 -35.54 -77.35 -39.60
C LYS B 473 -34.47 -76.96 -38.59
N GLY B 474 -34.83 -76.98 -37.32
CA GLY B 474 -33.88 -76.76 -36.21
C GLY B 474 -33.26 -75.38 -36.09
N TYR B 475 -33.97 -74.36 -36.55
CA TYR B 475 -33.56 -72.99 -36.29
C TYR B 475 -34.14 -72.54 -34.95
N GLU B 476 -33.60 -71.46 -34.40
CA GLU B 476 -34.16 -70.91 -33.19
C GLU B 476 -34.80 -69.57 -33.54
N VAL B 477 -35.95 -69.30 -32.93
CA VAL B 477 -36.66 -68.05 -33.15
C VAL B 477 -36.90 -67.33 -31.83
N ILE B 478 -36.55 -66.04 -31.82
CA ILE B 478 -36.75 -65.19 -30.67
C ILE B 478 -38.20 -64.70 -30.65
N TYR B 479 -38.81 -64.71 -29.47
CA TYR B 479 -40.17 -64.23 -29.30
C TYR B 479 -40.23 -62.85 -28.67
N LEU B 480 -40.67 -61.88 -29.47
CA LEU B 480 -40.87 -60.51 -29.00
C LEU B 480 -42.32 -60.34 -28.58
N THR B 481 -42.54 -60.17 -27.27
CA THR B 481 -43.90 -60.16 -26.72
C THR B 481 -44.28 -58.80 -26.14
N GLU B 482 -43.28 -57.99 -25.81
CA GLU B 482 -43.50 -56.62 -25.33
C GLU B 482 -43.58 -55.66 -26.51
N PRO B 483 -44.30 -54.53 -26.36
CA PRO B 483 -44.48 -53.66 -27.52
C PRO B 483 -43.18 -52.93 -27.89
N VAL B 484 -42.33 -52.70 -26.88
CA VAL B 484 -41.05 -52.01 -27.06
C VAL B 484 -40.06 -52.84 -27.89
N ASP B 485 -40.19 -54.17 -27.78
CA ASP B 485 -39.25 -55.13 -28.39
C ASP B 485 -38.94 -54.89 -29.85
N GLU B 486 -39.98 -54.76 -30.67
CA GLU B 486 -39.78 -54.64 -32.09
C GLU B 486 -39.05 -53.35 -32.44
N TYR B 487 -39.22 -52.34 -31.61
CA TYR B 487 -38.56 -51.04 -31.80
C TYR B 487 -37.12 -51.08 -31.31
N CYS B 488 -36.89 -51.96 -30.33
CA CYS B 488 -35.55 -52.25 -29.86
C CYS B 488 -34.78 -52.85 -31.00
N ILE B 489 -35.22 -54.04 -31.43
CA ILE B 489 -34.66 -54.76 -32.58
C ILE B 489 -34.58 -53.90 -33.85
N GLN B 490 -35.56 -52.99 -34.01
CA GLN B 490 -35.59 -52.12 -35.17
C GLN B 490 -34.48 -51.05 -35.11
N ALA B 491 -33.98 -50.80 -33.90
CA ALA B 491 -32.89 -49.83 -33.67
C ALA B 491 -31.53 -50.52 -33.61
N LEU B 492 -31.54 -51.82 -33.89
CA LEU B 492 -30.35 -52.65 -33.83
C LEU B 492 -30.10 -53.27 -35.19
N PRO B 493 -29.10 -52.74 -35.91
CA PRO B 493 -28.81 -53.10 -37.30
C PRO B 493 -28.34 -54.56 -37.38
N GLU B 494 -27.15 -54.79 -36.86
CA GLU B 494 -26.59 -56.12 -36.78
C GLU B 494 -26.29 -56.42 -35.32
N PHE B 495 -26.19 -57.69 -35.00
CA PHE B 495 -25.61 -58.09 -33.73
C PHE B 495 -24.58 -59.17 -34.02
N ASP B 496 -23.31 -58.83 -33.81
CA ASP B 496 -22.19 -59.74 -34.03
C ASP B 496 -22.13 -60.21 -35.50
N GLY B 497 -22.22 -59.26 -36.42
CA GLY B 497 -22.22 -59.54 -37.85
C GLY B 497 -23.47 -60.24 -38.39
N LYS B 498 -24.47 -60.43 -37.53
CA LYS B 498 -25.73 -61.06 -37.93
C LYS B 498 -26.84 -60.03 -38.07
N ARG B 499 -27.61 -60.15 -39.15
CA ARG B 499 -28.79 -59.32 -39.37
C ARG B 499 -30.03 -60.01 -38.80
N PHE B 500 -30.93 -59.22 -38.21
CA PHE B 500 -32.22 -59.74 -37.76
C PHE B 500 -33.16 -60.05 -38.92
N GLN B 501 -34.09 -60.96 -38.68
CA GLN B 501 -35.10 -61.29 -39.68
C GLN B 501 -36.46 -61.60 -39.06
N ASN B 502 -37.45 -60.79 -39.41
CA ASN B 502 -38.82 -60.99 -38.99
C ASN B 502 -39.38 -62.19 -39.74
N VAL B 503 -39.56 -63.32 -39.06
CA VAL B 503 -40.07 -64.54 -39.70
C VAL B 503 -41.41 -64.32 -40.44
N ALA B 504 -42.22 -63.40 -39.93
CA ALA B 504 -43.52 -63.06 -40.51
C ALA B 504 -43.39 -62.26 -41.80
N LYS B 505 -42.16 -61.95 -42.18
CA LYS B 505 -41.87 -61.15 -43.38
C LYS B 505 -41.09 -61.97 -44.41
N GLU B 506 -40.94 -61.40 -45.60
CA GLU B 506 -40.15 -62.03 -46.66
C GLU B 506 -38.66 -61.86 -46.40
N LYS C 44 36.44 -8.56 14.93
CA LYS C 44 36.15 -7.28 14.21
C LYS C 44 34.83 -6.62 14.65
N ASN C 45 33.99 -7.40 15.33
CA ASN C 45 32.77 -6.86 15.91
C ASN C 45 32.59 -7.29 17.36
N LYS C 46 33.68 -7.18 18.12
CA LYS C 46 33.79 -7.70 19.49
C LYS C 46 32.73 -7.16 20.46
N GLU C 47 32.34 -5.90 20.29
CA GLU C 47 31.34 -5.25 21.16
C GLU C 47 30.03 -6.04 21.31
N ILE C 48 29.68 -6.82 20.28
CA ILE C 48 28.51 -7.70 20.29
C ILE C 48 28.34 -8.46 21.63
N PHE C 49 29.46 -8.73 22.31
CA PHE C 49 29.47 -9.48 23.56
C PHE C 49 28.52 -8.89 24.60
N LEU C 50 28.46 -7.55 24.66
CA LEU C 50 27.66 -6.87 25.68
C LEU C 50 26.19 -6.90 25.31
N ARG C 51 25.89 -6.87 24.02
CA ARG C 51 24.53 -7.09 23.56
C ARG C 51 24.12 -8.49 23.95
N GLU C 52 25.03 -9.43 23.73
CA GLU C 52 24.73 -10.82 24.00
C GLU C 52 24.51 -11.09 25.48
N LEU C 53 25.33 -10.47 26.33
CA LEU C 53 25.15 -10.57 27.78
C LEU C 53 23.87 -9.90 28.26
N ILE C 54 23.61 -8.69 27.76
CA ILE C 54 22.37 -7.99 28.08
C ILE C 54 21.15 -8.82 27.64
N SER C 55 21.25 -9.38 26.44
CA SER C 55 20.23 -10.25 25.86
C SER C 55 19.81 -11.39 26.77
N ASN C 56 20.78 -12.14 27.30
CA ASN C 56 20.52 -13.27 28.19
C ASN C 56 19.98 -12.85 29.56
N ALA C 57 20.50 -11.75 30.08
CA ALA C 57 20.05 -11.18 31.35
C ALA C 57 18.56 -10.95 31.29
N SER C 58 18.11 -10.34 30.19
CA SER C 58 16.68 -10.14 29.90
C SER C 58 15.85 -11.43 29.84
N ASP C 59 16.42 -12.49 29.28
CA ASP C 59 15.75 -13.80 29.20
C ASP C 59 15.70 -14.50 30.54
N ALA C 60 16.74 -14.31 31.36
CA ALA C 60 16.74 -14.82 32.72
C ALA C 60 15.66 -14.09 33.52
N LEU C 61 15.55 -12.78 33.31
CA LEU C 61 14.53 -11.97 33.96
C LEU C 61 13.11 -12.34 33.50
N ASP C 62 12.96 -12.60 32.20
CA ASP C 62 11.69 -13.10 31.65
C ASP C 62 11.29 -14.48 32.16
N LYS C 63 12.27 -15.29 32.55
CA LYS C 63 12.04 -16.65 32.98
C LYS C 63 11.52 -16.71 34.41
N ILE C 64 12.10 -15.87 35.27
CA ILE C 64 11.72 -15.82 36.68
C ILE C 64 10.32 -15.21 36.83
N ARG C 65 10.01 -14.28 35.93
CA ARG C 65 8.71 -13.62 35.87
C ARG C 65 7.58 -14.60 35.55
N LEU C 66 7.77 -15.40 34.52
CA LEU C 66 6.87 -16.51 34.18
C LEU C 66 6.64 -17.44 35.37
N ILE C 67 7.71 -17.73 36.09
CA ILE C 67 7.64 -18.58 37.27
C ILE C 67 6.75 -17.93 38.33
N SER C 68 6.97 -16.64 38.59
CA SER C 68 6.24 -15.92 39.64
C SER C 68 4.74 -15.79 39.37
N LEU C 69 4.29 -16.23 38.20
CA LEU C 69 2.87 -16.26 37.86
C LEU C 69 2.14 -17.40 38.60
N THR C 70 2.77 -18.57 38.64
CA THR C 70 2.19 -19.71 39.34
C THR C 70 2.79 -19.87 40.74
N ASP C 71 4.03 -19.41 40.90
CA ASP C 71 4.75 -19.53 42.17
C ASP C 71 4.70 -18.21 42.92
N GLU C 72 4.05 -18.23 44.09
CA GLU C 72 3.87 -17.03 44.90
C GLU C 72 5.17 -16.55 45.56
N ASN C 73 6.13 -17.44 45.71
CA ASN C 73 7.34 -17.16 46.47
C ASN C 73 8.54 -16.75 45.63
N ALA C 74 8.48 -17.04 44.33
CA ALA C 74 9.61 -16.87 43.40
C ALA C 74 10.55 -15.70 43.68
N LEU C 75 9.99 -14.52 43.93
CA LEU C 75 10.79 -13.30 44.09
C LEU C 75 11.18 -12.96 45.55
N ALA C 76 10.99 -13.89 46.46
CA ALA C 76 11.29 -13.65 47.87
C ALA C 76 12.79 -13.49 48.11
N GLY C 77 13.60 -14.12 47.26
CA GLY C 77 15.06 -14.06 47.37
C GLY C 77 15.59 -12.67 47.09
N ASN C 78 14.90 -11.96 46.19
CA ASN C 78 15.24 -10.62 45.77
C ASN C 78 14.02 -10.02 45.08
N GLU C 79 13.49 -8.93 45.63
CA GLU C 79 12.27 -8.35 45.07
C GLU C 79 12.41 -7.62 43.74
N GLU C 80 13.63 -7.18 43.41
CA GLU C 80 13.88 -6.41 42.17
C GLU C 80 14.11 -7.28 40.93
N LEU C 81 13.87 -6.71 39.76
CA LEU C 81 14.13 -7.40 38.50
C LEU C 81 14.94 -6.50 37.59
N THR C 82 16.25 -6.48 37.79
CA THR C 82 17.11 -5.52 37.10
C THR C 82 18.41 -6.12 36.60
N VAL C 83 19.03 -5.45 35.63
CA VAL C 83 20.38 -5.80 35.21
C VAL C 83 21.33 -4.69 35.69
N LYS C 84 22.35 -5.08 36.44
CA LYS C 84 23.29 -4.13 37.05
C LYS C 84 24.75 -4.33 36.63
N ILE C 85 25.22 -3.42 35.79
CA ILE C 85 26.54 -3.48 35.19
C ILE C 85 27.53 -2.55 35.92
N LYS C 86 28.66 -3.11 36.35
CA LYS C 86 29.66 -2.38 37.12
C LYS C 86 31.05 -2.55 36.52
N CYS C 87 31.78 -1.45 36.46
CA CYS C 87 33.18 -1.46 36.02
C CYS C 87 34.12 -1.54 37.22
N ASP C 88 35.29 -2.15 36.99
CA ASP C 88 36.34 -2.22 38.00
C ASP C 88 37.71 -2.11 37.32
N LYS C 89 38.06 -0.89 36.91
CA LYS C 89 39.27 -0.62 36.13
C LYS C 89 40.56 -1.08 36.81
N GLU C 90 40.65 -0.81 38.12
CA GLU C 90 41.83 -1.16 38.92
C GLU C 90 42.04 -2.68 38.98
N LYS C 91 40.93 -3.42 39.07
CA LYS C 91 40.99 -4.88 39.07
C LYS C 91 40.81 -5.46 37.66
N ASN C 92 40.61 -4.57 36.67
CA ASN C 92 40.45 -4.93 35.24
C ASN C 92 39.20 -5.80 34.96
N LEU C 93 38.13 -5.56 35.72
CA LEU C 93 36.93 -6.42 35.69
C LEU C 93 35.69 -5.77 35.08
N LEU C 94 34.79 -6.62 34.57
CA LEU C 94 33.48 -6.18 34.11
C LEU C 94 32.36 -7.10 34.62
N HIS C 95 31.45 -6.52 35.39
CA HIS C 95 30.34 -7.27 35.96
C HIS C 95 29.02 -6.96 35.26
N VAL C 96 28.23 -8.01 35.04
CA VAL C 96 26.89 -7.89 34.45
C VAL C 96 25.96 -8.77 35.30
N THR C 97 25.31 -8.16 36.28
CA THR C 97 24.48 -8.83 37.28
C THR C 97 22.98 -8.72 37.01
N ASP C 98 22.33 -9.85 36.73
CA ASP C 98 20.88 -9.89 36.64
C ASP C 98 20.28 -10.42 37.93
N THR C 99 19.12 -9.90 38.31
CA THR C 99 18.40 -10.46 39.43
C THR C 99 17.42 -11.52 38.91
N GLY C 100 17.89 -12.26 37.91
CA GLY C 100 17.06 -13.19 37.14
C GLY C 100 16.72 -14.51 37.82
N VAL C 101 16.49 -15.54 36.99
CA VAL C 101 16.08 -16.85 37.46
C VAL C 101 17.20 -17.58 38.20
N GLY C 102 18.45 -17.25 37.84
CA GLY C 102 19.62 -17.86 38.45
C GLY C 102 19.87 -19.27 37.93
N MET C 103 20.93 -19.90 38.44
CA MET C 103 21.32 -21.25 38.03
C MET C 103 21.79 -22.12 39.18
N THR C 104 21.22 -23.32 39.25
CA THR C 104 21.64 -24.37 40.18
C THR C 104 23.01 -24.87 39.76
N ARG C 105 23.70 -25.52 40.70
CA ARG C 105 25.00 -26.13 40.43
C ARG C 105 24.93 -27.09 39.22
N GLU C 106 23.95 -27.99 39.24
CA GLU C 106 23.73 -28.94 38.14
C GLU C 106 23.50 -28.22 36.80
N GLU C 107 22.80 -27.09 36.84
CA GLU C 107 22.52 -26.29 35.64
C GLU C 107 23.76 -25.61 35.06
N LEU C 108 24.52 -24.93 35.92
CA LEU C 108 25.78 -24.27 35.53
C LEU C 108 26.71 -25.20 34.76
N VAL C 109 26.83 -26.44 35.26
CA VAL C 109 27.68 -27.44 34.65
C VAL C 109 27.17 -27.88 33.28
N LYS C 110 25.88 -28.18 33.20
CA LYS C 110 25.25 -28.66 31.95
C LYS C 110 25.06 -27.58 30.88
N ASN C 111 24.50 -26.44 31.29
CA ASN C 111 24.16 -25.37 30.36
C ASN C 111 25.36 -24.62 29.75
N LEU C 112 26.50 -24.65 30.44
CA LEU C 112 27.71 -23.95 29.98
C LEU C 112 28.88 -24.89 29.64
N GLY C 113 28.70 -26.19 29.87
CA GLY C 113 29.80 -27.18 29.74
C GLY C 113 30.59 -27.17 28.39
N THR C 114 29.78 -27.86 27.16
CA THR C 114 30.37 -27.93 25.81
C THR C 114 30.38 -26.48 25.22
N VAL C 146 25.26 -19.83 21.55
CA VAL C 146 26.53 -19.31 21.03
C VAL C 146 26.98 -18.01 21.74
N GLY C 147 26.19 -16.94 21.57
CA GLY C 147 26.48 -15.59 22.07
C GLY C 147 26.64 -15.36 23.57
N PHE C 148 26.54 -16.42 24.38
CA PHE C 148 26.99 -16.34 25.76
C PHE C 148 28.50 -16.32 25.70
N TYR C 149 29.01 -17.29 24.96
CA TYR C 149 30.43 -17.59 24.88
C TYR C 149 31.23 -16.52 24.15
N SER C 150 30.52 -15.60 23.50
CA SER C 150 31.12 -14.43 22.87
C SER C 150 31.90 -13.61 23.89
N ALA C 151 31.54 -13.77 25.16
CA ALA C 151 32.25 -13.11 26.26
C ALA C 151 33.72 -13.47 26.29
N PHE C 152 34.10 -14.57 25.64
CA PHE C 152 35.51 -15.00 25.57
C PHE C 152 36.31 -14.22 24.54
N LEU C 153 35.60 -13.50 23.66
CA LEU C 153 36.22 -12.58 22.69
C LEU C 153 37.01 -11.46 23.40
N VAL C 154 36.50 -11.02 24.54
CA VAL C 154 37.05 -9.90 25.29
C VAL C 154 37.68 -10.29 26.65
N ALA C 155 37.49 -11.53 27.08
CA ALA C 155 37.94 -11.95 28.41
C ALA C 155 38.80 -13.21 28.40
N ASP C 156 39.80 -13.22 29.28
CA ASP C 156 40.67 -14.38 29.53
C ASP C 156 40.03 -15.36 30.53
N LYS C 157 39.17 -14.85 31.39
CA LYS C 157 38.50 -15.66 32.41
C LYS C 157 37.08 -15.17 32.63
N VAL C 158 36.12 -16.10 32.64
CA VAL C 158 34.70 -15.78 32.85
C VAL C 158 34.21 -16.42 34.16
N ILE C 159 33.71 -15.60 35.07
CA ILE C 159 33.24 -16.09 36.37
C ILE C 159 31.74 -15.84 36.56
N VAL C 160 30.97 -16.93 36.59
CA VAL C 160 29.54 -16.84 36.75
C VAL C 160 29.14 -17.15 38.18
N THR C 161 28.73 -16.12 38.90
CA THR C 161 28.19 -16.27 40.26
C THR C 161 26.65 -16.25 40.23
N SER C 162 26.03 -17.34 40.66
CA SER C 162 24.56 -17.45 40.59
C SER C 162 23.87 -17.96 41.85
N LYS C 163 22.59 -17.61 41.96
CA LYS C 163 21.74 -17.98 43.08
C LYS C 163 20.34 -18.26 42.55
N HIS C 164 19.95 -19.52 42.62
CA HIS C 164 18.61 -19.97 42.22
C HIS C 164 17.81 -20.25 43.49
N ASN C 165 16.49 -20.11 43.39
CA ASN C 165 15.62 -20.29 44.55
C ASN C 165 15.66 -21.68 45.20
N ASN C 166 16.01 -22.69 44.41
CA ASN C 166 16.01 -24.09 44.89
C ASN C 166 17.39 -24.59 45.32
N ASP C 167 18.34 -23.66 45.47
CA ASP C 167 19.73 -24.00 45.73
C ASP C 167 20.43 -22.86 46.48
N THR C 168 21.61 -23.16 47.02
CA THR C 168 22.48 -22.17 47.64
C THR C 168 23.38 -21.56 46.56
N GLN C 169 23.95 -20.38 46.84
CA GLN C 169 24.79 -19.66 45.87
C GLN C 169 25.97 -20.51 45.37
N HIS C 170 26.40 -20.24 44.13
CA HIS C 170 27.49 -20.99 43.49
C HIS C 170 28.38 -20.13 42.59
N ILE C 171 29.56 -20.65 42.26
CA ILE C 171 30.49 -19.96 41.36
C ILE C 171 31.02 -20.92 40.31
N TRP C 172 30.88 -20.51 39.06
CA TRP C 172 31.42 -21.25 37.92
C TRP C 172 32.49 -20.37 37.32
N GLU C 173 33.62 -20.96 36.97
CA GLU C 173 34.71 -20.18 36.38
C GLU C 173 35.40 -20.95 35.25
N SER C 174 35.93 -20.22 34.28
CA SER C 174 36.47 -20.86 33.08
C SER C 174 37.45 -19.97 32.32
N ASP C 175 38.58 -20.56 31.95
CA ASP C 175 39.51 -19.95 31.00
C ASP C 175 39.33 -20.55 29.60
N SER C 176 38.15 -21.16 29.37
CA SER C 176 37.77 -21.86 28.13
C SER C 176 38.53 -23.16 27.82
N ASN C 177 39.43 -23.55 28.72
CA ASN C 177 40.17 -24.81 28.62
C ASN C 177 39.58 -25.90 29.52
N GLU C 178 38.79 -25.46 30.49
CA GLU C 178 38.12 -26.30 31.48
C GLU C 178 37.17 -25.43 32.29
N PHE C 179 36.53 -26.01 33.31
CA PHE C 179 35.74 -25.23 34.28
C PHE C 179 35.55 -25.93 35.63
N SER C 180 35.25 -25.14 36.66
CA SER C 180 35.02 -25.66 38.02
C SER C 180 33.87 -24.93 38.71
N VAL C 181 32.99 -25.70 39.34
CA VAL C 181 31.89 -25.12 40.09
C VAL C 181 32.03 -25.39 41.58
N ILE C 182 32.17 -24.31 42.34
CA ILE C 182 32.28 -24.39 43.80
C ILE C 182 31.12 -23.63 44.45
N ALA C 183 30.78 -23.97 45.69
CA ALA C 183 29.79 -23.20 46.44
C ALA C 183 30.43 -21.88 46.85
N ASP C 184 29.61 -20.84 46.96
CA ASP C 184 30.12 -19.50 47.22
C ASP C 184 30.43 -19.28 48.69
N PRO C 185 31.73 -19.13 49.02
CA PRO C 185 32.22 -18.88 50.39
C PRO C 185 31.56 -17.68 51.07
N ARG C 186 31.19 -16.68 50.29
CA ARG C 186 30.52 -15.50 50.83
C ARG C 186 29.06 -15.81 51.24
N GLY C 187 28.55 -16.96 50.81
CA GLY C 187 27.16 -17.34 51.06
C GLY C 187 26.23 -16.69 50.05
N ASN C 188 24.94 -16.61 50.41
CA ASN C 188 23.94 -15.97 49.56
C ASN C 188 24.08 -14.44 49.51
N THR C 189 24.99 -13.96 48.67
CA THR C 189 25.19 -12.51 48.52
C THR C 189 24.23 -11.90 47.51
N LEU C 190 23.67 -12.75 46.63
CA LEU C 190 22.84 -12.26 45.53
C LEU C 190 21.35 -12.21 45.83
N GLY C 191 20.92 -12.98 46.83
CA GLY C 191 19.51 -13.12 47.14
C GLY C 191 18.86 -14.01 46.09
N ARG C 192 18.86 -13.52 44.85
CA ARG C 192 18.52 -14.30 43.68
C ARG C 192 19.22 -13.66 42.49
N GLY C 193 19.54 -14.46 41.49
CA GLY C 193 20.08 -13.91 40.25
C GLY C 193 21.45 -14.44 39.89
N THR C 194 22.16 -13.68 39.06
CA THR C 194 23.41 -14.13 38.43
C THR C 194 24.34 -12.94 38.21
N THR C 195 25.65 -13.15 38.42
CA THR C 195 26.66 -12.15 38.06
C THR C 195 27.71 -12.74 37.11
N ILE C 196 27.85 -12.13 35.94
CA ILE C 196 28.87 -12.54 34.97
C ILE C 196 30.09 -11.64 35.10
N THR C 197 31.12 -12.13 35.79
CA THR C 197 32.33 -11.35 36.01
C THR C 197 33.36 -11.70 34.95
N LEU C 198 33.77 -10.72 34.16
CA LEU C 198 34.77 -10.92 33.11
C LEU C 198 36.14 -10.39 33.52
N VAL C 199 37.14 -11.26 33.49
CA VAL C 199 38.54 -10.84 33.64
C VAL C 199 39.01 -10.49 32.24
N LEU C 200 39.03 -9.19 31.93
CA LEU C 200 39.19 -8.69 30.57
C LEU C 200 40.59 -8.83 30.01
N LYS C 201 40.67 -9.13 28.71
CA LYS C 201 41.93 -9.21 27.98
C LYS C 201 42.65 -7.86 27.99
N GLU C 202 43.98 -7.91 27.81
CA GLU C 202 44.82 -6.70 27.80
C GLU C 202 44.57 -5.80 26.58
N GLU C 203 43.90 -6.35 25.57
CA GLU C 203 43.54 -5.61 24.35
C GLU C 203 42.10 -5.12 24.36
N ALA C 204 41.37 -5.42 25.43
CA ALA C 204 39.98 -4.99 25.59
C ALA C 204 39.83 -4.09 26.82
N SER C 205 40.90 -3.36 27.15
CA SER C 205 40.93 -2.45 28.30
C SER C 205 40.00 -1.25 28.12
N ASP C 206 39.46 -1.10 26.91
CA ASP C 206 38.55 0.00 26.55
C ASP C 206 37.14 -0.18 27.09
N TYR C 207 36.80 -1.43 27.44
CA TYR C 207 35.50 -1.75 28.04
C TYR C 207 35.53 -1.53 29.56
N LEU C 208 36.63 -1.00 30.05
CA LEU C 208 36.70 -0.58 31.45
C LEU C 208 36.29 0.87 31.61
N GLU C 209 36.29 1.62 30.50
CA GLU C 209 35.95 3.04 30.52
C GLU C 209 34.44 3.22 30.58
N LEU C 210 34.00 4.04 31.54
CA LEU C 210 32.57 4.28 31.79
C LEU C 210 31.80 4.78 30.57
N ASP C 211 32.40 5.70 29.83
CA ASP C 211 31.73 6.31 28.70
C ASP C 211 31.58 5.36 27.51
N THR C 212 32.55 4.48 27.31
CA THR C 212 32.44 3.42 26.30
C THR C 212 31.27 2.50 26.65
N ILE C 213 31.24 2.07 27.91
CA ILE C 213 30.25 1.12 28.42
C ILE C 213 28.82 1.68 28.36
N LYS C 214 28.64 2.88 28.92
CA LYS C 214 27.34 3.56 28.89
C LYS C 214 26.79 3.59 27.47
N ASN C 215 27.63 4.03 26.53
CA ASN C 215 27.30 4.09 25.11
C ASN C 215 26.86 2.75 24.54
N LEU C 216 27.59 1.68 24.87
CA LEU C 216 27.28 0.35 24.39
C LEU C 216 25.99 -0.15 25.03
N VAL C 217 25.95 -0.07 26.35
CA VAL C 217 24.77 -0.50 27.10
C VAL C 217 23.57 0.20 26.50
N LYS C 218 23.56 1.53 26.53
CA LYS C 218 22.45 2.33 25.99
C LYS C 218 22.01 1.91 24.59
N LYS C 219 22.98 1.53 23.75
CA LYS C 219 22.67 1.08 22.39
C LYS C 219 21.91 -0.25 22.38
N TYR C 220 22.38 -1.21 23.17
CA TYR C 220 21.77 -2.54 23.21
C TYR C 220 20.63 -2.63 24.23
N SER C 221 20.40 -1.52 24.93
CA SER C 221 19.36 -1.41 25.95
C SER C 221 18.01 -1.21 25.29
N GLN C 222 18.03 -0.48 24.18
CA GLN C 222 16.84 0.13 23.61
C GLN C 222 15.56 -0.68 23.74
N PHE C 223 15.60 -1.96 23.41
CA PHE C 223 14.38 -2.74 23.34
C PHE C 223 14.18 -3.71 24.49
N ILE C 224 15.00 -3.54 25.53
CA ILE C 224 14.88 -4.33 26.74
C ILE C 224 13.82 -3.68 27.66
N ASN C 225 12.95 -4.51 28.21
CA ASN C 225 11.88 -4.04 29.07
C ASN C 225 12.23 -4.13 30.55
N PHE C 226 13.51 -4.22 30.87
CA PHE C 226 13.94 -4.25 32.27
C PHE C 226 14.98 -3.18 32.50
N PRO C 227 14.83 -2.41 33.60
CA PRO C 227 15.73 -1.30 33.84
C PRO C 227 17.18 -1.79 33.89
N ILE C 228 18.06 -1.14 33.13
CA ILE C 228 19.48 -1.49 33.12
C ILE C 228 20.29 -0.35 33.74
N TYR C 229 21.02 -0.66 34.81
CA TYR C 229 21.81 0.36 35.53
C TYR C 229 23.32 0.15 35.39
N VAL C 230 24.05 1.25 35.27
CA VAL C 230 25.50 1.21 35.25
C VAL C 230 26.03 2.04 36.40
N TRP C 231 26.96 1.46 37.15
CA TRP C 231 27.60 2.14 38.27
C TRP C 231 28.52 3.26 37.77
N SER C 232 28.03 4.48 37.84
CA SER C 232 28.71 5.63 37.26
C SER C 232 28.89 6.78 38.26
N SER C 233 29.68 7.78 37.87
CA SER C 233 29.92 8.95 38.71
C SER C 233 29.12 10.16 38.24
N LYS C 234 28.91 11.10 39.16
CA LYS C 234 28.26 12.38 38.87
C LYS C 234 28.85 13.49 39.77
N THR C 235 28.88 14.70 39.25
CA THR C 235 29.43 15.83 40.00
C THR C 235 28.33 16.83 40.36
N LYS C 240 30.75 17.78 44.29
CA LYS C 240 31.79 16.76 44.36
C LYS C 240 31.37 15.44 43.70
N THR C 241 32.27 14.45 43.74
CA THR C 241 32.06 13.16 43.09
C THR C 241 31.16 12.23 43.90
N VAL C 242 30.06 11.83 43.29
CA VAL C 242 29.16 10.85 43.88
C VAL C 242 28.93 9.72 42.88
N TRP C 243 29.14 8.48 43.33
CA TRP C 243 28.89 7.29 42.53
C TRP C 243 27.51 6.71 42.86
N ASP C 244 26.77 6.33 41.81
CA ASP C 244 25.43 5.76 41.95
C ASP C 244 25.00 4.97 40.71
N TRP C 245 23.83 4.31 40.80
CA TRP C 245 23.22 3.64 39.65
C TRP C 245 22.54 4.64 38.73
N GLU C 246 22.91 4.63 37.46
CA GLU C 246 22.33 5.49 36.46
C GLU C 246 21.55 4.63 35.45
N LEU C 247 20.24 4.79 35.39
CA LEU C 247 19.39 4.09 34.43
C LEU C 247 19.83 4.40 32.98
N MET C 248 19.74 3.39 32.12
CA MET C 248 20.25 3.50 30.75
C MET C 248 19.16 3.48 29.67
N ASN C 249 17.99 2.97 30.01
CA ASN C 249 16.95 2.73 29.01
C ASN C 249 15.55 3.09 29.49
N ASP C 250 14.60 2.99 28.57
CA ASP C 250 13.19 3.15 28.91
C ASP C 250 12.48 1.79 28.94
N ILE C 251 12.16 1.36 30.17
CA ILE C 251 11.42 0.13 30.45
C ILE C 251 10.09 0.09 29.70
N LYS C 252 9.61 1.25 29.25
CA LYS C 252 8.34 1.38 28.54
C LYS C 252 8.45 0.82 27.11
N PRO C 253 7.66 -0.23 26.81
CA PRO C 253 7.74 -0.93 25.54
C PRO C 253 7.30 -0.02 24.43
N ILE C 254 7.76 -0.27 23.22
CA ILE C 254 7.43 0.61 22.11
C ILE C 254 6.04 0.38 21.57
N TRP C 255 5.54 -0.84 21.68
CA TRP C 255 4.18 -1.16 21.25
C TRP C 255 3.13 -0.55 22.18
N GLN C 256 3.58 -0.03 23.32
CA GLN C 256 2.68 0.58 24.29
C GLN C 256 2.65 2.09 24.14
N ARG C 257 3.55 2.60 23.31
CA ARG C 257 3.61 4.03 23.03
C ARG C 257 2.60 4.42 21.95
N PRO C 258 2.12 5.68 21.98
CA PRO C 258 1.22 6.15 20.92
C PRO C 258 1.97 6.24 19.60
N SER C 259 1.33 5.83 18.51
CA SER C 259 1.95 5.74 17.18
C SER C 259 2.57 7.05 16.70
N LYS C 260 1.83 8.15 16.88
CA LYS C 260 2.30 9.49 16.52
C LYS C 260 3.68 9.82 17.09
N GLU C 261 4.04 9.17 18.20
CA GLU C 261 5.31 9.43 18.89
C GLU C 261 6.43 8.45 18.51
N VAL C 262 6.09 7.41 17.74
CA VAL C 262 7.08 6.40 17.39
C VAL C 262 7.64 6.62 15.99
N GLU C 263 8.94 6.88 15.95
CA GLU C 263 9.69 7.13 14.74
C GLU C 263 9.79 5.88 13.88
N ASP C 264 9.89 6.08 12.57
CA ASP C 264 9.97 4.97 11.61
C ASP C 264 11.26 4.16 11.70
N ASP C 265 12.32 4.80 12.19
CA ASP C 265 13.59 4.11 12.45
C ASP C 265 13.38 3.06 13.54
N GLU C 266 12.71 3.47 14.60
CA GLU C 266 12.50 2.61 15.76
C GLU C 266 11.74 1.38 15.39
N TYR C 267 10.62 1.55 14.68
CA TYR C 267 9.82 0.41 14.22
C TYR C 267 10.68 -0.60 13.50
N LYS C 268 11.59 -0.09 12.67
CA LYS C 268 12.48 -0.96 11.89
C LYS C 268 13.52 -1.63 12.80
N ALA C 269 14.16 -0.85 13.66
CA ALA C 269 15.15 -1.36 14.60
C ALA C 269 14.56 -2.47 15.46
N PHE C 270 13.45 -2.17 16.11
CA PHE C 270 12.73 -3.13 16.94
C PHE C 270 12.51 -4.44 16.18
N TYR C 271 12.24 -4.36 14.88
CA TYR C 271 12.04 -5.58 14.11
C TYR C 271 13.34 -6.33 14.03
N LYS C 272 14.42 -5.61 13.74
CA LYS C 272 15.74 -6.21 13.63
C LYS C 272 16.10 -6.84 14.96
N SER C 273 15.81 -6.14 16.05
CA SER C 273 16.23 -6.56 17.39
C SER C 273 15.45 -7.77 17.91
N PHE C 274 14.66 -8.43 17.09
CA PHE C 274 14.15 -9.73 17.51
C PHE C 274 14.09 -10.81 16.43
N SER C 275 14.91 -10.67 15.40
CA SER C 275 15.01 -11.72 14.37
C SER C 275 16.37 -11.63 13.66
N LYS C 276 17.20 -10.69 14.11
CA LYS C 276 18.39 -10.26 13.38
C LYS C 276 18.09 -10.04 11.89
N GLU C 277 18.79 -10.78 11.02
CA GLU C 277 18.78 -10.58 9.55
C GLU C 277 19.14 -9.14 9.24
N SER C 278 18.79 -8.27 10.21
CA SER C 278 19.05 -6.84 10.22
C SER C 278 18.71 -6.16 8.90
N ASP C 279 17.55 -6.48 8.34
CA ASP C 279 17.09 -5.74 7.17
C ASP C 279 15.71 -5.24 7.46
N ASP C 280 15.40 -4.04 6.96
CA ASP C 280 14.09 -3.46 7.17
C ASP C 280 13.01 -4.53 6.93
N PRO C 281 11.90 -4.45 7.67
CA PRO C 281 10.80 -5.35 7.32
C PRO C 281 10.06 -4.79 6.10
N MET C 282 9.42 -5.67 5.33
CA MET C 282 8.78 -5.21 4.11
C MET C 282 7.73 -4.17 4.43
N ALA C 283 6.97 -4.42 5.52
CA ALA C 283 5.96 -3.50 6.06
C ALA C 283 5.59 -3.84 7.48
N TYR C 284 5.32 -2.81 8.27
CA TYR C 284 4.86 -2.98 9.64
C TYR C 284 3.50 -2.29 9.85
N ILE C 285 2.69 -2.81 10.77
CA ILE C 285 1.48 -2.13 11.19
C ILE C 285 1.49 -2.05 12.71
N HIS C 286 1.05 -0.93 13.25
CA HIS C 286 1.05 -0.77 14.69
C HIS C 286 -0.27 -0.19 15.12
N PHE C 287 -1.05 -1.00 15.84
CA PHE C 287 -2.41 -0.60 16.15
C PHE C 287 -2.77 -1.01 17.55
N THR C 288 -3.70 -0.26 18.13
CA THR C 288 -4.28 -0.60 19.41
C THR C 288 -5.74 -1.01 19.21
N ALA C 289 -6.08 -2.21 19.70
CA ALA C 289 -7.37 -2.81 19.43
C ALA C 289 -8.39 -2.53 20.51
N GLU C 290 -9.52 -1.95 20.10
CA GLU C 290 -10.68 -1.71 20.97
C GLU C 290 -11.79 -2.70 20.66
N GLY C 291 -12.63 -2.98 21.66
CA GLY C 291 -13.74 -3.89 21.45
C GLY C 291 -13.82 -4.99 22.47
N GLU C 292 -14.17 -6.19 22.01
CA GLU C 292 -14.41 -7.32 22.92
C GLU C 292 -13.19 -7.62 23.76
N VAL C 293 -12.03 -7.53 23.11
CA VAL C 293 -10.76 -7.67 23.77
C VAL C 293 -9.91 -6.42 23.49
N THR C 294 -9.11 -6.03 24.47
CA THR C 294 -8.23 -4.88 24.32
C THR C 294 -6.77 -5.33 24.33
N PHE C 295 -6.06 -5.03 23.24
CA PHE C 295 -4.63 -5.29 23.18
C PHE C 295 -3.93 -4.32 22.24
N LYS C 296 -2.69 -3.97 22.58
CA LYS C 296 -1.85 -3.23 21.68
C LYS C 296 -1.07 -4.29 20.92
N SER C 297 -0.37 -3.90 19.85
CA SER C 297 0.32 -4.86 19.01
C SER C 297 1.18 -4.17 17.97
N ILE C 298 2.14 -4.91 17.38
CA ILE C 298 2.83 -4.51 16.16
C ILE C 298 3.01 -5.78 15.38
N LEU C 299 2.72 -5.74 14.09
CA LEU C 299 2.96 -6.92 13.28
C LEU C 299 3.83 -6.54 12.11
N PHE C 300 4.60 -7.49 11.59
CA PHE C 300 5.56 -7.17 10.53
C PHE C 300 5.44 -8.15 9.39
N VAL C 301 5.79 -7.69 8.19
CA VAL C 301 5.92 -8.59 7.06
C VAL C 301 7.42 -8.65 6.72
N PRO C 302 8.02 -9.86 6.85
CA PRO C 302 9.43 -10.03 6.62
C PRO C 302 9.77 -9.82 5.15
N THR C 303 11.03 -9.44 4.88
CA THR C 303 11.48 -9.02 3.55
C THR C 303 11.51 -10.22 2.61
N SER C 304 11.82 -11.38 3.19
CA SER C 304 11.88 -12.59 2.42
C SER C 304 11.12 -13.68 3.13
N ALA C 305 10.35 -14.43 2.36
CA ALA C 305 9.66 -15.62 2.85
C ALA C 305 10.67 -16.62 3.40
N PRO C 306 10.59 -16.94 4.70
CA PRO C 306 11.58 -17.80 5.38
C PRO C 306 11.61 -19.25 4.86
N ARG C 307 12.72 -19.62 4.21
CA ARG C 307 12.87 -20.95 3.60
C ARG C 307 14.19 -21.58 3.99
N TYR C 320 6.75 -17.43 16.16
CA TYR C 320 7.01 -16.14 15.51
C TYR C 320 6.46 -14.91 16.27
N ILE C 321 5.26 -15.06 16.87
CA ILE C 321 4.57 -13.98 17.56
C ILE C 321 4.71 -14.06 19.08
N LYS C 322 5.38 -13.05 19.66
CA LYS C 322 5.58 -12.98 21.12
C LYS C 322 4.35 -12.37 21.77
N LEU C 323 3.68 -13.11 22.63
CA LEU C 323 2.50 -12.59 23.34
C LEU C 323 2.86 -12.10 24.74
N TYR C 324 2.33 -10.95 25.12
CA TYR C 324 2.52 -10.44 26.49
C TYR C 324 1.16 -10.26 27.11
N VAL C 325 1.11 -10.31 28.44
CA VAL C 325 -0.11 -10.02 29.17
C VAL C 325 0.20 -8.99 30.24
N ARG C 326 -0.53 -7.88 30.22
CA ARG C 326 -0.24 -6.72 31.06
C ARG C 326 1.26 -6.41 31.09
N ARG C 327 1.87 -6.43 29.90
CA ARG C 327 3.28 -6.11 29.70
C ARG C 327 4.26 -7.14 30.22
N VAL C 328 3.78 -8.33 30.56
CA VAL C 328 4.63 -9.40 31.09
C VAL C 328 4.79 -10.50 30.05
N PHE C 329 6.02 -10.81 29.66
CA PHE C 329 6.24 -11.80 28.60
C PHE C 329 5.63 -13.12 28.99
N ILE C 330 4.99 -13.80 28.04
CA ILE C 330 4.40 -15.11 28.31
C ILE C 330 4.96 -16.25 27.45
N THR C 331 4.99 -16.05 26.14
CA THR C 331 5.34 -17.15 25.22
C THR C 331 5.65 -16.65 23.81
N ASP C 332 6.01 -17.58 22.94
CA ASP C 332 6.02 -17.34 21.51
C ASP C 332 5.76 -18.67 20.81
N ASP C 333 5.61 -19.71 21.61
CA ASP C 333 5.32 -21.06 21.14
C ASP C 333 3.85 -21.22 20.75
N PHE C 334 3.12 -20.11 20.75
CA PHE C 334 1.73 -20.14 20.35
C PHE C 334 1.67 -20.06 18.83
N HIS C 335 1.23 -21.17 18.23
CA HIS C 335 1.24 -21.32 16.77
C HIS C 335 -0.12 -21.07 16.13
N ASP C 336 -1.18 -21.45 16.83
CA ASP C 336 -2.54 -21.14 16.43
C ASP C 336 -2.88 -19.64 16.60
N MET C 337 -1.87 -18.82 16.88
CA MET C 337 -2.04 -17.37 16.86
C MET C 337 -2.62 -16.91 15.51
N MET C 338 -1.89 -17.15 14.43
CA MET C 338 -2.32 -16.79 13.10
C MET C 338 -2.71 -18.03 12.36
N PRO C 339 -3.43 -17.89 11.26
CA PRO C 339 -3.73 -19.03 10.39
C PRO C 339 -2.48 -19.47 9.64
N LYS C 340 -2.57 -20.59 8.91
CA LYS C 340 -1.40 -21.15 8.23
C LYS C 340 -0.82 -20.23 7.16
N TYR C 341 -1.68 -19.74 6.25
CA TYR C 341 -1.24 -18.89 5.14
C TYR C 341 -0.61 -17.55 5.60
N LEU C 342 -0.76 -17.23 6.87
CA LEU C 342 -0.18 -16.03 7.43
C LEU C 342 0.88 -16.33 8.50
N ASN C 343 1.51 -17.49 8.40
CA ASN C 343 2.60 -17.87 9.31
C ASN C 343 3.86 -16.98 9.28
N PHE C 344 4.11 -16.34 8.13
CA PHE C 344 5.28 -15.50 7.97
C PHE C 344 5.29 -14.25 8.87
N VAL C 345 4.12 -13.88 9.39
CA VAL C 345 4.00 -12.65 10.17
C VAL C 345 4.69 -12.76 11.51
N LYS C 346 5.39 -11.71 11.90
CA LYS C 346 6.13 -11.67 13.15
C LYS C 346 5.66 -10.48 13.95
N GLY C 347 5.82 -10.52 15.26
CA GLY C 347 5.61 -9.34 16.08
C GLY C 347 5.01 -9.62 17.45
N VAL C 348 4.63 -8.55 18.13
CA VAL C 348 4.15 -8.65 19.52
C VAL C 348 2.66 -8.41 19.64
N VAL C 349 2.04 -9.05 20.62
CA VAL C 349 0.64 -8.81 20.99
C VAL C 349 0.62 -8.61 22.50
N ASP C 350 0.04 -7.51 22.96
CA ASP C 350 0.13 -7.23 24.38
C ASP C 350 -1.24 -7.00 24.98
N SER C 351 -1.91 -8.09 25.33
CA SER C 351 -3.22 -8.03 25.95
C SER C 351 -3.13 -7.47 27.37
N ASP C 352 -4.23 -6.84 27.80
CA ASP C 352 -4.43 -6.52 29.22
C ASP C 352 -5.76 -7.14 29.71
N ASP C 353 -6.33 -7.98 28.85
CA ASP C 353 -7.58 -8.67 29.13
C ASP C 353 -7.43 -10.16 29.47
N LEU C 354 -6.42 -10.80 28.89
CA LEU C 354 -6.17 -12.22 29.12
C LEU C 354 -5.84 -12.53 30.59
N PRO C 355 -6.16 -13.74 31.06
CA PRO C 355 -5.72 -14.18 32.40
C PRO C 355 -4.19 -14.30 32.52
N LEU C 356 -3.61 -13.40 33.32
CA LEU C 356 -2.16 -13.33 33.54
C LEU C 356 -1.66 -14.55 34.31
N ASN C 357 -2.27 -14.79 35.47
CA ASN C 357 -1.85 -15.86 36.38
C ASN C 357 -2.56 -17.18 36.07
N VAL C 358 -2.31 -17.69 34.87
CA VAL C 358 -2.77 -19.02 34.47
C VAL C 358 -1.58 -19.84 33.95
N SER C 359 -1.82 -21.13 33.73
CA SER C 359 -0.91 -21.98 32.98
C SER C 359 -0.99 -21.65 31.49
N ARG C 360 0.08 -21.93 30.74
CA ARG C 360 0.10 -21.73 29.29
C ARG C 360 -0.85 -22.70 28.55
N GLU C 361 -1.13 -23.86 29.16
CA GLU C 361 -2.15 -24.80 28.67
C GLU C 361 -3.53 -24.14 28.72
N THR C 362 -3.86 -23.60 29.90
CA THR C 362 -5.11 -22.87 30.13
C THR C 362 -5.23 -21.67 29.18
N LEU C 363 -4.17 -20.87 29.10
CA LEU C 363 -4.15 -19.67 28.28
C LEU C 363 -4.40 -19.94 26.78
N GLN C 364 -3.88 -21.05 26.25
CA GLN C 364 -3.99 -21.31 24.80
C GLN C 364 -5.39 -21.70 24.35
N GLN C 365 -6.14 -22.35 25.22
CA GLN C 365 -7.51 -22.76 24.90
C GLN C 365 -8.54 -21.70 25.34
N HIS C 366 -8.03 -20.53 25.75
CA HIS C 366 -8.86 -19.40 26.18
C HIS C 366 -9.67 -18.80 25.02
N LYS C 367 -10.95 -18.54 25.27
CA LYS C 367 -11.87 -18.05 24.26
C LYS C 367 -11.44 -16.72 23.65
N LEU C 368 -10.88 -15.84 24.48
CA LEU C 368 -10.43 -14.52 24.02
C LEU C 368 -9.36 -14.57 22.93
N LEU C 369 -8.62 -15.68 22.88
CA LEU C 369 -7.58 -15.88 21.89
C LEU C 369 -8.15 -15.94 20.48
N LYS C 370 -9.25 -16.68 20.30
CA LYS C 370 -9.88 -16.78 18.99
C LYS C 370 -10.39 -15.42 18.52
N VAL C 371 -10.78 -14.58 19.48
CA VAL C 371 -11.13 -13.19 19.20
C VAL C 371 -9.90 -12.40 18.81
N ILE C 372 -8.83 -12.52 19.60
CA ILE C 372 -7.56 -11.84 19.31
C ILE C 372 -6.96 -12.27 17.97
N ARG C 373 -7.15 -13.54 17.62
CA ARG C 373 -6.74 -14.04 16.32
C ARG C 373 -7.42 -13.29 15.20
N LYS C 374 -8.76 -13.27 15.20
CA LYS C 374 -9.54 -12.60 14.16
C LYS C 374 -9.05 -11.19 13.93
N LYS C 375 -8.87 -10.43 15.00
CA LYS C 375 -8.46 -9.05 14.89
C LYS C 375 -7.11 -8.95 14.20
N LEU C 376 -6.19 -9.86 14.55
CA LEU C 376 -4.83 -9.83 13.99
C LEU C 376 -4.84 -10.09 12.51
N VAL C 377 -5.58 -11.09 12.07
CA VAL C 377 -5.65 -11.37 10.65
C VAL C 377 -6.18 -10.16 9.89
N ARG C 378 -7.22 -9.54 10.40
CA ARG C 378 -7.77 -8.35 9.75
C ARG C 378 -6.73 -7.24 9.65
N LYS C 379 -6.02 -6.96 10.73
CA LYS C 379 -5.03 -5.87 10.70
C LYS C 379 -3.78 -6.22 9.90
N THR C 380 -3.54 -7.50 9.68
CA THR C 380 -2.47 -7.95 8.84
C THR C 380 -2.89 -7.66 7.42
N LEU C 381 -4.05 -8.11 7.00
CA LEU C 381 -4.50 -7.85 5.64
C LEU C 381 -4.72 -6.35 5.37
N ASP C 382 -4.83 -5.57 6.44
CA ASP C 382 -4.91 -4.11 6.33
C ASP C 382 -3.54 -3.64 5.97
N MET C 383 -2.56 -4.09 6.74
CA MET C 383 -1.17 -3.71 6.52
C MET C 383 -0.64 -4.07 5.13
N ILE C 384 -1.03 -5.25 4.65
CA ILE C 384 -0.69 -5.72 3.33
C ILE C 384 -1.34 -4.88 2.24
N LYS C 385 -2.59 -4.49 2.42
CA LYS C 385 -3.28 -3.62 1.49
C LYS C 385 -2.52 -2.30 1.35
N LYS C 386 -2.13 -1.73 2.49
CA LYS C 386 -1.43 -0.46 2.54
C LYS C 386 -0.06 -0.42 1.85
N ILE C 387 0.37 -1.54 1.26
CA ILE C 387 1.67 -1.58 0.57
C ILE C 387 1.58 -0.84 -0.76
N ALA C 388 2.55 0.02 -1.04
CA ALA C 388 2.61 0.78 -2.29
C ALA C 388 2.42 -0.13 -3.51
N ASP C 389 1.61 0.32 -4.46
CA ASP C 389 1.17 -0.53 -5.58
C ASP C 389 2.30 -1.21 -6.36
N GLU C 390 3.36 -0.45 -6.66
CA GLU C 390 4.54 -1.00 -7.33
C GLU C 390 5.26 -2.01 -6.42
N LYS C 391 5.58 -1.58 -5.21
CA LYS C 391 6.25 -2.45 -4.24
C LYS C 391 5.49 -3.75 -3.97
N TYR C 392 4.18 -3.72 -4.08
CA TYR C 392 3.38 -4.91 -3.85
C TYR C 392 3.67 -5.94 -4.93
N ASN C 393 3.54 -5.52 -6.19
CA ASN C 393 3.66 -6.45 -7.28
C ASN C 393 5.08 -6.95 -7.43
N ASP C 394 6.04 -6.09 -7.17
CA ASP C 394 7.45 -6.38 -7.42
C ASP C 394 8.14 -7.15 -6.28
N THR C 395 7.88 -6.75 -5.04
CA THR C 395 8.48 -7.42 -3.90
C THR C 395 7.51 -8.41 -3.25
N PHE C 396 6.48 -7.91 -2.54
CA PHE C 396 5.57 -8.76 -1.78
C PHE C 396 5.08 -9.95 -2.57
N TRP C 397 4.41 -9.70 -3.69
CA TRP C 397 3.76 -10.78 -4.40
C TRP C 397 4.73 -11.88 -4.77
N LYS C 398 5.96 -11.50 -5.10
CA LYS C 398 7.01 -12.45 -5.46
C LYS C 398 7.31 -13.39 -4.28
N GLU C 399 7.40 -12.84 -3.08
CA GLU C 399 7.64 -13.63 -1.87
C GLU C 399 6.41 -14.43 -1.46
N PHE C 400 5.30 -13.72 -1.16
CA PHE C 400 4.18 -14.34 -0.46
C PHE C 400 2.95 -14.62 -1.29
N GLY C 401 3.02 -14.39 -2.59
CA GLY C 401 1.89 -14.65 -3.49
C GLY C 401 1.12 -15.92 -3.19
N THR C 402 1.85 -17.01 -3.00
CA THR C 402 1.24 -18.30 -2.77
C THR C 402 0.42 -18.30 -1.48
N ASN C 403 0.92 -17.62 -0.45
CA ASN C 403 0.19 -17.49 0.81
C ASN C 403 -1.21 -16.89 0.62
N ILE C 404 -1.24 -15.75 -0.06
CA ILE C 404 -2.47 -15.09 -0.39
C ILE C 404 -3.34 -16.08 -1.14
N LYS C 405 -2.82 -16.72 -2.17
CA LYS C 405 -3.59 -17.72 -2.90
C LYS C 405 -4.12 -18.82 -1.99
N LEU C 406 -3.35 -19.18 -0.97
CA LEU C 406 -3.77 -20.17 0.01
C LEU C 406 -4.82 -19.58 0.95
N GLY C 407 -4.67 -18.29 1.24
CA GLY C 407 -5.65 -17.57 2.07
C GLY C 407 -7.06 -17.65 1.56
N VAL C 408 -7.24 -17.34 0.28
CA VAL C 408 -8.52 -17.46 -0.41
C VAL C 408 -9.15 -18.84 -0.25
N ILE C 409 -8.32 -19.84 0.02
CA ILE C 409 -8.81 -21.20 0.18
C ILE C 409 -9.18 -21.47 1.63
N GLU C 410 -8.28 -21.14 2.56
CA GLU C 410 -8.56 -21.33 3.99
C GLU C 410 -9.58 -20.36 4.55
N ASP C 411 -9.27 -19.07 4.47
CA ASP C 411 -10.02 -18.03 5.15
C ASP C 411 -11.23 -17.60 4.34
N HIS C 412 -12.37 -18.19 4.65
CA HIS C 412 -13.62 -17.85 3.96
C HIS C 412 -14.14 -16.49 4.42
N SER C 413 -13.88 -16.17 5.67
CA SER C 413 -14.34 -14.93 6.26
C SER C 413 -13.58 -13.69 5.80
N ASN C 414 -12.48 -13.89 5.09
CA ASN C 414 -11.68 -12.79 4.47
C ASN C 414 -11.51 -12.96 2.97
N ARG C 415 -12.12 -14.01 2.45
CA ARG C 415 -12.12 -14.34 1.05
C ARG C 415 -12.20 -13.15 0.13
N THR C 416 -13.03 -12.14 0.39
CA THR C 416 -13.15 -11.03 -0.54
C THR C 416 -12.00 -10.05 -0.40
N ARG C 417 -11.58 -9.81 0.84
CA ARG C 417 -10.43 -8.94 1.08
C ARG C 417 -9.18 -9.53 0.41
N LEU C 418 -9.04 -10.86 0.44
CA LEU C 418 -7.92 -11.54 -0.21
C LEU C 418 -8.05 -11.47 -1.71
N ALA C 419 -9.16 -11.91 -2.28
CA ALA C 419 -9.37 -11.87 -3.71
C ALA C 419 -8.82 -10.60 -4.33
N LYS C 420 -9.11 -9.48 -3.70
CA LYS C 420 -8.60 -8.18 -4.19
C LYS C 420 -7.07 -8.05 -4.12
N LEU C 421 -6.43 -8.94 -3.37
CA LEU C 421 -4.98 -8.97 -3.25
C LEU C 421 -4.29 -9.91 -4.25
N LEU C 422 -5.07 -10.73 -4.94
CA LEU C 422 -4.54 -11.69 -5.88
C LEU C 422 -3.96 -10.97 -7.09
N ARG C 423 -2.88 -11.55 -7.64
CA ARG C 423 -2.24 -11.10 -8.90
C ARG C 423 -1.89 -12.27 -9.81
N PHE C 424 -2.05 -12.06 -11.11
CA PHE C 424 -1.77 -13.09 -12.10
C PHE C 424 -1.08 -12.50 -13.32
N GLN C 425 -0.47 -13.36 -14.15
CA GLN C 425 -0.10 -12.96 -15.49
C GLN C 425 -1.32 -13.05 -16.35
N SER C 426 -1.32 -12.30 -17.45
CA SER C 426 -2.45 -12.35 -18.37
C SER C 426 -2.04 -11.85 -19.74
N SER C 427 -2.92 -12.09 -20.70
CA SER C 427 -2.70 -11.73 -22.09
C SER C 427 -2.52 -10.24 -22.29
N HIS C 428 -2.75 -9.45 -21.25
CA HIS C 428 -2.65 -8.01 -21.39
C HIS C 428 -1.20 -7.53 -21.53
N HIS C 429 -0.26 -8.34 -21.06
CA HIS C 429 1.15 -7.95 -21.06
C HIS C 429 2.08 -9.16 -20.90
N PRO C 430 3.16 -9.23 -21.70
CA PRO C 430 4.19 -10.27 -21.71
C PRO C 430 4.70 -10.74 -20.34
N SER C 431 4.96 -9.82 -19.42
CA SER C 431 5.53 -10.19 -18.13
C SER C 431 4.79 -9.63 -16.91
N ASP C 432 4.31 -8.39 -17.00
CA ASP C 432 3.65 -7.72 -15.87
C ASP C 432 2.47 -8.51 -15.32
N ILE C 433 2.35 -8.50 -14.00
CA ILE C 433 1.20 -9.13 -13.37
C ILE C 433 0.06 -8.12 -13.23
N THR C 434 -1.17 -8.62 -13.25
CA THR C 434 -2.36 -7.80 -13.18
C THR C 434 -3.24 -8.30 -12.05
N SER C 435 -3.95 -7.38 -11.40
CA SER C 435 -4.93 -7.70 -10.35
C SER C 435 -6.25 -8.07 -11.01
N LEU C 436 -7.16 -8.57 -10.19
CA LEU C 436 -8.45 -8.92 -10.75
C LEU C 436 -9.33 -7.69 -11.05
N ASP C 437 -9.21 -6.66 -10.20
CA ASP C 437 -9.88 -5.38 -10.47
C ASP C 437 -9.42 -4.79 -11.80
N GLN C 438 -8.10 -4.76 -12.02
CA GLN C 438 -7.53 -4.26 -13.25
C GLN C 438 -8.01 -5.03 -14.46
N TYR C 439 -8.27 -6.33 -14.28
CA TYR C 439 -8.82 -7.15 -15.34
C TYR C 439 -10.23 -6.69 -15.66
N VAL C 440 -11.04 -6.48 -14.61
CA VAL C 440 -12.45 -6.14 -14.77
C VAL C 440 -12.57 -4.83 -15.48
N GLU C 441 -11.83 -3.83 -14.98
CA GLU C 441 -11.79 -2.50 -15.60
C GLU C 441 -11.62 -2.61 -17.13
N ARG C 442 -10.92 -3.64 -17.59
CA ARG C 442 -10.61 -3.77 -19.00
C ARG C 442 -11.64 -4.53 -19.83
N MET C 443 -12.58 -5.20 -19.19
CA MET C 443 -13.53 -6.09 -19.89
C MET C 443 -14.39 -5.38 -20.94
N LYS C 444 -14.97 -6.16 -21.85
CA LYS C 444 -15.97 -5.65 -22.80
C LYS C 444 -17.32 -5.58 -22.10
N GLU C 445 -18.18 -4.68 -22.60
CA GLU C 445 -19.46 -4.38 -21.96
C GLU C 445 -20.34 -5.60 -21.69
N LYS C 446 -20.34 -6.55 -22.64
CA LYS C 446 -21.20 -7.73 -22.52
C LYS C 446 -20.47 -8.99 -22.03
N GLN C 447 -19.19 -8.83 -21.74
CA GLN C 447 -18.38 -9.89 -21.18
C GLN C 447 -18.65 -10.02 -19.69
N ASP C 448 -19.21 -11.14 -19.27
CA ASP C 448 -19.50 -11.36 -17.87
C ASP C 448 -18.68 -12.51 -17.27
N LYS C 449 -17.72 -13.00 -18.04
CA LYS C 449 -16.87 -14.10 -17.61
C LYS C 449 -15.44 -13.64 -17.56
N ILE C 450 -14.73 -13.97 -16.50
CA ILE C 450 -13.28 -13.79 -16.45
C ILE C 450 -12.63 -15.07 -16.95
N TYR C 451 -11.92 -14.96 -18.07
CA TYR C 451 -11.36 -16.15 -18.70
C TYR C 451 -9.99 -16.48 -18.16
N PHE C 452 -9.78 -17.75 -17.87
CA PHE C 452 -8.46 -18.22 -17.49
C PHE C 452 -8.07 -19.49 -18.27
N MET C 453 -6.79 -19.55 -18.62
CA MET C 453 -6.19 -20.77 -19.15
C MET C 453 -5.18 -21.31 -18.13
N ALA C 454 -5.36 -22.56 -17.74
CA ALA C 454 -4.41 -23.20 -16.84
C ALA C 454 -3.29 -23.81 -17.67
N GLY C 455 -2.06 -23.73 -17.15
CA GLY C 455 -0.90 -24.34 -17.80
C GLY C 455 0.14 -24.78 -16.78
N SER C 456 1.27 -25.29 -17.28
CA SER C 456 2.37 -25.66 -16.42
C SER C 456 3.39 -24.52 -16.38
N SER C 457 3.37 -23.73 -17.45
CA SER C 457 4.18 -22.52 -17.56
C SER C 457 3.40 -21.53 -18.41
N ARG C 458 3.79 -20.26 -18.36
CA ARG C 458 3.12 -19.23 -19.14
C ARG C 458 3.11 -19.56 -20.64
N LYS C 459 4.28 -19.92 -21.16
CA LYS C 459 4.46 -20.19 -22.58
C LYS C 459 3.52 -21.31 -23.06
N GLU C 460 3.26 -22.28 -22.19
CA GLU C 460 2.32 -23.37 -22.47
C GLU C 460 0.91 -22.84 -22.63
N ALA C 461 0.49 -22.05 -21.64
CA ALA C 461 -0.88 -21.58 -21.57
C ALA C 461 -1.19 -20.53 -22.62
N GLU C 462 -0.22 -19.69 -22.94
CA GLU C 462 -0.43 -18.62 -23.92
C GLU C 462 -0.48 -19.16 -25.36
N SER C 463 0.25 -20.24 -25.61
CA SER C 463 0.34 -20.83 -26.94
C SER C 463 -0.81 -21.81 -27.18
N SER C 464 -1.65 -21.98 -26.15
CA SER C 464 -2.84 -22.81 -26.21
C SER C 464 -3.80 -22.42 -27.34
N PRO C 465 -4.41 -23.43 -27.99
CA PRO C 465 -5.36 -23.20 -29.08
C PRO C 465 -6.68 -22.60 -28.62
N PHE C 466 -6.97 -22.78 -27.33
CA PHE C 466 -8.21 -22.27 -26.75
C PHE C 466 -8.25 -20.73 -26.69
N VAL C 467 -7.11 -20.12 -26.38
CA VAL C 467 -7.02 -18.66 -26.23
C VAL C 467 -7.09 -17.94 -27.57
N GLU C 468 -6.64 -18.62 -28.64
CA GLU C 468 -6.60 -18.05 -29.99
C GLU C 468 -7.79 -17.14 -30.29
N ARG C 469 -8.99 -17.72 -30.28
CA ARG C 469 -10.21 -16.98 -30.62
C ARG C 469 -10.53 -15.88 -29.62
N LEU C 470 -10.28 -16.17 -28.34
CA LEU C 470 -10.50 -15.20 -27.27
C LEU C 470 -9.63 -13.95 -27.48
N LEU C 471 -8.32 -14.17 -27.62
CA LEU C 471 -7.38 -13.08 -27.85
C LEU C 471 -7.68 -12.30 -29.11
N LYS C 472 -7.91 -13.01 -30.21
CA LYS C 472 -8.18 -12.39 -31.52
C LYS C 472 -9.46 -11.53 -31.50
N LYS C 473 -10.43 -11.92 -30.70
CA LYS C 473 -11.62 -11.11 -30.51
C LYS C 473 -11.46 -10.15 -29.34
N GLY C 474 -10.21 -9.89 -28.97
CA GLY C 474 -9.87 -8.86 -27.99
C GLY C 474 -10.35 -9.08 -26.57
N TYR C 475 -10.48 -10.35 -26.18
CA TYR C 475 -10.70 -10.68 -24.78
C TYR C 475 -9.35 -10.82 -24.09
N GLU C 476 -9.36 -10.81 -22.76
CA GLU C 476 -8.12 -10.99 -22.02
C GLU C 476 -8.24 -12.32 -21.31
N VAL C 477 -7.15 -13.07 -21.24
CA VAL C 477 -7.16 -14.35 -20.55
C VAL C 477 -6.08 -14.39 -19.50
N ILE C 478 -6.45 -14.86 -18.32
CA ILE C 478 -5.55 -14.99 -17.19
C ILE C 478 -4.80 -16.31 -17.33
N TYR C 479 -3.50 -16.28 -17.04
CA TYR C 479 -2.69 -17.49 -17.11
C TYR C 479 -2.36 -17.99 -15.71
N LEU C 480 -2.92 -19.16 -15.41
CA LEU C 480 -2.64 -19.85 -14.16
C LEU C 480 -1.51 -20.87 -14.39
N THR C 481 -0.36 -20.59 -13.78
CA THR C 481 0.84 -21.38 -14.04
C THR C 481 1.32 -22.14 -12.81
N GLU C 482 0.89 -21.71 -11.62
CA GLU C 482 1.21 -22.43 -10.39
C GLU C 482 0.13 -23.48 -10.12
N PRO C 483 0.47 -24.56 -9.40
CA PRO C 483 -0.52 -25.63 -9.21
C PRO C 483 -1.63 -25.24 -8.25
N VAL C 484 -1.32 -24.32 -7.34
CA VAL C 484 -2.29 -23.76 -6.38
C VAL C 484 -3.38 -22.91 -7.07
N ASP C 485 -3.00 -22.25 -8.16
CA ASP C 485 -3.86 -21.31 -8.84
C ASP C 485 -5.25 -21.83 -9.16
N GLU C 486 -5.35 -23.02 -9.74
CA GLU C 486 -6.66 -23.47 -10.16
C GLU C 486 -7.56 -23.77 -8.96
N TYR C 487 -6.96 -24.07 -7.82
CA TYR C 487 -7.69 -24.36 -6.58
C TYR C 487 -8.10 -23.08 -5.85
N CYS C 488 -7.32 -22.03 -6.07
CA CYS C 488 -7.64 -20.69 -5.62
C CYS C 488 -8.89 -20.24 -6.34
N ILE C 489 -8.78 -20.03 -7.64
CA ILE C 489 -9.92 -19.72 -8.50
C ILE C 489 -11.12 -20.65 -8.29
N GLN C 490 -10.86 -21.92 -7.98
CA GLN C 490 -11.94 -22.89 -7.77
C GLN C 490 -12.67 -22.63 -6.44
N ALA C 491 -12.00 -21.89 -5.55
CA ALA C 491 -12.55 -21.52 -4.25
C ALA C 491 -13.08 -20.10 -4.29
N LEU C 492 -13.18 -19.56 -5.49
CA LEU C 492 -13.65 -18.20 -5.67
C LEU C 492 -14.80 -18.20 -6.65
N PRO C 493 -16.01 -17.96 -6.14
CA PRO C 493 -17.26 -18.09 -6.88
C PRO C 493 -17.35 -17.07 -7.96
N GLU C 494 -17.55 -15.84 -7.51
CA GLU C 494 -17.61 -14.70 -8.38
C GLU C 494 -16.51 -13.75 -7.93
N PHE C 495 -16.13 -12.84 -8.81
CA PHE C 495 -15.36 -11.69 -8.39
C PHE C 495 -15.97 -10.47 -9.04
N ASP C 496 -16.56 -9.62 -8.19
CA ASP C 496 -17.22 -8.39 -8.61
C ASP C 496 -18.39 -8.70 -9.58
N GLY C 497 -19.23 -9.65 -9.18
CA GLY C 497 -20.35 -10.09 -10.01
C GLY C 497 -19.99 -10.81 -11.30
N LYS C 498 -18.71 -11.16 -11.46
CA LYS C 498 -18.25 -11.90 -12.62
C LYS C 498 -17.88 -13.31 -12.24
N ARG C 499 -18.33 -14.26 -13.05
CA ARG C 499 -17.98 -15.68 -12.89
C ARG C 499 -16.71 -16.02 -13.70
N PHE C 500 -15.87 -16.89 -13.15
CA PHE C 500 -14.70 -17.35 -13.87
C PHE C 500 -15.08 -18.38 -14.93
N GLN C 501 -14.24 -18.48 -15.96
CA GLN C 501 -14.44 -19.44 -17.04
C GLN C 501 -13.11 -20.01 -17.52
N ASN C 502 -12.98 -21.33 -17.40
CA ASN C 502 -11.83 -22.07 -17.92
C ASN C 502 -11.95 -22.16 -19.44
N VAL C 503 -11.11 -21.42 -20.15
CA VAL C 503 -11.18 -21.39 -21.62
C VAL C 503 -11.09 -22.79 -22.24
N ALA C 504 -10.37 -23.69 -21.56
CA ALA C 504 -10.18 -25.05 -22.02
C ALA C 504 -11.43 -25.92 -21.85
N LYS C 505 -12.48 -25.32 -21.26
CA LYS C 505 -13.75 -26.01 -21.02
C LYS C 505 -14.89 -25.40 -21.82
N GLU C 506 -16.04 -26.07 -21.81
CA GLU C 506 -17.22 -25.55 -22.50
C GLU C 506 -17.89 -24.44 -21.68
N LYS D 44 0.33 46.46 -12.40
CA LYS D 44 1.34 45.70 -11.60
C LYS D 44 1.57 44.27 -12.12
N ASN D 45 0.64 43.78 -12.93
CA ASN D 45 0.82 42.48 -13.58
C ASN D 45 0.53 42.56 -15.08
N LYS D 46 1.07 43.60 -15.71
CA LYS D 46 0.80 43.96 -17.12
C LYS D 46 1.06 42.85 -18.14
N GLU D 47 2.11 42.06 -17.90
CA GLU D 47 2.50 40.96 -18.78
C GLU D 47 1.35 39.99 -19.13
N ILE D 48 0.38 39.87 -18.22
CA ILE D 48 -0.82 39.06 -18.42
C ILE D 48 -1.45 39.22 -19.82
N PHE D 49 -1.25 40.41 -20.41
CA PHE D 49 -1.79 40.75 -21.73
C PHE D 49 -1.43 39.72 -22.80
N LEU D 50 -0.18 39.26 -22.77
CA LEU D 50 0.32 38.34 -23.78
C LEU D 50 -0.22 36.93 -23.57
N ARG D 51 -0.43 36.56 -22.31
CA ARG D 51 -1.13 35.31 -21.99
C ARG D 51 -2.54 35.41 -22.55
N GLU D 52 -3.16 36.54 -22.33
CA GLU D 52 -4.54 36.74 -22.76
C GLU D 52 -4.69 36.71 -24.27
N LEU D 53 -3.76 37.35 -24.98
CA LEU D 53 -3.73 37.31 -26.45
C LEU D 53 -3.46 35.91 -27.00
N ILE D 54 -2.47 35.24 -26.43
CA ILE D 54 -2.16 33.86 -26.80
C ILE D 54 -3.38 32.98 -26.55
N SER D 55 -4.02 33.19 -25.40
CA SER D 55 -5.22 32.45 -25.00
C SER D 55 -6.34 32.46 -26.06
N ASN D 56 -6.65 33.66 -26.56
CA ASN D 56 -7.69 33.85 -27.55
C ASN D 56 -7.31 33.26 -28.90
N ALA D 57 -6.06 33.49 -29.31
CA ALA D 57 -5.53 32.96 -30.56
C ALA D 57 -5.80 31.46 -30.62
N SER D 58 -5.51 30.79 -29.50
CA SER D 58 -5.77 29.36 -29.34
C SER D 58 -7.26 29.01 -29.49
N ASP D 59 -8.13 29.88 -28.98
CA ASP D 59 -9.58 29.66 -29.06
C ASP D 59 -10.11 29.91 -30.47
N ALA D 60 -9.51 30.87 -31.16
CA ALA D 60 -9.82 31.11 -32.56
C ALA D 60 -9.41 29.89 -33.37
N LEU D 61 -8.24 29.33 -33.06
CA LEU D 61 -7.72 28.15 -33.75
C LEU D 61 -8.58 26.91 -33.47
N ASP D 62 -9.04 26.78 -32.24
CA ASP D 62 -9.96 25.72 -31.84
C ASP D 62 -11.32 25.82 -32.53
N LYS D 63 -11.74 27.04 -32.85
CA LYS D 63 -13.04 27.31 -33.44
C LYS D 63 -13.09 26.92 -34.90
N ILE D 64 -12.03 27.27 -35.63
CA ILE D 64 -11.93 26.97 -37.07
C ILE D 64 -11.79 25.47 -37.30
N ARG D 65 -11.14 24.81 -36.34
CA ARG D 65 -10.92 23.37 -36.37
C ARG D 65 -12.24 22.62 -36.28
N LEU D 66 -13.06 23.00 -35.29
CA LEU D 66 -14.41 22.47 -35.14
C LEU D 66 -15.22 22.61 -36.41
N ILE D 67 -15.06 23.77 -37.06
CA ILE D 67 -15.76 24.07 -38.30
C ILE D 67 -15.32 23.10 -39.39
N SER D 68 -14.00 22.88 -39.51
CA SER D 68 -13.44 22.03 -40.56
C SER D 68 -13.81 20.56 -40.43
N LEU D 69 -14.51 20.21 -39.35
CA LEU D 69 -15.04 18.86 -39.17
C LEU D 69 -16.26 18.60 -40.06
N THR D 70 -17.14 19.58 -40.15
CA THR D 70 -18.33 19.47 -41.00
C THR D 70 -18.11 20.17 -42.34
N ASP D 71 -17.29 21.21 -42.34
CA ASP D 71 -17.01 22.01 -43.53
C ASP D 71 -15.70 21.58 -44.17
N GLU D 72 -15.78 21.03 -45.38
CA GLU D 72 -14.62 20.51 -46.11
C GLU D 72 -13.67 21.61 -46.60
N ASN D 73 -14.19 22.83 -46.73
CA ASN D 73 -13.44 23.93 -47.33
C ASN D 73 -12.77 24.88 -46.34
N ALA D 74 -13.23 24.82 -45.09
CA ALA D 74 -12.83 25.77 -44.04
C ALA D 74 -11.39 26.30 -44.12
N LEU D 75 -10.43 25.39 -44.34
CA LEU D 75 -9.01 25.75 -44.30
C LEU D 75 -8.39 26.09 -45.66
N ALA D 76 -9.21 26.29 -46.67
CA ALA D 76 -8.72 26.59 -48.02
C ALA D 76 -8.06 27.97 -48.08
N GLY D 77 -8.50 28.89 -47.22
CA GLY D 77 -7.95 30.24 -47.18
C GLY D 77 -6.51 30.27 -46.70
N ASN D 78 -6.17 29.33 -45.84
CA ASN D 78 -4.84 29.19 -45.27
C ASN D 78 -4.74 27.79 -44.65
N GLU D 79 -3.83 26.98 -45.15
CA GLU D 79 -3.75 25.58 -44.69
C GLU D 79 -3.17 25.38 -43.27
N GLU D 80 -2.41 26.36 -42.77
CA GLU D 80 -1.75 26.27 -41.46
C GLU D 80 -2.64 26.69 -40.28
N LEU D 81 -2.33 26.20 -39.09
CA LEU D 81 -3.02 26.59 -37.88
C LEU D 81 -2.01 26.99 -36.82
N THR D 82 -1.56 28.24 -36.89
CA THR D 82 -0.46 28.68 -36.05
C THR D 82 -0.67 30.09 -35.48
N VAL D 83 0.04 30.39 -34.39
CA VAL D 83 0.10 31.74 -33.87
C VAL D 83 1.49 32.30 -34.14
N LYS D 84 1.54 33.45 -34.83
CA LYS D 84 2.81 34.04 -35.26
C LYS D 84 3.04 35.45 -34.71
N ILE D 85 3.97 35.55 -33.77
CA ILE D 85 4.27 36.78 -33.04
C ILE D 85 5.54 37.44 -33.58
N LYS D 86 5.43 38.72 -33.94
CA LYS D 86 6.52 39.46 -34.53
C LYS D 86 6.74 40.79 -33.81
N CYS D 87 8.01 41.11 -33.56
CA CYS D 87 8.38 42.41 -32.99
C CYS D 87 8.75 43.41 -34.08
N ASP D 88 8.53 44.68 -33.79
CA ASP D 88 8.91 45.75 -34.70
C ASP D 88 9.37 46.96 -33.87
N LYS D 89 10.59 46.88 -33.35
CA LYS D 89 11.15 47.87 -32.42
C LYS D 89 11.21 49.28 -33.01
N GLU D 90 11.64 49.37 -34.27
CA GLU D 90 11.77 50.64 -34.98
C GLU D 90 10.42 51.35 -35.15
N LYS D 91 9.37 50.57 -35.40
CA LYS D 91 8.02 51.10 -35.54
C LYS D 91 7.26 51.03 -34.21
N ASN D 92 7.90 50.48 -33.17
CA ASN D 92 7.34 50.35 -31.81
C ASN D 92 6.09 49.43 -31.74
N LEU D 93 6.08 48.40 -32.57
CA LEU D 93 4.89 47.56 -32.73
C LEU D 93 5.04 46.12 -32.21
N LEU D 94 3.90 45.52 -31.86
CA LEU D 94 3.84 44.11 -31.49
C LEU D 94 2.68 43.40 -32.18
N HIS D 95 3.01 42.40 -32.99
CA HIS D 95 2.02 41.64 -33.74
C HIS D 95 1.79 40.24 -33.14
N VAL D 96 0.53 39.82 -33.09
CA VAL D 96 0.15 38.48 -32.64
C VAL D 96 -0.89 37.92 -33.63
N THR D 97 -0.39 37.17 -34.62
CA THR D 97 -1.19 36.71 -35.77
C THR D 97 -1.59 35.24 -35.67
N ASP D 98 -2.89 35.00 -35.55
CA ASP D 98 -3.42 33.63 -35.60
C ASP D 98 -3.98 33.35 -36.98
N THR D 99 -3.82 32.10 -37.43
CA THR D 99 -4.44 31.68 -38.67
C THR D 99 -5.80 31.07 -38.33
N GLY D 100 -6.47 31.67 -37.35
CA GLY D 100 -7.69 31.13 -36.74
C GLY D 100 -8.96 31.30 -37.56
N VAL D 101 -10.09 31.37 -36.85
CA VAL D 101 -11.41 31.46 -37.49
C VAL D 101 -11.63 32.81 -38.19
N GLY D 102 -10.97 33.85 -37.69
CA GLY D 102 -11.11 35.20 -38.23
C GLY D 102 -12.42 35.86 -37.84
N MET D 103 -12.61 37.10 -38.30
CA MET D 103 -13.80 37.88 -37.94
C MET D 103 -14.34 38.68 -39.10
N THR D 104 -15.64 38.53 -39.34
CA THR D 104 -16.37 39.35 -40.31
C THR D 104 -16.47 40.79 -39.81
N ARG D 105 -16.74 41.73 -40.72
CA ARG D 105 -16.93 43.14 -40.37
C ARG D 105 -17.99 43.32 -39.29
N GLU D 106 -19.14 42.68 -39.46
CA GLU D 106 -20.23 42.71 -38.48
C GLU D 106 -19.79 42.18 -37.11
N GLU D 107 -18.96 41.14 -37.12
CA GLU D 107 -18.44 40.54 -35.88
C GLU D 107 -17.48 41.45 -35.12
N LEU D 108 -16.48 41.99 -35.84
CA LEU D 108 -15.50 42.91 -35.26
C LEU D 108 -16.17 44.06 -34.51
N VAL D 109 -17.23 44.61 -35.10
CA VAL D 109 -17.98 45.71 -34.49
C VAL D 109 -18.71 45.28 -33.22
N LYS D 110 -19.39 44.13 -33.29
CA LYS D 110 -20.20 43.63 -32.18
C LYS D 110 -19.37 43.04 -31.04
N ASN D 111 -18.43 42.17 -31.39
CA ASN D 111 -17.63 41.42 -30.41
C ASN D 111 -16.62 42.24 -29.61
N LEU D 112 -16.21 43.38 -30.16
CA LEU D 112 -15.22 44.28 -29.54
C LEU D 112 -15.76 45.67 -29.22
N GLY D 113 -16.96 45.97 -29.71
CA GLY D 113 -17.44 47.36 -29.80
C GLY D 113 -17.93 48.04 -28.55
N THR D 114 -18.73 47.32 -27.76
CA THR D 114 -19.33 47.87 -26.54
C THR D 114 -19.38 46.82 -25.44
N VAL D 146 -14.40 40.86 -19.55
CA VAL D 146 -13.08 41.35 -19.19
C VAL D 146 -12.02 41.06 -20.28
N GLY D 147 -11.43 39.86 -20.21
CA GLY D 147 -10.45 39.35 -21.20
C GLY D 147 -9.68 40.26 -22.15
N PHE D 148 -9.98 40.11 -23.45
CA PHE D 148 -9.18 40.64 -24.58
C PHE D 148 -8.49 41.99 -24.36
N TYR D 149 -9.13 42.84 -23.55
CA TYR D 149 -8.87 44.28 -23.42
C TYR D 149 -7.67 44.64 -22.54
N SER D 150 -7.11 43.63 -21.87
CA SER D 150 -5.88 43.77 -21.09
C SER D 150 -4.73 44.30 -21.96
N ALA D 151 -4.87 44.15 -23.28
CA ALA D 151 -3.90 44.67 -24.24
C ALA D 151 -3.75 46.19 -24.15
N PHE D 152 -4.73 46.85 -23.53
CA PHE D 152 -4.67 48.31 -23.34
C PHE D 152 -3.78 48.71 -22.17
N LEU D 153 -3.45 47.73 -21.32
CA LEU D 153 -2.49 47.93 -20.22
C LEU D 153 -1.11 48.34 -20.75
N VAL D 154 -0.75 47.80 -21.91
CA VAL D 154 0.58 48.01 -22.50
C VAL D 154 0.58 48.83 -23.81
N ALA D 155 -0.61 49.09 -24.36
CA ALA D 155 -0.70 49.77 -25.65
C ALA D 155 -1.60 51.01 -25.65
N ASP D 156 -1.18 52.01 -26.42
CA ASP D 156 -1.96 53.23 -26.66
C ASP D 156 -2.97 53.05 -27.79
N LYS D 157 -2.69 52.13 -28.70
CA LYS D 157 -3.55 51.85 -29.85
C LYS D 157 -3.53 50.36 -30.19
N VAL D 158 -4.71 49.77 -30.35
CA VAL D 158 -4.86 48.35 -30.69
C VAL D 158 -5.49 48.20 -32.08
N ILE D 159 -4.78 47.53 -33.00
CA ILE D 159 -5.25 47.36 -34.37
C ILE D 159 -5.50 45.88 -34.69
N VAL D 160 -6.77 45.53 -34.89
CA VAL D 160 -7.15 44.16 -35.22
C VAL D 160 -7.42 43.99 -36.72
N THR D 161 -6.50 43.32 -37.40
CA THR D 161 -6.65 42.98 -38.81
C THR D 161 -7.12 41.53 -38.94
N SER D 162 -8.31 41.33 -39.53
CA SER D 162 -8.89 39.99 -39.61
C SER D 162 -9.45 39.62 -40.99
N LYS D 163 -9.52 38.30 -41.21
CA LYS D 163 -10.03 37.71 -42.43
C LYS D 163 -10.82 36.44 -42.08
N HIS D 164 -12.13 36.49 -42.29
CA HIS D 164 -13.01 35.36 -42.06
C HIS D 164 -13.40 34.79 -43.43
N ASN D 165 -13.74 33.51 -43.47
CA ASN D 165 -14.06 32.83 -44.73
C ASN D 165 -15.28 33.39 -45.48
N ASN D 166 -16.21 33.99 -44.74
CA ASN D 166 -17.45 34.51 -45.33
C ASN D 166 -17.43 36.02 -45.64
N ASP D 167 -16.24 36.61 -45.63
CA ASP D 167 -16.07 38.05 -45.75
C ASP D 167 -14.70 38.39 -46.34
N THR D 168 -14.54 39.64 -46.78
CA THR D 168 -13.24 40.16 -47.21
C THR D 168 -12.49 40.70 -45.99
N GLN D 169 -11.17 40.85 -46.11
CA GLN D 169 -10.32 41.33 -45.00
C GLN D 169 -10.77 42.70 -44.44
N HIS D 170 -10.52 42.90 -43.14
CA HIS D 170 -10.93 44.13 -42.44
C HIS D 170 -9.94 44.60 -41.38
N ILE D 171 -10.07 45.87 -40.99
CA ILE D 171 -9.24 46.46 -39.94
C ILE D 171 -10.08 47.20 -38.91
N TRP D 172 -9.91 46.82 -37.65
CA TRP D 172 -10.55 47.50 -36.53
C TRP D 172 -9.43 48.16 -35.75
N GLU D 173 -9.62 49.42 -35.36
CA GLU D 173 -8.61 50.13 -34.58
C GLU D 173 -9.23 50.93 -33.45
N SER D 174 -8.49 51.11 -32.35
CA SER D 174 -9.03 51.75 -31.14
C SER D 174 -7.97 52.32 -30.21
N ASP D 175 -8.16 53.57 -29.80
CA ASP D 175 -7.42 54.16 -28.70
C ASP D 175 -8.19 54.08 -27.36
N SER D 176 -9.16 53.15 -27.31
CA SER D 176 -10.08 52.92 -26.16
C SER D 176 -11.10 54.05 -25.89
N ASN D 177 -11.07 55.10 -26.71
CA ASN D 177 -12.02 56.21 -26.62
C ASN D 177 -13.13 56.09 -27.67
N GLU D 178 -12.87 55.25 -28.67
CA GLU D 178 -13.78 55.00 -29.80
C GLU D 178 -13.19 53.86 -30.63
N PHE D 179 -13.83 53.55 -31.76
CA PHE D 179 -13.24 52.62 -32.75
C PHE D 179 -13.82 52.79 -34.16
N SER D 180 -13.05 52.34 -35.16
CA SER D 180 -13.48 52.39 -36.57
C SER D 180 -13.09 51.12 -37.32
N VAL D 181 -14.03 50.58 -38.10
CA VAL D 181 -13.76 49.40 -38.92
C VAL D 181 -13.81 49.75 -40.41
N ILE D 182 -12.66 49.58 -41.08
CA ILE D 182 -12.53 49.82 -42.51
C ILE D 182 -12.14 48.52 -43.22
N ALA D 183 -12.44 48.43 -44.52
CA ALA D 183 -11.96 47.30 -45.33
C ALA D 183 -10.46 47.48 -45.55
N ASP D 184 -9.74 46.36 -45.62
CA ASP D 184 -8.28 46.41 -45.74
C ASP D 184 -7.82 46.75 -47.17
N PRO D 185 -7.22 47.95 -47.34
CA PRO D 185 -6.67 48.43 -48.63
C PRO D 185 -5.68 47.46 -49.29
N ARG D 186 -4.94 46.70 -48.47
CA ARG D 186 -3.99 45.71 -48.97
C ARG D 186 -4.70 44.48 -49.55
N GLY D 187 -5.99 44.34 -49.26
CA GLY D 187 -6.77 43.18 -49.68
C GLY D 187 -6.60 42.00 -48.74
N ASN D 188 -6.89 40.80 -49.23
CA ASN D 188 -6.72 39.58 -48.44
C ASN D 188 -5.25 39.19 -48.27
N THR D 189 -4.58 39.82 -47.30
CA THR D 189 -3.18 39.51 -47.00
C THR D 189 -3.02 38.34 -46.05
N LEU D 190 -4.09 38.03 -45.32
CA LEU D 190 -4.02 37.00 -44.28
C LEU D 190 -4.43 35.60 -44.74
N GLY D 191 -5.18 35.53 -45.84
CA GLY D 191 -5.75 34.27 -46.30
C GLY D 191 -6.91 33.88 -45.41
N ARG D 192 -6.58 33.61 -44.15
CA ARG D 192 -7.56 33.47 -43.09
C ARG D 192 -6.87 33.82 -41.78
N GLY D 193 -7.64 34.30 -40.80
CA GLY D 193 -7.10 34.56 -39.47
C GLY D 193 -7.16 36.00 -39.02
N THR D 194 -6.32 36.34 -38.05
CA THR D 194 -6.39 37.61 -37.34
C THR D 194 -4.99 38.09 -36.93
N THR D 195 -4.75 39.40 -37.02
CA THR D 195 -3.53 39.99 -36.46
C THR D 195 -3.85 41.10 -35.45
N ILE D 196 -3.38 40.93 -34.22
CA ILE D 196 -3.52 41.97 -33.19
C ILE D 196 -2.25 42.81 -33.11
N THR D 197 -2.30 43.99 -33.72
CA THR D 197 -1.14 44.88 -33.75
C THR D 197 -1.26 45.89 -32.60
N LEU D 198 -0.27 45.87 -31.70
CA LEU D 198 -0.24 46.81 -30.57
C LEU D 198 0.75 47.95 -30.81
N VAL D 199 0.25 49.18 -30.74
CA VAL D 199 1.12 50.36 -30.70
C VAL D 199 1.45 50.58 -29.23
N LEU D 200 2.64 50.15 -28.83
CA LEU D 200 3.00 50.03 -27.41
C LEU D 200 3.28 51.35 -26.71
N LYS D 201 2.88 51.42 -25.43
CA LYS D 201 3.13 52.57 -24.57
C LYS D 201 4.64 52.79 -24.39
N GLU D 202 5.01 54.04 -24.08
CA GLU D 202 6.41 54.41 -23.89
C GLU D 202 7.03 53.79 -22.64
N GLU D 203 6.19 53.27 -21.75
CA GLU D 203 6.64 52.60 -20.53
C GLU D 203 6.62 51.07 -20.65
N ALA D 204 6.21 50.58 -21.82
CA ALA D 204 6.18 49.14 -22.10
C ALA D 204 7.12 48.78 -23.26
N SER D 205 8.18 49.58 -23.42
CA SER D 205 9.17 49.37 -24.48
C SER D 205 9.99 48.09 -24.30
N ASP D 206 9.83 47.45 -23.14
CA ASP D 206 10.51 46.19 -22.80
C ASP D 206 9.91 44.97 -23.51
N TYR D 207 8.67 45.10 -23.98
CA TYR D 207 8.01 44.04 -24.76
C TYR D 207 8.41 44.09 -26.24
N LEU D 208 9.33 44.98 -26.58
CA LEU D 208 9.89 45.04 -27.92
C LEU D 208 11.15 44.16 -28.02
N GLU D 209 11.73 43.84 -26.86
CA GLU D 209 12.94 43.02 -26.80
C GLU D 209 12.62 41.54 -27.00
N LEU D 210 13.34 40.92 -27.94
CA LEU D 210 13.12 39.52 -28.32
C LEU D 210 13.19 38.54 -27.16
N ASP D 211 14.17 38.73 -26.28
CA ASP D 211 14.42 37.83 -25.18
C ASP D 211 13.35 37.90 -24.08
N THR D 212 12.81 39.10 -23.87
CA THR D 212 11.67 39.28 -22.95
C THR D 212 10.47 38.51 -23.50
N ILE D 213 10.18 38.75 -24.78
CA ILE D 213 9.04 38.17 -25.48
C ILE D 213 9.09 36.64 -25.52
N LYS D 214 10.22 36.10 -26.00
CA LYS D 214 10.44 34.66 -26.06
C LYS D 214 10.13 34.02 -24.71
N ASN D 215 10.71 34.60 -23.66
CA ASN D 215 10.51 34.17 -22.27
C ASN D 215 9.04 34.15 -21.86
N LEU D 216 8.32 35.23 -22.20
CA LEU D 216 6.89 35.35 -21.89
C LEU D 216 6.07 34.36 -22.68
N VAL D 217 6.25 34.39 -24.00
CA VAL D 217 5.58 33.47 -24.90
C VAL D 217 5.77 32.05 -24.37
N LYS D 218 7.02 31.59 -24.31
CA LYS D 218 7.35 30.24 -23.83
C LYS D 218 6.65 29.87 -22.52
N LYS D 219 6.54 30.83 -21.60
CA LYS D 219 5.85 30.60 -20.34
C LYS D 219 4.35 30.34 -20.52
N TYR D 220 3.69 31.16 -21.32
CA TYR D 220 2.25 31.05 -21.54
C TYR D 220 1.93 30.11 -22.68
N SER D 221 2.97 29.58 -23.31
CA SER D 221 2.83 28.62 -24.40
C SER D 221 2.53 27.22 -23.90
N GLN D 222 3.09 26.91 -22.73
CA GLN D 222 3.20 25.54 -22.24
C GLN D 222 2.03 24.63 -22.59
N PHE D 223 0.81 25.09 -22.33
CA PHE D 223 -0.35 24.20 -22.45
C PHE D 223 -1.21 24.44 -23.70
N ILE D 224 -0.68 25.22 -24.62
CA ILE D 224 -1.32 25.46 -25.91
C ILE D 224 -0.96 24.31 -26.85
N ASN D 225 -1.96 23.81 -27.57
CA ASN D 225 -1.77 22.71 -28.52
C ASN D 225 -1.56 23.17 -29.97
N PHE D 226 -1.17 24.42 -30.15
CA PHE D 226 -0.91 24.97 -31.48
C PHE D 226 0.47 25.58 -31.51
N PRO D 227 1.27 25.27 -32.56
CA PRO D 227 2.64 25.77 -32.61
C PRO D 227 2.65 27.30 -32.56
N ILE D 228 3.45 27.85 -31.65
CA ILE D 228 3.59 29.30 -31.51
C ILE D 228 4.99 29.72 -31.95
N TYR D 229 5.06 30.59 -32.95
CA TYR D 229 6.36 31.03 -33.50
C TYR D 229 6.64 32.50 -33.21
N VAL D 230 7.90 32.81 -32.92
CA VAL D 230 8.33 34.19 -32.74
C VAL D 230 9.42 34.49 -33.76
N TRP D 231 9.26 35.63 -34.45
CA TRP D 231 10.22 36.07 -35.44
C TRP D 231 11.50 36.53 -34.75
N SER D 232 12.51 35.67 -34.78
CA SER D 232 13.76 35.88 -34.04
C SER D 232 15.00 35.72 -34.92
N SER D 233 16.15 36.09 -34.35
CA SER D 233 17.41 35.99 -35.07
C SER D 233 18.24 34.79 -34.61
N LYS D 234 19.16 34.35 -35.47
CA LYS D 234 20.11 33.30 -35.15
C LYS D 234 21.43 33.54 -35.88
N THR D 235 22.54 33.11 -35.27
CA THR D 235 23.86 33.31 -35.87
C THR D 235 24.47 31.96 -36.27
N LYS D 240 26.59 34.25 -39.84
CA LYS D 240 25.97 35.56 -39.87
C LYS D 240 24.53 35.56 -39.37
N THR D 241 23.91 36.74 -39.40
CA THR D 241 22.56 36.93 -38.87
C THR D 241 21.49 36.45 -39.85
N VAL D 242 20.68 35.50 -39.38
CA VAL D 242 19.53 35.02 -40.15
C VAL D 242 18.28 35.11 -39.27
N TRP D 243 17.24 35.77 -39.79
CA TRP D 243 15.96 35.87 -39.12
C TRP D 243 14.99 34.79 -39.62
N ASP D 244 14.29 34.14 -38.70
CA ASP D 244 13.32 33.09 -39.03
C ASP D 244 12.28 32.86 -37.92
N TRP D 245 11.31 31.99 -38.19
CA TRP D 245 10.36 31.57 -37.17
C TRP D 245 10.97 30.52 -36.26
N GLU D 246 10.94 30.79 -34.95
CA GLU D 246 11.45 29.86 -33.95
C GLU D 246 10.29 29.34 -33.08
N LEU D 247 10.02 28.04 -33.16
CA LEU D 247 8.96 27.41 -32.37
C LEU D 247 9.22 27.61 -30.89
N MET D 248 8.15 27.80 -30.11
CA MET D 248 8.26 28.15 -28.69
C MET D 248 7.77 27.07 -27.75
N ASN D 249 6.95 26.16 -28.26
CA ASN D 249 6.28 25.18 -27.40
C ASN D 249 6.20 23.77 -27.99
N ASP D 250 5.67 22.85 -27.18
CA ASP D 250 5.41 21.51 -27.64
C ASP D 250 3.92 21.32 -27.88
N ILE D 251 3.56 21.25 -29.16
CA ILE D 251 2.19 20.97 -29.60
C ILE D 251 1.63 19.66 -29.00
N LYS D 252 2.53 18.79 -28.53
CA LYS D 252 2.14 17.52 -27.94
C LYS D 252 1.49 17.72 -26.59
N PRO D 253 0.21 17.32 -26.45
CA PRO D 253 -0.55 17.56 -25.24
C PRO D 253 0.01 16.72 -24.11
N ILE D 254 -0.21 17.14 -22.87
CA ILE D 254 0.39 16.45 -21.73
C ILE D 254 -0.33 15.17 -21.39
N TRP D 255 -1.64 15.13 -21.63
CA TRP D 255 -2.42 13.93 -21.39
C TRP D 255 -2.12 12.80 -22.38
N GLN D 256 -1.35 13.13 -23.42
CA GLN D 256 -0.95 12.14 -24.41
C GLN D 256 0.43 11.58 -24.13
N ARG D 257 1.13 12.19 -23.18
CA ARG D 257 2.45 11.75 -22.79
C ARG D 257 2.37 10.58 -21.82
N PRO D 258 3.39 9.72 -21.80
CA PRO D 258 3.42 8.65 -20.81
C PRO D 258 3.63 9.21 -19.40
N SER D 259 2.92 8.65 -18.44
CA SER D 259 2.88 9.17 -17.07
C SER D 259 4.26 9.28 -16.44
N LYS D 260 5.06 8.22 -16.59
CA LYS D 260 6.43 8.18 -16.07
C LYS D 260 7.25 9.42 -16.47
N GLU D 261 6.88 10.07 -17.57
CA GLU D 261 7.61 11.22 -18.10
C GLU D 261 7.02 12.57 -17.69
N VAL D 262 5.86 12.55 -17.04
CA VAL D 262 5.20 13.80 -16.66
C VAL D 262 5.42 14.17 -15.20
N GLU D 263 6.06 15.32 -15.01
CA GLU D 263 6.43 15.80 -13.68
C GLU D 263 5.22 16.26 -12.93
N ASP D 264 5.29 16.16 -11.60
CA ASP D 264 4.17 16.53 -10.74
C ASP D 264 3.86 18.03 -10.73
N ASP D 265 4.85 18.84 -11.07
CA ASP D 265 4.64 20.28 -11.22
C ASP D 265 3.70 20.54 -12.39
N GLU D 266 3.98 19.85 -13.48
CA GLU D 266 3.25 20.03 -14.72
C GLU D 266 1.77 19.69 -14.53
N TYR D 267 1.50 18.51 -13.98
CA TYR D 267 0.13 18.13 -13.68
C TYR D 267 -0.61 19.25 -12.95
N LYS D 268 0.06 19.87 -11.97
CA LYS D 268 -0.56 20.92 -11.18
C LYS D 268 -0.75 22.18 -12.01
N ALA D 269 0.29 22.59 -12.72
CA ALA D 269 0.23 23.77 -13.59
C ALA D 269 -0.91 23.67 -14.60
N PHE D 270 -0.96 22.53 -15.29
CA PHE D 270 -1.96 22.24 -16.31
C PHE D 270 -3.35 22.40 -15.73
N TYR D 271 -3.50 22.03 -14.46
CA TYR D 271 -4.79 22.23 -13.80
C TYR D 271 -5.08 23.71 -13.64
N LYS D 272 -4.08 24.45 -13.16
CA LYS D 272 -4.21 25.90 -12.96
C LYS D 272 -4.52 26.58 -14.28
N SER D 273 -3.84 26.15 -15.34
CA SER D 273 -3.96 26.79 -16.64
C SER D 273 -5.28 26.55 -17.36
N PHE D 274 -6.25 25.91 -16.69
CA PHE D 274 -7.60 25.87 -17.27
C PHE D 274 -8.76 26.11 -16.30
N SER D 275 -8.47 26.71 -15.15
CA SER D 275 -9.51 27.09 -14.21
C SER D 275 -9.07 28.28 -13.36
N LYS D 276 -7.85 28.77 -13.64
CA LYS D 276 -7.16 29.73 -12.77
C LYS D 276 -7.23 29.27 -11.30
N GLU D 277 -7.79 30.11 -10.42
CA GLU D 277 -7.78 29.92 -8.95
C GLU D 277 -6.33 29.74 -8.48
N SER D 278 -5.52 29.20 -9.39
CA SER D 278 -4.10 28.96 -9.25
C SER D 278 -3.71 28.31 -7.93
N ASP D 279 -4.43 27.26 -7.54
CA ASP D 279 -4.02 26.49 -6.37
C ASP D 279 -3.98 25.04 -6.78
N ASP D 280 -3.02 24.29 -6.23
CA ASP D 280 -2.90 22.88 -6.53
C ASP D 280 -4.28 22.22 -6.49
N PRO D 281 -4.50 21.22 -7.35
CA PRO D 281 -5.74 20.48 -7.19
C PRO D 281 -5.57 19.54 -6.00
N MET D 282 -6.67 19.18 -5.35
CA MET D 282 -6.60 18.28 -4.20
C MET D 282 -5.94 16.94 -4.57
N ALA D 283 -6.32 16.41 -5.73
CA ALA D 283 -5.71 15.20 -6.29
C ALA D 283 -5.99 15.07 -7.77
N TYR D 284 -5.02 14.54 -8.51
CA TYR D 284 -5.20 14.26 -9.94
C TYR D 284 -4.95 12.79 -10.25
N ILE D 285 -5.61 12.28 -11.29
CA ILE D 285 -5.32 10.95 -11.79
C ILE D 285 -5.08 11.04 -13.29
N HIS D 286 -4.10 10.31 -13.79
CA HIS D 286 -3.82 10.36 -15.21
C HIS D 286 -3.66 8.95 -15.73
N PHE D 287 -4.57 8.54 -16.59
CA PHE D 287 -4.62 7.15 -17.01
C PHE D 287 -4.95 7.05 -18.46
N THR D 288 -4.52 5.93 -19.05
CA THR D 288 -4.89 5.62 -20.41
C THR D 288 -5.77 4.37 -20.39
N ALA D 289 -6.94 4.49 -21.01
CA ALA D 289 -7.95 3.45 -20.94
C ALA D 289 -7.90 2.51 -22.12
N GLU D 290 -7.80 1.22 -21.79
CA GLU D 290 -7.83 0.14 -22.76
C GLU D 290 -9.18 -0.56 -22.65
N GLY D 291 -9.63 -1.15 -23.76
CA GLY D 291 -10.87 -1.92 -23.73
C GLY D 291 -11.81 -1.59 -24.87
N GLU D 292 -13.11 -1.56 -24.55
CA GLU D 292 -14.14 -1.34 -25.55
C GLU D 292 -13.94 -0.02 -26.26
N VAL D 293 -13.54 0.98 -25.47
CA VAL D 293 -13.15 2.28 -25.99
C VAL D 293 -11.73 2.62 -25.54
N THR D 294 -11.01 3.34 -26.38
CA THR D 294 -9.65 3.77 -26.06
C THR D 294 -9.60 5.29 -25.95
N PHE D 295 -9.21 5.78 -24.77
CA PHE D 295 -8.95 7.21 -24.56
C PHE D 295 -7.94 7.47 -23.46
N LYS D 296 -7.15 8.51 -23.63
CA LYS D 296 -6.27 8.98 -22.57
C LYS D 296 -7.08 10.02 -21.84
N SER D 297 -6.60 10.45 -20.68
CA SER D 297 -7.39 11.35 -19.82
C SER D 297 -6.61 11.83 -18.63
N ILE D 298 -7.01 12.95 -18.06
CA ILE D 298 -6.56 13.36 -16.75
C ILE D 298 -7.75 13.93 -16.05
N LEU D 299 -7.99 13.53 -14.81
CA LEU D 299 -9.09 14.09 -14.04
C LEU D 299 -8.54 14.71 -12.76
N PHE D 300 -9.25 15.69 -12.23
CA PHE D 300 -8.79 16.41 -11.05
C PHE D 300 -9.88 16.51 -10.01
N VAL D 301 -9.46 16.62 -8.75
CA VAL D 301 -10.37 16.97 -7.68
C VAL D 301 -9.99 18.35 -7.21
N PRO D 302 -10.90 19.33 -7.39
CA PRO D 302 -10.64 20.73 -6.99
C PRO D 302 -10.47 20.86 -5.48
N THR D 303 -9.71 21.87 -5.07
CA THR D 303 -9.33 22.03 -3.66
C THR D 303 -10.54 22.42 -2.84
N SER D 304 -11.47 23.13 -3.46
CA SER D 304 -12.68 23.55 -2.79
C SER D 304 -13.86 23.23 -3.66
N ALA D 305 -14.94 22.75 -3.02
CA ALA D 305 -16.22 22.53 -3.69
C ALA D 305 -16.77 23.87 -4.18
N PRO D 306 -16.96 23.99 -5.51
CA PRO D 306 -17.35 25.27 -6.13
C PRO D 306 -18.76 25.76 -5.73
N ARG D 307 -18.82 26.86 -4.98
CA ARG D 307 -20.09 27.38 -4.49
C ARG D 307 -20.24 28.88 -4.77
N TYR D 320 -17.38 21.38 -17.35
CA TYR D 320 -16.17 21.14 -16.56
C TYR D 320 -15.14 20.29 -17.28
N ILE D 321 -15.61 19.28 -18.01
CA ILE D 321 -14.73 18.31 -18.69
C ILE D 321 -14.60 18.60 -20.19
N LYS D 322 -13.39 18.93 -20.63
CA LYS D 322 -13.10 19.19 -22.03
C LYS D 322 -12.84 17.90 -22.76
N LEU D 323 -13.66 17.58 -23.76
CA LEU D 323 -13.47 16.36 -24.53
C LEU D 323 -12.74 16.64 -25.83
N TYR D 324 -11.78 15.78 -26.16
CA TYR D 324 -11.08 15.86 -27.45
C TYR D 324 -11.30 14.57 -28.21
N VAL D 325 -11.23 14.66 -29.53
CA VAL D 325 -11.27 13.47 -30.39
C VAL D 325 -10.08 13.50 -31.34
N ARG D 326 -9.28 12.44 -31.31
CA ARG D 326 -8.00 12.39 -32.03
C ARG D 326 -7.21 13.69 -31.89
N ARG D 327 -7.14 14.19 -30.64
CA ARG D 327 -6.39 15.40 -30.27
C ARG D 327 -6.99 16.73 -30.76
N VAL D 328 -8.23 16.69 -31.23
CA VAL D 328 -8.93 17.87 -31.72
C VAL D 328 -10.02 18.29 -30.74
N PHE D 329 -9.94 19.52 -30.26
CA PHE D 329 -10.91 19.99 -29.28
C PHE D 329 -12.32 19.91 -29.82
N ILE D 330 -13.26 19.45 -29.00
CA ILE D 330 -14.65 19.32 -29.43
C ILE D 330 -15.61 20.20 -28.61
N THR D 331 -15.58 20.05 -27.29
CA THR D 331 -16.59 20.67 -26.44
C THR D 331 -16.19 20.69 -24.97
N ASP D 332 -17.03 21.29 -24.15
CA ASP D 332 -16.98 21.10 -22.69
C ASP D 332 -18.39 21.26 -22.12
N ASP D 333 -19.34 21.54 -23.02
CA ASP D 333 -20.74 21.68 -22.66
C ASP D 333 -21.40 20.33 -22.46
N PHE D 334 -20.60 19.27 -22.48
CA PHE D 334 -21.12 17.93 -22.24
C PHE D 334 -21.23 17.72 -20.74
N HIS D 335 -22.48 17.64 -20.27
CA HIS D 335 -22.78 17.59 -18.84
C HIS D 335 -23.08 16.18 -18.32
N ASP D 336 -23.69 15.35 -19.17
CA ASP D 336 -23.91 13.94 -18.88
C ASP D 336 -22.61 13.13 -18.97
N MET D 337 -21.48 13.81 -19.07
CA MET D 337 -20.16 13.18 -18.98
C MET D 337 -20.05 12.39 -17.67
N MET D 338 -20.17 13.10 -16.56
CA MET D 338 -20.11 12.51 -15.24
C MET D 338 -21.51 12.46 -14.64
N PRO D 339 -21.71 11.61 -13.62
CA PRO D 339 -22.95 11.67 -12.87
C PRO D 339 -23.03 12.94 -12.01
N LYS D 340 -24.19 13.17 -11.39
CA LYS D 340 -24.43 14.40 -10.63
C LYS D 340 -23.50 14.55 -9.43
N TYR D 341 -23.42 13.52 -8.61
CA TYR D 341 -22.62 13.60 -7.38
C TYR D 341 -21.12 13.82 -7.64
N LEU D 342 -20.70 13.66 -8.90
CA LEU D 342 -19.31 13.81 -9.27
C LEU D 342 -19.12 14.96 -10.22
N ASN D 343 -20.00 15.95 -10.13
CA ASN D 343 -19.92 17.13 -11.00
C ASN D 343 -18.70 18.01 -10.78
N PHE D 344 -18.12 17.94 -9.58
CA PHE D 344 -16.96 18.76 -9.22
C PHE D 344 -15.69 18.43 -9.99
N VAL D 345 -15.64 17.24 -10.58
CA VAL D 345 -14.44 16.75 -11.28
C VAL D 345 -14.19 17.53 -12.54
N LYS D 346 -12.94 17.93 -12.74
CA LYS D 346 -12.53 18.67 -13.93
C LYS D 346 -11.51 17.87 -14.71
N GLY D 347 -11.37 18.13 -16.00
CA GLY D 347 -10.26 17.56 -16.74
C GLY D 347 -10.54 17.21 -18.18
N VAL D 348 -9.57 16.56 -18.80
CA VAL D 348 -9.63 16.25 -20.22
C VAL D 348 -9.88 14.76 -20.50
N VAL D 349 -10.61 14.49 -21.58
CA VAL D 349 -10.80 13.14 -22.09
C VAL D 349 -10.43 13.21 -23.57
N ASP D 350 -9.57 12.30 -24.02
CA ASP D 350 -9.09 12.36 -25.40
C ASP D 350 -9.27 11.06 -26.15
N SER D 351 -10.48 10.80 -26.62
CA SER D 351 -10.77 9.59 -27.36
C SER D 351 -10.07 9.61 -28.71
N ASP D 352 -9.79 8.41 -29.22
CA ASP D 352 -9.40 8.23 -30.62
C ASP D 352 -10.35 7.25 -31.30
N ASP D 353 -11.42 6.91 -30.57
CA ASP D 353 -12.45 5.99 -31.05
C ASP D 353 -13.76 6.66 -31.50
N LEU D 354 -14.10 7.78 -30.86
CA LEU D 354 -15.32 8.51 -31.19
C LEU D 354 -15.33 9.04 -32.63
N PRO D 355 -16.53 9.18 -33.24
CA PRO D 355 -16.66 9.85 -34.54
C PRO D 355 -16.26 11.34 -34.50
N LEU D 356 -15.12 11.64 -35.14
CA LEU D 356 -14.57 13.00 -35.20
C LEU D 356 -15.45 13.94 -36.00
N ASN D 357 -15.74 13.55 -37.24
CA ASN D 357 -16.51 14.38 -38.16
C ASN D 357 -18.02 14.14 -38.06
N VAL D 358 -18.56 14.43 -36.88
CA VAL D 358 -19.99 14.41 -36.63
C VAL D 358 -20.45 15.75 -36.06
N SER D 359 -21.77 15.94 -35.95
CA SER D 359 -22.35 17.03 -35.19
C SER D 359 -22.24 16.72 -33.69
N ARG D 360 -22.22 17.77 -32.87
CA ARG D 360 -22.18 17.61 -31.41
C ARG D 360 -23.48 16.99 -30.85
N GLU D 361 -24.58 17.17 -31.59
CA GLU D 361 -25.85 16.49 -31.30
C GLU D 361 -25.69 14.97 -31.43
N THR D 362 -25.17 14.56 -32.59
CA THR D 362 -24.87 13.15 -32.89
C THR D 362 -23.88 12.56 -31.87
N LEU D 363 -22.77 13.28 -31.64
CA LEU D 363 -21.74 12.83 -30.72
C LEU D 363 -22.24 12.57 -29.29
N GLN D 364 -23.15 13.40 -28.78
CA GLN D 364 -23.61 13.28 -27.38
C GLN D 364 -24.49 12.05 -27.11
N GLN D 365 -25.26 11.66 -28.13
CA GLN D 365 -26.12 10.47 -27.99
C GLN D 365 -25.41 9.19 -28.44
N HIS D 366 -24.10 9.31 -28.69
CA HIS D 366 -23.28 8.19 -29.11
C HIS D 366 -23.10 7.15 -28.00
N LYS D 367 -23.25 5.88 -28.38
CA LYS D 367 -23.20 4.76 -27.44
C LYS D 367 -21.88 4.65 -26.68
N LEU D 368 -20.77 4.95 -27.37
CA LEU D 368 -19.43 4.91 -26.77
C LEU D 368 -19.25 5.86 -25.58
N LEU D 369 -20.05 6.92 -25.54
CA LEU D 369 -20.01 7.88 -24.44
C LEU D 369 -20.41 7.26 -23.12
N LYS D 370 -21.48 6.47 -23.13
CA LYS D 370 -21.94 5.80 -21.91
C LYS D 370 -20.88 4.83 -21.37
N VAL D 371 -20.09 4.26 -22.29
CA VAL D 371 -18.94 3.42 -21.94
C VAL D 371 -17.86 4.29 -21.33
N ILE D 372 -17.52 5.39 -22.02
CA ILE D 372 -16.50 6.34 -21.55
C ILE D 372 -16.85 6.96 -20.19
N ARG D 373 -18.15 7.13 -19.97
CA ARG D 373 -18.65 7.60 -18.70
C ARG D 373 -18.27 6.62 -17.61
N LYS D 374 -18.70 5.37 -17.74
CA LYS D 374 -18.44 4.33 -16.74
C LYS D 374 -16.98 4.31 -16.33
N LYS D 375 -16.09 4.25 -17.32
CA LYS D 375 -14.65 4.20 -17.07
C LYS D 375 -14.18 5.41 -16.24
N LEU D 376 -14.68 6.59 -16.58
CA LEU D 376 -14.31 7.81 -15.87
C LEU D 376 -14.70 7.81 -14.40
N VAL D 377 -15.92 7.36 -14.11
CA VAL D 377 -16.36 7.30 -12.74
C VAL D 377 -15.49 6.35 -11.95
N ARG D 378 -15.20 5.17 -12.51
CA ARG D 378 -14.36 4.19 -11.82
C ARG D 378 -13.00 4.80 -11.50
N LYS D 379 -12.39 5.45 -12.48
CA LYS D 379 -11.06 6.01 -12.27
C LYS D 379 -11.05 7.24 -11.37
N THR D 380 -12.20 7.89 -11.24
CA THR D 380 -12.36 9.01 -10.32
C THR D 380 -12.42 8.49 -8.88
N LEU D 381 -13.16 7.40 -8.68
CA LEU D 381 -13.27 6.74 -7.37
C LEU D 381 -11.98 6.04 -7.00
N ASP D 382 -11.21 5.66 -8.02
CA ASP D 382 -9.86 5.17 -7.80
C ASP D 382 -9.02 6.31 -7.27
N MET D 383 -9.00 7.43 -7.99
CA MET D 383 -8.21 8.60 -7.59
C MET D 383 -8.50 9.06 -6.17
N ILE D 384 -9.79 9.04 -5.81
CA ILE D 384 -10.26 9.50 -4.52
C ILE D 384 -9.76 8.55 -3.44
N LYS D 385 -9.87 7.25 -3.69
CA LYS D 385 -9.37 6.22 -2.78
C LYS D 385 -7.90 6.49 -2.46
N LYS D 386 -7.13 6.77 -3.50
CA LYS D 386 -5.70 6.96 -3.37
C LYS D 386 -5.31 8.18 -2.50
N ILE D 387 -6.27 8.95 -2.01
CA ILE D 387 -5.94 10.11 -1.18
C ILE D 387 -5.40 9.65 0.18
N ALA D 388 -4.31 10.29 0.62
CA ALA D 388 -3.71 10.03 1.94
C ALA D 388 -4.74 10.07 3.06
N ASP D 389 -4.70 9.06 3.92
CA ASP D 389 -5.78 8.85 4.93
C ASP D 389 -6.13 10.07 5.75
N GLU D 390 -5.11 10.79 6.22
CA GLU D 390 -5.31 12.02 6.98
C GLU D 390 -5.91 13.09 6.10
N LYS D 391 -5.28 13.31 4.95
CA LYS D 391 -5.75 14.32 4.00
C LYS D 391 -7.19 14.08 3.55
N TYR D 392 -7.62 12.82 3.49
CA TYR D 392 -8.99 12.48 3.10
C TYR D 392 -10.04 12.97 4.10
N ASN D 393 -9.85 12.62 5.37
CA ASN D 393 -10.77 13.01 6.42
C ASN D 393 -10.76 14.50 6.70
N ASP D 394 -9.59 15.12 6.59
CA ASP D 394 -9.43 16.52 6.97
C ASP D 394 -9.77 17.50 5.87
N THR D 395 -9.40 17.16 4.63
CA THR D 395 -9.67 18.06 3.52
C THR D 395 -10.85 17.57 2.69
N PHE D 396 -10.63 16.49 1.93
CA PHE D 396 -11.61 15.98 1.00
C PHE D 396 -13.00 15.88 1.63
N TRP D 397 -13.11 15.08 2.68
CA TRP D 397 -14.41 14.81 3.26
C TRP D 397 -15.16 16.08 3.64
N LYS D 398 -14.42 17.07 4.13
CA LYS D 398 -15.03 18.35 4.51
C LYS D 398 -15.66 19.04 3.30
N GLU D 399 -15.01 18.98 2.15
CA GLU D 399 -15.54 19.56 0.92
C GLU D 399 -16.63 18.71 0.29
N PHE D 400 -16.31 17.47 -0.04
CA PHE D 400 -17.18 16.67 -0.90
C PHE D 400 -17.92 15.51 -0.24
N GLY D 401 -17.90 15.50 1.09
CA GLY D 401 -18.60 14.47 1.87
C GLY D 401 -19.98 14.16 1.34
N THR D 402 -20.78 15.21 1.19
CA THR D 402 -22.18 15.07 0.74
C THR D 402 -22.29 14.38 -0.63
N ASN D 403 -21.37 14.71 -1.53
CA ASN D 403 -21.32 14.10 -2.85
C ASN D 403 -21.22 12.61 -2.75
N ILE D 404 -20.26 12.14 -1.96
CA ILE D 404 -20.07 10.72 -1.74
C ILE D 404 -21.37 10.14 -1.21
N LYS D 405 -21.94 10.80 -0.20
CA LYS D 405 -23.21 10.38 0.40
C LYS D 405 -24.31 10.32 -0.65
N LEU D 406 -24.33 11.27 -1.56
CA LEU D 406 -25.26 11.24 -2.67
C LEU D 406 -24.96 10.12 -3.64
N GLY D 407 -23.67 9.83 -3.82
CA GLY D 407 -23.21 8.79 -4.73
C GLY D 407 -23.76 7.43 -4.35
N VAL D 408 -23.72 7.14 -3.05
CA VAL D 408 -24.26 5.90 -2.53
C VAL D 408 -25.74 5.71 -2.92
N ILE D 409 -26.40 6.84 -3.15
CA ILE D 409 -27.81 6.85 -3.47
C ILE D 409 -28.02 6.70 -4.98
N GLU D 410 -27.31 7.50 -5.79
CA GLU D 410 -27.43 7.43 -7.25
C GLU D 410 -26.80 6.17 -7.86
N ASP D 411 -25.50 6.02 -7.62
CA ASP D 411 -24.68 5.04 -8.31
C ASP D 411 -24.75 3.69 -7.64
N HIS D 412 -25.69 2.84 -8.07
CA HIS D 412 -25.84 1.51 -7.48
C HIS D 412 -24.70 0.58 -7.89
N SER D 413 -24.18 0.80 -9.09
CA SER D 413 -23.10 -0.02 -9.62
C SER D 413 -21.74 0.26 -8.97
N ASN D 414 -21.65 1.32 -8.18
CA ASN D 414 -20.42 1.58 -7.45
C ASN D 414 -20.67 1.64 -5.97
N ARG D 415 -21.89 1.28 -5.58
CA ARG D 415 -22.38 1.42 -4.22
C ARG D 415 -21.40 0.94 -3.14
N THR D 416 -20.69 -0.17 -3.41
CA THR D 416 -19.74 -0.70 -2.42
C THR D 416 -18.46 0.10 -2.36
N ARG D 417 -17.95 0.49 -3.53
CA ARG D 417 -16.74 1.29 -3.61
C ARG D 417 -16.98 2.55 -2.85
N LEU D 418 -18.18 3.10 -2.98
CA LEU D 418 -18.54 4.33 -2.29
C LEU D 418 -18.67 4.12 -0.79
N ALA D 419 -19.52 3.17 -0.37
CA ALA D 419 -19.70 2.89 1.06
C ALA D 419 -18.38 2.93 1.83
N LYS D 420 -17.35 2.33 1.25
CA LYS D 420 -16.05 2.31 1.90
C LYS D 420 -15.43 3.71 2.01
N LEU D 421 -16.00 4.67 1.27
CA LEU D 421 -15.51 6.04 1.28
C LEU D 421 -16.23 6.91 2.30
N LEU D 422 -17.32 6.39 2.86
CA LEU D 422 -18.14 7.20 3.76
C LEU D 422 -17.40 7.42 5.07
N ARG D 423 -17.69 8.56 5.70
CA ARG D 423 -17.19 8.91 7.04
C ARG D 423 -18.29 9.54 7.90
N PHE D 424 -18.30 9.22 9.20
CA PHE D 424 -19.27 9.80 10.10
C PHE D 424 -18.63 10.11 11.41
N GLN D 425 -19.33 10.87 12.24
CA GLN D 425 -18.94 11.05 13.63
C GLN D 425 -19.50 9.87 14.35
N SER D 426 -18.94 9.54 15.50
CA SER D 426 -19.47 8.43 16.27
C SER D 426 -19.00 8.51 17.68
N SER D 427 -19.58 7.61 18.49
CA SER D 427 -19.38 7.61 19.94
C SER D 427 -17.94 7.33 20.33
N HIS D 428 -17.16 6.90 19.35
CA HIS D 428 -15.77 6.54 19.59
C HIS D 428 -14.86 7.74 19.96
N HIS D 429 -15.27 8.94 19.56
CA HIS D 429 -14.46 10.13 19.72
C HIS D 429 -15.30 11.40 19.57
N PRO D 430 -15.07 12.40 20.46
CA PRO D 430 -15.68 13.74 20.49
C PRO D 430 -15.80 14.47 19.16
N SER D 431 -14.75 14.47 18.34
CA SER D 431 -14.76 15.25 17.10
C SER D 431 -14.34 14.47 15.83
N ASP D 432 -13.34 13.59 15.94
CA ASP D 432 -12.83 12.81 14.80
C ASP D 432 -13.91 12.03 14.07
N ILE D 433 -13.82 12.00 12.76
CA ILE D 433 -14.73 11.18 11.98
C ILE D 433 -14.17 9.77 11.82
N THR D 434 -15.05 8.78 11.67
CA THR D 434 -14.62 7.39 11.50
C THR D 434 -15.22 6.80 10.24
N SER D 435 -14.55 5.83 9.63
CA SER D 435 -15.07 5.16 8.45
C SER D 435 -15.94 4.06 8.94
N LEU D 436 -16.61 3.38 8.04
CA LEU D 436 -17.41 2.21 8.41
C LEU D 436 -16.57 0.93 8.67
N ASP D 437 -15.47 0.78 7.92
CA ASP D 437 -14.51 -0.27 8.20
C ASP D 437 -13.96 -0.13 9.60
N GLN D 438 -13.47 1.07 9.94
CA GLN D 438 -12.98 1.36 11.30
C GLN D 438 -14.01 1.03 12.38
N TYR D 439 -15.29 1.14 12.04
CA TYR D 439 -16.34 0.87 13.00
C TYR D 439 -16.41 -0.64 13.13
N VAL D 440 -16.34 -1.34 12.01
CA VAL D 440 -16.53 -2.76 12.09
C VAL D 440 -15.39 -3.39 12.91
N GLU D 441 -14.14 -3.01 12.58
CA GLU D 441 -12.95 -3.48 13.30
C GLU D 441 -13.17 -3.40 14.81
N ARG D 442 -13.94 -2.41 15.25
CA ARG D 442 -14.15 -2.17 16.68
C ARG D 442 -15.30 -2.95 17.33
N MET D 443 -16.21 -3.52 16.54
CA MET D 443 -17.46 -4.16 17.08
C MET D 443 -17.21 -5.28 18.08
N LYS D 444 -18.24 -5.65 18.86
CA LYS D 444 -18.13 -6.81 19.74
C LYS D 444 -18.46 -8.03 18.93
N GLU D 445 -17.96 -9.19 19.36
CA GLU D 445 -17.97 -10.48 18.58
C GLU D 445 -19.39 -10.90 18.13
N LYS D 446 -20.38 -10.62 18.99
CA LYS D 446 -21.74 -11.03 18.70
C LYS D 446 -22.60 -9.89 18.19
N GLN D 447 -21.99 -8.71 18.03
CA GLN D 447 -22.71 -7.54 17.52
C GLN D 447 -22.75 -7.60 16.02
N ASP D 448 -23.95 -7.72 15.46
CA ASP D 448 -24.11 -7.81 14.01
C ASP D 448 -24.89 -6.66 13.41
N LYS D 449 -25.07 -5.62 14.22
CA LYS D 449 -25.78 -4.41 13.80
C LYS D 449 -24.86 -3.21 13.95
N ILE D 450 -24.83 -2.35 12.95
CA ILE D 450 -24.15 -1.07 13.09
C ILE D 450 -25.18 -0.06 13.56
N TYR D 451 -25.00 0.46 14.76
CA TYR D 451 -25.99 1.36 15.35
C TYR D 451 -25.78 2.82 14.98
N PHE D 452 -26.86 3.48 14.58
CA PHE D 452 -26.84 4.90 14.31
C PHE D 452 -27.99 5.59 15.00
N MET D 453 -27.70 6.76 15.53
CA MET D 453 -28.70 7.71 16.03
C MET D 453 -28.77 8.94 15.11
N ALA D 454 -29.93 9.19 14.53
CA ALA D 454 -30.08 10.35 13.67
C ALA D 454 -30.31 11.55 14.57
N GLY D 455 -29.79 12.72 14.19
CA GLY D 455 -30.08 13.96 14.92
C GLY D 455 -30.04 15.18 14.01
N SER D 456 -30.22 16.35 14.59
CA SER D 456 -30.14 17.59 13.82
C SER D 456 -28.73 18.15 13.99
N SER D 457 -28.11 17.78 15.09
CA SER D 457 -26.72 18.14 15.38
C SER D 457 -26.17 17.00 16.22
N ARG D 458 -24.84 16.97 16.35
CA ARG D 458 -24.17 15.91 17.10
C ARG D 458 -24.61 15.91 18.55
N LYS D 459 -24.67 17.09 19.17
CA LYS D 459 -25.01 17.24 20.57
C LYS D 459 -26.41 16.70 20.86
N GLU D 460 -27.31 16.85 19.89
CA GLU D 460 -28.67 16.32 19.98
C GLU D 460 -28.65 14.81 20.04
N ALA D 461 -27.94 14.22 19.09
CA ALA D 461 -27.95 12.80 18.90
C ALA D 461 -27.20 12.09 20.00
N GLU D 462 -26.10 12.65 20.45
CA GLU D 462 -25.29 12.00 21.48
C GLU D 462 -25.99 12.01 22.84
N SER D 463 -26.83 13.02 23.09
CA SER D 463 -27.45 13.22 24.39
C SER D 463 -28.75 12.44 24.46
N SER D 464 -29.05 11.77 23.36
CA SER D 464 -30.25 10.96 23.21
C SER D 464 -30.33 9.89 24.28
N PRO D 465 -31.53 9.62 24.76
CA PRO D 465 -31.67 8.59 25.77
C PRO D 465 -31.49 7.20 25.20
N PHE D 466 -31.59 7.07 23.88
CA PHE D 466 -31.54 5.77 23.24
C PHE D 466 -30.12 5.18 23.26
N VAL D 467 -29.12 6.05 23.08
CA VAL D 467 -27.70 5.70 23.10
C VAL D 467 -27.22 5.28 24.49
N GLU D 468 -27.70 5.95 25.52
CA GLU D 468 -27.37 5.62 26.91
C GLU D 468 -26.98 4.17 27.09
N ARG D 469 -27.92 3.26 26.89
CA ARG D 469 -27.70 1.85 27.20
C ARG D 469 -26.67 1.24 26.27
N LEU D 470 -26.70 1.63 25.00
CA LEU D 470 -25.75 1.17 23.99
C LEU D 470 -24.32 1.54 24.41
N LEU D 471 -24.05 2.84 24.55
CA LEU D 471 -22.77 3.32 25.06
C LEU D 471 -22.33 2.66 26.37
N LYS D 472 -23.18 2.69 27.39
CA LYS D 472 -22.83 2.08 28.67
C LYS D 472 -22.44 0.58 28.57
N LYS D 473 -23.03 -0.12 27.61
CA LYS D 473 -22.67 -1.49 27.39
C LYS D 473 -21.57 -1.58 26.31
N GLY D 474 -20.88 -0.44 26.14
CA GLY D 474 -19.70 -0.33 25.28
C GLY D 474 -19.92 -0.69 23.83
N TYR D 475 -21.08 -0.35 23.30
CA TYR D 475 -21.30 -0.36 21.87
C TYR D 475 -20.91 1.01 21.32
N GLU D 476 -20.83 1.12 20.02
CA GLU D 476 -20.50 2.38 19.40
C GLU D 476 -21.72 2.73 18.59
N VAL D 477 -22.04 4.02 18.57
CA VAL D 477 -23.14 4.49 17.77
C VAL D 477 -22.67 5.58 16.83
N ILE D 478 -23.10 5.50 15.57
CA ILE D 478 -22.81 6.48 14.55
C ILE D 478 -23.81 7.63 14.63
N TYR D 479 -23.36 8.87 14.52
CA TYR D 479 -24.26 10.00 14.61
C TYR D 479 -24.46 10.57 13.23
N LEU D 480 -25.69 10.46 12.74
CA LEU D 480 -26.07 11.09 11.48
C LEU D 480 -26.70 12.49 11.74
N THR D 481 -26.01 13.53 11.30
CA THR D 481 -26.40 14.88 11.62
C THR D 481 -26.80 15.68 10.39
N GLU D 482 -26.39 15.23 9.22
CA GLU D 482 -26.83 15.87 7.97
C GLU D 482 -28.12 15.24 7.49
N PRO D 483 -28.93 15.97 6.72
CA PRO D 483 -30.25 15.42 6.37
C PRO D 483 -30.15 14.31 5.33
N VAL D 484 -29.10 14.35 4.51
CA VAL D 484 -28.83 13.32 3.51
C VAL D 484 -28.41 11.97 4.12
N ASP D 485 -27.78 12.01 5.29
CA ASP D 485 -27.26 10.82 5.96
C ASP D 485 -28.22 9.68 6.07
N GLU D 486 -29.42 9.91 6.54
CA GLU D 486 -30.36 8.81 6.77
C GLU D 486 -30.86 8.20 5.47
N TYR D 487 -30.80 8.97 4.40
CA TYR D 487 -31.18 8.47 3.08
C TYR D 487 -30.04 7.71 2.41
N CYS D 488 -28.80 8.06 2.77
CA CYS D 488 -27.59 7.33 2.41
C CYS D 488 -27.67 5.94 3.01
N ILE D 489 -27.55 5.87 4.33
CA ILE D 489 -27.76 4.65 5.09
C ILE D 489 -29.03 3.90 4.70
N GLN D 490 -30.07 4.60 4.31
CA GLN D 490 -31.31 3.91 3.93
C GLN D 490 -31.13 3.24 2.57
N ALA D 491 -30.11 3.66 1.83
CA ALA D 491 -29.83 3.09 0.49
C ALA D 491 -28.72 2.06 0.55
N LEU D 492 -28.31 1.74 1.75
CA LEU D 492 -27.21 0.85 2.01
C LEU D 492 -27.72 -0.29 2.88
N PRO D 493 -27.95 -1.45 2.26
CA PRO D 493 -28.55 -2.62 2.88
C PRO D 493 -27.66 -3.17 3.99
N GLU D 494 -26.53 -3.74 3.59
CA GLU D 494 -25.55 -4.24 4.52
C GLU D 494 -24.25 -3.48 4.29
N PHE D 495 -23.36 -3.50 5.27
CA PHE D 495 -21.99 -3.14 5.03
C PHE D 495 -21.13 -4.16 5.70
N ASP D 496 -20.45 -4.95 4.87
CA ASP D 496 -19.54 -6.01 5.31
C ASP D 496 -20.34 -7.05 6.11
N GLY D 497 -21.46 -7.48 5.54
CA GLY D 497 -22.33 -8.45 6.19
C GLY D 497 -23.02 -7.97 7.44
N LYS D 498 -22.89 -6.69 7.76
CA LYS D 498 -23.55 -6.13 8.91
C LYS D 498 -24.72 -5.29 8.43
N ARG D 499 -25.86 -5.41 9.12
CA ARG D 499 -27.03 -4.59 8.86
C ARG D 499 -26.93 -3.37 9.79
N PHE D 500 -27.40 -2.21 9.29
CA PHE D 500 -27.68 -1.00 10.09
C PHE D 500 -28.92 -1.07 11.01
N GLN D 501 -28.85 -0.34 12.11
CA GLN D 501 -29.92 -0.32 13.07
C GLN D 501 -30.08 1.06 13.69
N ASN D 502 -31.25 1.66 13.49
CA ASN D 502 -31.62 2.94 14.09
C ASN D 502 -31.90 2.74 15.56
N VAL D 503 -30.98 3.16 16.42
CA VAL D 503 -31.19 3.01 17.87
C VAL D 503 -32.56 3.49 18.38
N ALA D 504 -33.08 4.52 17.72
CA ALA D 504 -34.31 5.16 18.14
C ALA D 504 -35.49 4.29 17.73
N LYS D 505 -35.21 3.14 17.12
CA LYS D 505 -36.26 2.25 16.64
C LYS D 505 -36.18 0.93 17.35
N GLU D 506 -37.20 0.09 17.14
CA GLU D 506 -37.20 -1.27 17.69
C GLU D 506 -36.25 -2.20 16.90
N LYS E 44 -18.99 33.33 -10.88
CA LYS E 44 -18.58 31.90 -10.75
C LYS E 44 -17.71 31.64 -9.52
N ASN E 45 -17.19 32.72 -8.93
CA ASN E 45 -16.43 32.61 -7.68
C ASN E 45 -16.91 33.64 -6.67
N LYS E 46 -18.23 33.76 -6.56
CA LYS E 46 -18.90 34.79 -5.76
C LYS E 46 -18.47 34.85 -4.29
N GLU E 47 -18.21 33.68 -3.70
CA GLU E 47 -17.81 33.56 -2.28
C GLU E 47 -16.63 34.47 -1.88
N ILE E 48 -15.78 34.78 -2.86
CA ILE E 48 -14.66 35.71 -2.69
C ILE E 48 -15.03 36.99 -1.91
N PHE E 49 -16.29 37.41 -2.01
CA PHE E 49 -16.79 38.61 -1.34
C PHE E 49 -16.48 38.62 0.16
N LEU E 50 -16.64 37.48 0.82
CA LEU E 50 -16.49 37.37 2.27
C LEU E 50 -15.03 37.38 2.69
N ARG E 51 -14.17 36.81 1.84
CA ARG E 51 -12.73 36.94 1.99
C ARG E 51 -12.35 38.41 1.89
N GLU E 52 -12.94 39.09 0.89
CA GLU E 52 -12.63 40.49 0.65
C GLU E 52 -13.10 41.39 1.79
N LEU E 53 -14.27 41.12 2.33
CA LEU E 53 -14.80 41.85 3.50
C LEU E 53 -13.97 41.60 4.75
N ILE E 54 -13.68 40.33 5.02
CA ILE E 54 -12.84 39.95 6.14
C ILE E 54 -11.48 40.64 6.00
N SER E 55 -10.94 40.63 4.78
CA SER E 55 -9.65 41.24 4.45
C SER E 55 -9.54 42.71 4.88
N ASN E 56 -10.56 43.48 4.52
CA ASN E 56 -10.62 44.92 4.85
C ASN E 56 -10.82 45.18 6.34
N ALA E 57 -11.70 44.39 6.96
CA ALA E 57 -11.93 44.45 8.40
C ALA E 57 -10.61 44.38 9.14
N SER E 58 -9.78 43.40 8.75
CA SER E 58 -8.43 43.22 9.28
C SER E 58 -7.52 44.44 9.06
N ASP E 59 -7.65 45.09 7.91
CA ASP E 59 -6.85 46.29 7.59
C ASP E 59 -7.32 47.51 8.37
N ALA E 60 -8.63 47.58 8.60
CA ALA E 60 -9.20 48.61 9.46
C ALA E 60 -8.69 48.42 10.88
N LEU E 61 -8.67 47.18 11.34
CA LEU E 61 -8.16 46.84 12.67
C LEU E 61 -6.66 47.11 12.83
N ASP E 62 -5.90 46.82 11.79
CA ASP E 62 -4.47 47.13 11.73
C ASP E 62 -4.19 48.64 11.73
N LYS E 63 -5.12 49.41 11.19
CA LYS E 63 -4.98 50.87 11.07
C LYS E 63 -5.16 51.57 12.40
N ILE E 64 -6.18 51.15 13.14
CA ILE E 64 -6.49 51.75 14.45
C ILE E 64 -5.41 51.40 15.47
N ARG E 65 -4.81 50.22 15.30
CA ARG E 65 -3.77 49.73 16.16
C ARG E 65 -2.51 50.60 16.03
N LEU E 66 -2.13 50.89 14.78
CA LEU E 66 -1.02 51.80 14.49
C LEU E 66 -1.23 53.16 15.13
N ILE E 67 -2.47 53.62 15.06
CA ILE E 67 -2.84 54.89 15.64
C ILE E 67 -2.64 54.87 17.15
N SER E 68 -3.12 53.81 17.80
CA SER E 68 -3.05 53.68 19.26
C SER E 68 -1.62 53.58 19.81
N LEU E 69 -0.62 53.54 18.92
CA LEU E 69 0.77 53.56 19.32
C LEU E 69 1.22 54.97 19.74
N THR E 70 0.79 55.98 18.99
CA THR E 70 1.12 57.37 19.30
C THR E 70 -0.03 58.04 20.03
N ASP E 71 -1.26 57.59 19.76
CA ASP E 71 -2.47 58.17 20.35
C ASP E 71 -2.95 57.31 21.54
N GLU E 72 -2.90 57.89 22.74
CA GLU E 72 -3.26 57.18 23.97
C GLU E 72 -4.76 56.89 24.09
N ASN E 73 -5.58 57.67 23.37
CA ASN E 73 -7.03 57.62 23.51
C ASN E 73 -7.74 56.77 22.48
N ALA E 74 -7.05 56.48 21.37
CA ALA E 74 -7.62 55.83 20.19
C ALA E 74 -8.73 54.81 20.47
N LEU E 75 -8.50 53.92 21.44
CA LEU E 75 -9.41 52.81 21.71
C LEU E 75 -10.45 53.07 22.80
N ALA E 76 -10.61 54.32 23.20
CA ALA E 76 -11.58 54.68 24.24
C ALA E 76 -13.02 54.49 23.79
N GLY E 77 -13.28 54.62 22.49
CA GLY E 77 -14.62 54.45 21.93
C GLY E 77 -15.11 53.02 22.03
N ASN E 78 -14.17 52.08 21.94
CA ASN E 78 -14.44 50.64 22.02
C ASN E 78 -13.12 49.94 22.31
N GLU E 79 -13.04 49.26 23.45
CA GLU E 79 -11.78 48.63 23.86
C GLU E 79 -11.38 47.38 23.06
N GLU E 80 -12.35 46.73 22.42
CA GLU E 80 -12.10 45.48 21.68
C GLU E 80 -11.61 45.70 20.24
N LEU E 81 -10.90 44.72 19.70
CA LEU E 81 -10.48 44.74 18.31
C LEU E 81 -10.88 43.45 17.63
N THR E 82 -12.12 43.38 17.15
CA THR E 82 -12.68 42.13 16.63
C THR E 82 -13.53 42.33 15.38
N VAL E 83 -13.71 41.27 14.61
CA VAL E 83 -14.66 41.27 13.50
C VAL E 83 -15.84 40.40 13.91
N LYS E 84 -17.05 40.96 13.83
CA LYS E 84 -18.26 40.26 14.30
C LYS E 84 -19.31 40.11 13.21
N ILE E 85 -19.47 38.87 12.74
CA ILE E 85 -20.36 38.54 11.63
C ILE E 85 -21.68 37.92 12.13
N LYS E 86 -22.78 38.49 11.67
CA LYS E 86 -24.10 38.06 12.12
C LYS E 86 -25.02 37.81 10.93
N CYS E 87 -25.77 36.71 10.99
CA CYS E 87 -26.79 36.40 9.99
C CYS E 87 -28.15 36.90 10.43
N ASP E 88 -29.00 37.22 9.46
CA ASP E 88 -30.37 37.61 9.71
C ASP E 88 -31.26 37.08 8.58
N LYS E 89 -31.55 35.79 8.64
CA LYS E 89 -32.28 35.08 7.58
C LYS E 89 -33.67 35.65 7.31
N GLU E 90 -34.39 35.96 8.39
CA GLU E 90 -35.75 36.52 8.31
C GLU E 90 -35.78 37.89 7.61
N LYS E 91 -34.77 38.70 7.87
CA LYS E 91 -34.63 40.01 7.22
C LYS E 91 -33.75 39.93 5.97
N ASN E 92 -33.23 38.74 5.67
CA ASN E 92 -32.39 38.47 4.49
C ASN E 92 -31.06 39.25 4.51
N LEU E 93 -30.49 39.45 5.69
CA LEU E 93 -29.33 40.32 5.87
C LEU E 93 -28.03 39.60 6.26
N LEU E 94 -26.91 40.22 5.92
CA LEU E 94 -25.59 39.75 6.36
C LEU E 94 -24.73 40.91 6.88
N HIS E 95 -24.37 40.84 8.16
CA HIS E 95 -23.56 41.88 8.81
C HIS E 95 -22.11 41.43 9.00
N VAL E 96 -21.19 42.36 8.75
CA VAL E 96 -19.75 42.15 9.00
C VAL E 96 -19.18 43.38 9.71
N THR E 97 -19.14 43.31 11.05
CA THR E 97 -18.82 44.45 11.91
C THR E 97 -17.40 44.39 12.48
N ASP E 98 -16.56 45.33 12.08
CA ASP E 98 -15.24 45.47 12.66
C ASP E 98 -15.23 46.57 13.70
N THR E 99 -14.45 46.38 14.76
CA THR E 99 -14.27 47.45 15.73
C THR E 99 -13.04 48.26 15.34
N GLY E 100 -12.88 48.46 14.02
CA GLY E 100 -11.68 49.04 13.42
C GLY E 100 -11.55 50.55 13.54
N VAL E 101 -10.86 51.15 12.57
CA VAL E 101 -10.56 52.58 12.56
C VAL E 101 -11.80 53.43 12.32
N GLY E 102 -12.77 52.86 11.60
CA GLY E 102 -13.99 53.57 11.25
C GLY E 102 -13.79 54.59 10.15
N MET E 103 -14.89 55.25 9.77
CA MET E 103 -14.87 56.22 8.68
C MET E 103 -15.71 57.47 8.98
N THR E 104 -15.08 58.63 8.81
CA THR E 104 -15.75 59.92 8.86
C THR E 104 -16.72 60.05 7.69
N ARG E 105 -17.67 60.98 7.78
CA ARG E 105 -18.61 61.27 6.71
C ARG E 105 -17.90 61.63 5.40
N GLU E 106 -16.92 62.54 5.49
CA GLU E 106 -16.09 62.92 4.35
C GLU E 106 -15.36 61.73 3.73
N GLU E 107 -14.89 60.81 4.57
CA GLU E 107 -14.19 59.59 4.12
C GLU E 107 -15.11 58.61 3.37
N LEU E 108 -16.24 58.28 3.99
CA LEU E 108 -17.25 57.39 3.37
C LEU E 108 -17.59 57.80 1.94
N VAL E 109 -17.79 59.10 1.75
CA VAL E 109 -18.12 59.67 0.43
C VAL E 109 -16.97 59.51 -0.57
N LYS E 110 -15.76 59.85 -0.16
CA LYS E 110 -14.58 59.83 -1.03
C LYS E 110 -14.07 58.42 -1.31
N ASN E 111 -13.90 57.63 -0.25
CA ASN E 111 -13.29 56.30 -0.34
C ASN E 111 -14.14 55.24 -1.04
N LEU E 112 -15.46 55.45 -1.07
CA LEU E 112 -16.39 54.50 -1.69
C LEU E 112 -17.02 55.02 -3.01
N GLY E 113 -16.39 56.05 -3.59
CA GLY E 113 -16.75 56.58 -4.92
C GLY E 113 -15.54 56.82 -5.82
N THR E 114 -15.55 57.96 -6.52
CA THR E 114 -14.41 58.38 -7.36
C THR E 114 -13.98 59.81 -7.04
N VAL E 146 -9.45 50.92 -3.86
CA VAL E 146 -10.06 50.03 -2.88
C VAL E 146 -10.72 48.81 -3.52
N GLY E 147 -10.64 47.66 -2.84
CA GLY E 147 -11.20 46.39 -3.31
C GLY E 147 -12.28 45.80 -2.42
N PHE E 148 -13.47 46.42 -2.47
CA PHE E 148 -14.58 46.14 -1.55
C PHE E 148 -15.92 45.88 -2.28
N TYR E 149 -15.91 46.03 -3.60
CA TYR E 149 -17.12 46.07 -4.42
C TYR E 149 -17.63 44.70 -4.88
N SER E 150 -16.82 43.66 -4.65
CA SER E 150 -17.21 42.28 -4.91
C SER E 150 -18.46 41.91 -4.12
N ALA E 151 -18.74 42.68 -3.06
CA ALA E 151 -19.95 42.51 -2.25
C ALA E 151 -21.23 42.68 -3.07
N PHE E 152 -21.13 43.33 -4.23
CA PHE E 152 -22.27 43.50 -5.14
C PHE E 152 -22.58 42.24 -5.96
N LEU E 153 -21.63 41.29 -5.97
CA LEU E 153 -21.85 39.97 -6.59
C LEU E 153 -22.98 39.21 -5.90
N VAL E 154 -23.12 39.40 -4.59
CA VAL E 154 -24.09 38.66 -3.77
C VAL E 154 -25.22 39.52 -3.20
N ALA E 155 -25.11 40.85 -3.34
CA ALA E 155 -26.08 41.77 -2.73
C ALA E 155 -26.69 42.79 -3.69
N ASP E 156 -27.97 43.08 -3.46
CA ASP E 156 -28.71 44.12 -4.19
C ASP E 156 -28.50 45.50 -3.57
N LYS E 157 -28.18 45.53 -2.28
CA LYS E 157 -27.97 46.78 -1.56
C LYS E 157 -26.87 46.60 -0.50
N VAL E 158 -25.92 47.53 -0.48
CA VAL E 158 -24.82 47.52 0.49
C VAL E 158 -24.92 48.73 1.43
N ILE E 159 -25.01 48.48 2.72
CA ILE E 159 -25.13 49.56 3.72
C ILE E 159 -23.93 49.59 4.65
N VAL E 160 -23.14 50.67 4.56
CA VAL E 160 -21.95 50.84 5.38
C VAL E 160 -22.20 51.80 6.53
N THR E 161 -22.29 51.25 7.74
CA THR E 161 -22.45 52.04 8.95
C THR E 161 -21.09 52.17 9.64
N SER E 162 -20.60 53.40 9.79
CA SER E 162 -19.28 53.62 10.36
C SER E 162 -19.18 54.71 11.42
N LYS E 163 -18.15 54.59 12.26
CA LYS E 163 -17.88 55.51 13.34
C LYS E 163 -16.37 55.71 13.47
N HIS E 164 -15.91 56.91 13.15
CA HIS E 164 -14.50 57.26 13.26
C HIS E 164 -14.35 58.15 14.48
N ASN E 165 -13.15 58.16 15.07
CA ASN E 165 -12.89 58.94 16.28
C ASN E 165 -13.05 60.45 16.13
N ASN E 166 -12.87 60.96 14.92
CA ASN E 166 -12.94 62.40 14.65
C ASN E 166 -14.29 62.89 14.12
N ASP E 167 -15.31 62.04 14.23
CA ASP E 167 -16.62 62.29 13.63
C ASP E 167 -17.72 61.55 14.38
N THR E 168 -18.97 61.90 14.10
CA THR E 168 -20.13 61.19 14.63
C THR E 168 -20.48 60.06 13.67
N GLN E 169 -21.24 59.08 14.14
CA GLN E 169 -21.62 57.91 13.32
C GLN E 169 -22.34 58.30 12.02
N HIS E 170 -22.18 57.46 10.99
CA HIS E 170 -22.76 57.72 9.66
C HIS E 170 -23.23 56.46 8.93
N ILE E 171 -24.06 56.65 7.92
CA ILE E 171 -24.55 55.54 7.10
C ILE E 171 -24.40 55.86 5.61
N TRP E 172 -23.73 54.96 4.91
CA TRP E 172 -23.59 55.02 3.46
C TRP E 172 -24.36 53.84 2.89
N GLU E 173 -25.16 54.09 1.86
CA GLU E 173 -25.94 53.02 1.23
C GLU E 173 -25.93 53.13 -0.29
N SER E 174 -26.03 51.99 -0.97
CA SER E 174 -25.90 51.94 -2.42
C SER E 174 -26.51 50.71 -3.06
N ASP E 175 -27.27 50.92 -4.13
CA ASP E 175 -27.72 49.85 -5.02
C ASP E 175 -26.83 49.77 -6.28
N SER E 176 -25.63 50.35 -6.18
CA SER E 176 -24.62 50.44 -7.26
C SER E 176 -24.99 51.38 -8.43
N ASN E 177 -26.15 52.03 -8.33
CA ASN E 177 -26.60 53.02 -9.31
C ASN E 177 -26.37 54.45 -8.84
N GLU E 178 -26.17 54.58 -7.53
CA GLU E 178 -25.95 55.86 -6.83
C GLU E 178 -25.58 55.55 -5.38
N PHE E 179 -25.42 56.59 -4.56
CA PHE E 179 -25.27 56.42 -3.11
C PHE E 179 -25.64 57.68 -2.30
N SER E 180 -25.95 57.48 -1.03
CA SER E 180 -26.30 58.58 -0.11
C SER E 180 -25.68 58.36 1.27
N VAL E 181 -25.10 59.41 1.83
CA VAL E 181 -24.55 59.35 3.18
C VAL E 181 -25.33 60.25 4.13
N ILE E 182 -25.95 59.64 5.14
CA ILE E 182 -26.72 60.35 6.16
C ILE E 182 -26.08 60.12 7.53
N ALA E 183 -26.33 61.01 8.48
CA ALA E 183 -25.90 60.79 9.86
C ALA E 183 -26.78 59.71 10.47
N ASP E 184 -26.23 58.91 11.40
CA ASP E 184 -26.96 57.78 11.97
C ASP E 184 -27.97 58.19 13.05
N PRO E 185 -29.27 58.01 12.76
CA PRO E 185 -30.36 58.30 13.69
C PRO E 185 -30.20 57.66 15.06
N ARG E 186 -29.64 56.47 15.10
CA ARG E 186 -29.46 55.77 16.35
C ARG E 186 -28.35 56.39 17.19
N GLY E 187 -27.56 57.27 16.58
CA GLY E 187 -26.40 57.88 17.23
C GLY E 187 -25.19 56.98 17.18
N ASN E 188 -24.24 57.21 18.09
CA ASN E 188 -23.04 56.39 18.19
C ASN E 188 -23.34 55.00 18.77
N THR E 189 -23.82 54.09 17.93
CA THR E 189 -24.09 52.71 18.36
C THR E 189 -22.84 51.82 18.29
N LEU E 190 -21.85 52.23 17.50
CA LEU E 190 -20.66 51.40 17.26
C LEU E 190 -19.50 51.67 18.22
N GLY E 191 -19.47 52.85 18.82
CA GLY E 191 -18.34 53.28 19.65
C GLY E 191 -17.19 53.67 18.76
N ARG E 192 -16.65 52.67 18.05
CA ARG E 192 -15.72 52.86 16.94
C ARG E 192 -15.84 51.67 15.99
N GLY E 193 -15.58 51.90 14.72
CA GLY E 193 -15.58 50.84 13.73
C GLY E 193 -16.57 51.00 12.60
N THR E 194 -16.92 49.87 11.98
CA THR E 194 -17.66 49.84 10.72
C THR E 194 -18.52 48.60 10.64
N THR E 195 -19.74 48.72 10.11
CA THR E 195 -20.58 47.56 9.81
C THR E 195 -21.02 47.54 8.34
N ILE E 196 -20.66 46.48 7.63
CA ILE E 196 -21.06 46.28 6.24
C ILE E 196 -22.30 45.38 6.19
N THR E 197 -23.45 46.00 6.03
CA THR E 197 -24.72 45.27 5.97
C THR E 197 -25.11 44.99 4.52
N LEU E 198 -25.21 43.72 4.18
CA LEU E 198 -25.58 43.31 2.83
C LEU E 198 -27.04 42.87 2.75
N VAL E 199 -27.82 43.53 1.89
CA VAL E 199 -29.16 43.05 1.54
C VAL E 199 -28.97 42.06 0.39
N LEU E 200 -29.00 40.77 0.73
CA LEU E 200 -28.57 39.71 -0.17
C LEU E 200 -29.53 39.41 -1.33
N LYS E 201 -28.96 39.08 -2.49
CA LYS E 201 -29.72 38.70 -3.67
C LYS E 201 -30.52 37.41 -3.40
N GLU E 202 -31.60 37.23 -4.16
CA GLU E 202 -32.46 36.04 -4.01
C GLU E 202 -31.79 34.74 -4.44
N GLU E 203 -30.67 34.85 -5.16
CA GLU E 203 -29.88 33.69 -5.59
C GLU E 203 -28.68 33.43 -4.68
N ALA E 204 -28.50 34.28 -3.67
CA ALA E 204 -27.40 34.13 -2.71
C ALA E 204 -27.94 33.88 -1.29
N SER E 205 -29.11 33.25 -1.21
CA SER E 205 -29.77 32.96 0.06
C SER E 205 -29.02 31.91 0.89
N ASP E 206 -28.01 31.29 0.26
CA ASP E 206 -27.18 30.27 0.90
C ASP E 206 -26.16 30.85 1.89
N TYR E 207 -25.88 32.14 1.74
CA TYR E 207 -24.98 32.85 2.66
C TYR E 207 -25.73 33.33 3.92
N LEU E 208 -26.99 32.94 4.05
CA LEU E 208 -27.76 33.19 5.27
C LEU E 208 -27.64 32.02 6.24
N GLU E 209 -27.23 30.86 5.72
CA GLU E 209 -27.07 29.64 6.51
C GLU E 209 -25.79 29.68 7.34
N LEU E 210 -25.94 29.46 8.65
CA LEU E 210 -24.82 29.53 9.60
C LEU E 210 -23.65 28.63 9.23
N ASP E 211 -23.94 27.40 8.81
CA ASP E 211 -22.92 26.41 8.51
C ASP E 211 -22.13 26.74 7.25
N THR E 212 -22.78 27.35 6.25
CA THR E 212 -22.10 27.85 5.06
C THR E 212 -21.13 28.95 5.45
N ILE E 213 -21.63 29.91 6.23
CA ILE E 213 -20.87 31.09 6.67
C ILE E 213 -19.67 30.72 7.54
N LYS E 214 -19.90 29.91 8.58
CA LYS E 214 -18.82 29.43 9.47
C LYS E 214 -17.68 28.82 8.65
N ASN E 215 -18.04 27.93 7.71
CA ASN E 215 -17.12 27.28 6.79
C ASN E 215 -16.30 28.28 5.96
N LEU E 216 -16.97 29.28 5.39
CA LEU E 216 -16.32 30.31 4.58
C LEU E 216 -15.43 31.19 5.44
N VAL E 217 -16.00 31.73 6.52
CA VAL E 217 -15.25 32.54 7.47
C VAL E 217 -13.98 31.79 7.88
N LYS E 218 -14.15 30.63 8.51
CA LYS E 218 -13.02 29.80 8.97
C LYS E 218 -11.93 29.62 7.90
N LYS E 219 -12.35 29.45 6.64
CA LYS E 219 -11.40 29.29 5.52
C LYS E 219 -10.56 30.55 5.27
N TYR E 220 -11.23 31.70 5.22
CA TYR E 220 -10.56 32.97 4.96
C TYR E 220 -10.05 33.63 6.23
N SER E 221 -10.30 32.98 7.37
CA SER E 221 -9.85 33.44 8.68
C SER E 221 -8.39 33.11 8.91
N GLN E 222 -7.97 31.97 8.38
CA GLN E 222 -6.72 31.32 8.74
C GLN E 222 -5.57 32.26 9.10
N PHE E 223 -5.31 33.23 8.22
CA PHE E 223 -4.10 34.05 8.37
C PHE E 223 -4.34 35.45 8.91
N ILE E 224 -5.56 35.68 9.39
CA ILE E 224 -5.93 36.94 10.03
C ILE E 224 -5.49 36.90 11.51
N ASN E 225 -4.90 37.99 11.99
CA ASN E 225 -4.39 38.06 13.36
C ASN E 225 -5.36 38.73 14.32
N PHE E 226 -6.63 38.81 13.93
CA PHE E 226 -7.65 39.40 14.77
C PHE E 226 -8.79 38.41 14.96
N PRO E 227 -9.25 38.23 16.20
CA PRO E 227 -10.30 37.24 16.47
C PRO E 227 -11.54 37.56 15.62
N ILE E 228 -12.04 36.55 14.89
CA ILE E 228 -13.24 36.70 14.07
C ILE E 228 -14.36 35.86 14.67
N TYR E 229 -15.47 36.51 15.05
CA TYR E 229 -16.62 35.84 15.69
C TYR E 229 -17.85 35.79 14.79
N VAL E 230 -18.57 34.68 14.85
CA VAL E 230 -19.84 34.56 14.13
C VAL E 230 -20.96 34.28 15.14
N TRP E 231 -22.05 35.03 15.03
CA TRP E 231 -23.19 34.86 15.90
C TRP E 231 -23.90 33.55 15.57
N SER E 232 -23.66 32.55 16.40
CA SER E 232 -24.14 31.19 16.15
C SER E 232 -24.88 30.59 17.34
N SER E 233 -25.49 29.43 17.14
CA SER E 233 -26.22 28.75 18.20
C SER E 233 -25.45 27.55 18.75
N LYS E 234 -25.81 27.15 19.97
CA LYS E 234 -25.26 25.96 20.62
C LYS E 234 -26.31 25.32 21.53
N THR E 235 -26.25 24.00 21.66
CA THR E 235 -27.22 23.25 22.48
C THR E 235 -26.55 22.68 23.73
N LYS E 240 -30.58 23.31 26.01
CA LYS E 240 -31.41 24.10 25.11
C LYS E 240 -30.59 25.05 24.24
N THR E 241 -31.29 25.84 23.43
CA THR E 241 -30.66 26.72 22.45
C THR E 241 -30.12 28.01 23.08
N VAL E 242 -28.82 28.23 22.93
CA VAL E 242 -28.18 29.46 23.37
C VAL E 242 -27.38 30.04 22.20
N TRP E 243 -27.63 31.31 21.90
CA TRP E 243 -26.88 32.04 20.88
C TRP E 243 -25.75 32.85 21.51
N ASP E 244 -24.58 32.81 20.87
CA ASP E 244 -23.40 33.54 21.35
C ASP E 244 -22.35 33.75 20.24
N TRP E 245 -21.29 34.50 20.56
CA TRP E 245 -20.16 34.65 19.64
C TRP E 245 -19.25 33.42 19.73
N GLU E 246 -18.99 32.82 18.56
CA GLU E 246 -18.11 31.67 18.45
C GLU E 246 -16.88 32.08 17.65
N LEU E 247 -15.71 32.04 18.30
CA LEU E 247 -14.44 32.32 17.63
C LEU E 247 -14.18 31.36 16.46
N MET E 248 -13.59 31.88 15.38
CA MET E 248 -13.42 31.13 14.14
C MET E 248 -11.97 30.79 13.79
N ASN E 249 -11.02 31.53 14.37
CA ASN E 249 -9.62 31.40 13.97
C ASN E 249 -8.65 31.44 15.14
N ASP E 250 -7.37 31.28 14.83
CA ASP E 250 -6.32 31.44 15.81
C ASP E 250 -5.59 32.75 15.55
N ILE E 251 -5.79 33.69 16.48
CA ILE E 251 -5.12 35.00 16.50
C ILE E 251 -3.59 34.86 16.51
N LYS E 252 -3.11 33.68 16.93
CA LYS E 252 -1.68 33.38 17.00
C LYS E 252 -1.07 33.24 15.61
N PRO E 253 -0.12 34.13 15.27
CA PRO E 253 0.45 34.17 13.93
C PRO E 253 1.27 32.92 13.70
N ILE E 254 1.44 32.54 12.44
CA ILE E 254 2.14 31.31 12.14
C ILE E 254 3.65 31.45 12.31
N TRP E 255 4.18 32.65 12.05
CA TRP E 255 5.61 32.90 12.22
C TRP E 255 6.04 32.92 13.68
N GLN E 256 5.06 32.87 14.59
CA GLN E 256 5.34 32.87 16.01
C GLN E 256 5.28 31.46 16.58
N ARG E 257 4.80 30.53 15.77
CA ARG E 257 4.71 29.13 16.16
C ARG E 257 6.07 28.42 15.97
N PRO E 258 6.33 27.38 16.77
CA PRO E 258 7.55 26.58 16.58
C PRO E 258 7.47 25.81 15.27
N SER E 259 8.60 25.76 14.55
CA SER E 259 8.66 25.19 13.20
C SER E 259 8.19 23.73 13.13
N LYS E 260 8.62 22.93 14.10
CA LYS E 260 8.23 21.53 14.20
C LYS E 260 6.71 21.34 14.14
N GLU E 261 5.95 22.36 14.54
CA GLU E 261 4.49 22.29 14.60
C GLU E 261 3.78 22.86 13.37
N VAL E 262 4.55 23.48 12.47
CA VAL E 262 3.96 24.10 11.28
C VAL E 262 4.08 23.22 10.05
N GLU E 263 2.91 22.85 9.53
CA GLU E 263 2.80 21.98 8.36
C GLU E 263 3.26 22.70 7.10
N ASP E 264 3.76 21.94 6.14
CA ASP E 264 4.27 22.49 4.88
C ASP E 264 3.18 23.07 3.98
N ASP E 265 1.95 22.60 4.16
CA ASP E 265 0.80 23.18 3.46
C ASP E 265 0.58 24.61 3.90
N GLU E 266 0.63 24.80 5.22
CA GLU E 266 0.39 26.11 5.82
C GLU E 266 1.40 27.14 5.35
N TYR E 267 2.68 26.82 5.43
CA TYR E 267 3.73 27.70 4.93
C TYR E 267 3.43 28.17 3.51
N LYS E 268 2.94 27.25 2.68
CA LYS E 268 2.62 27.55 1.29
C LYS E 268 1.39 28.44 1.19
N ALA E 269 0.33 28.05 1.91
CA ALA E 269 -0.92 28.82 1.94
C ALA E 269 -0.68 30.26 2.37
N PHE E 270 0.01 30.41 3.50
CA PHE E 270 0.37 31.71 4.06
C PHE E 270 1.07 32.58 3.03
N TYR E 271 1.87 31.97 2.17
CA TYR E 271 2.52 32.73 1.13
C TYR E 271 1.50 33.19 0.12
N LYS E 272 0.61 32.29 -0.28
CA LYS E 272 -0.43 32.62 -1.25
C LYS E 272 -1.30 33.72 -0.69
N SER E 273 -1.62 33.63 0.60
CA SER E 273 -2.55 34.55 1.25
C SER E 273 -2.02 35.98 1.45
N PHE E 274 -0.84 36.29 0.92
CA PHE E 274 -0.41 37.70 0.91
C PHE E 274 0.28 38.19 -0.37
N SER E 275 0.05 37.48 -1.47
CA SER E 275 0.54 37.92 -2.78
C SER E 275 -0.34 37.38 -3.91
N LYS E 276 -1.38 36.63 -3.52
CA LYS E 276 -2.17 35.80 -4.44
C LYS E 276 -1.26 34.96 -5.35
N GLU E 277 -1.37 35.17 -6.68
CA GLU E 277 -0.71 34.33 -7.70
C GLU E 277 -1.05 32.87 -7.46
N SER E 278 -1.29 32.57 -6.18
CA SER E 278 -1.68 31.27 -5.67
C SER E 278 -0.86 30.11 -6.23
N ASP E 279 0.45 30.26 -6.26
CA ASP E 279 1.32 29.14 -6.62
C ASP E 279 2.35 29.01 -5.52
N ASP E 280 2.69 27.76 -5.21
CA ASP E 280 3.71 27.49 -4.19
C ASP E 280 4.89 28.45 -4.36
N PRO E 281 5.51 28.85 -3.25
CA PRO E 281 6.74 29.63 -3.40
C PRO E 281 7.87 28.67 -3.76
N MET E 282 8.89 29.16 -4.44
CA MET E 282 9.99 28.28 -4.85
C MET E 282 10.66 27.66 -3.63
N ALA E 283 10.85 28.45 -2.59
CA ALA E 283 11.38 27.96 -1.32
C ALA E 283 11.10 28.95 -0.21
N TYR E 284 10.83 28.42 0.99
CA TYR E 284 10.63 29.24 2.19
C TYR E 284 11.63 28.87 3.27
N ILE E 285 11.96 29.82 4.12
CA ILE E 285 12.77 29.53 5.30
C ILE E 285 12.05 30.14 6.49
N HIS E 286 12.03 29.45 7.61
CA HIS E 286 11.36 29.98 8.79
C HIS E 286 12.28 29.81 9.98
N PHE E 287 12.72 30.92 10.53
CA PHE E 287 13.71 30.86 11.57
C PHE E 287 13.43 31.88 12.65
N THR E 288 13.91 31.57 13.85
CA THR E 288 13.87 32.51 14.95
C THR E 288 15.30 32.95 15.28
N ALA E 289 15.53 34.26 15.25
CA ALA E 289 16.86 34.83 15.39
C ALA E 289 17.21 35.18 16.83
N GLU E 290 18.33 34.62 17.30
CA GLU E 290 18.88 34.94 18.60
C GLU E 290 20.10 35.84 18.41
N GLY E 291 20.41 36.63 19.43
CA GLY E 291 21.63 37.46 19.39
C GLY E 291 21.38 38.90 19.77
N GLU E 292 22.05 39.81 19.05
CA GLU E 292 21.96 41.25 19.33
C GLU E 292 20.53 41.75 19.26
N VAL E 293 19.80 41.23 18.27
CA VAL E 293 18.38 41.50 18.12
C VAL E 293 17.62 40.17 18.10
N THR E 294 16.41 40.17 18.64
CA THR E 294 15.56 38.98 18.63
C THR E 294 14.33 39.22 17.76
N PHE E 295 14.16 38.37 16.74
CA PHE E 295 12.96 38.39 15.91
C PHE E 295 12.67 37.04 15.27
N LYS E 296 11.39 36.73 15.16
CA LYS E 296 10.96 35.59 14.38
C LYS E 296 10.74 36.10 12.96
N SER E 297 10.54 35.21 12.01
CA SER E 297 10.46 35.62 10.60
C SER E 297 10.12 34.44 9.71
N ILE E 298 9.64 34.73 8.51
CA ILE E 298 9.55 33.75 7.44
C ILE E 298 9.88 34.51 6.17
N LEU E 299 10.75 33.95 5.34
CA LEU E 299 11.06 34.58 4.06
C LEU E 299 10.75 33.62 2.94
N PHE E 300 10.45 34.15 1.77
CA PHE E 300 10.07 33.32 0.64
C PHE E 300 10.84 33.67 -0.61
N VAL E 301 11.03 32.69 -1.47
CA VAL E 301 11.52 32.95 -2.80
C VAL E 301 10.37 32.68 -3.76
N PRO E 302 9.93 33.72 -4.47
CA PRO E 302 8.81 33.62 -5.41
C PRO E 302 9.15 32.73 -6.61
N THR E 303 8.13 32.10 -7.16
CA THR E 303 8.29 31.10 -8.23
C THR E 303 8.81 31.73 -9.50
N SER E 304 8.45 32.99 -9.71
CA SER E 304 8.87 33.72 -10.87
C SER E 304 9.37 35.09 -10.47
N ALA E 305 10.47 35.52 -11.07
CA ALA E 305 11.00 36.87 -10.89
C ALA E 305 9.96 37.86 -11.40
N PRO E 306 9.49 38.74 -10.51
CA PRO E 306 8.40 39.67 -10.83
C PRO E 306 8.79 40.72 -11.88
N ARG E 307 8.18 40.64 -13.06
CA ARG E 307 8.47 41.53 -14.18
C ARG E 307 7.19 42.11 -14.79
N TYR E 320 7.68 44.73 -0.11
CA TYR E 320 7.57 43.28 -0.17
C TYR E 320 7.56 42.61 1.21
N ILE E 321 8.36 43.13 2.13
CA ILE E 321 8.50 42.55 3.47
C ILE E 321 7.70 43.31 4.54
N LYS E 322 6.72 42.61 5.11
CA LYS E 322 5.88 43.17 6.18
C LYS E 322 6.59 43.03 7.52
N LEU E 323 6.86 44.15 8.17
CA LEU E 323 7.50 44.14 9.49
C LEU E 323 6.47 44.29 10.60
N TYR E 324 6.63 43.50 11.67
CA TYR E 324 5.79 43.62 12.85
C TYR E 324 6.67 43.90 14.04
N VAL E 325 6.11 44.57 15.04
CA VAL E 325 6.80 44.79 16.32
C VAL E 325 5.91 44.32 17.45
N ARG E 326 6.43 43.39 18.26
CA ARG E 326 5.67 42.69 19.29
C ARG E 326 4.31 42.24 18.78
N ARG E 327 4.29 41.67 17.57
CA ARG E 327 3.08 41.13 16.91
C ARG E 327 2.09 42.18 16.39
N VAL E 328 2.51 43.43 16.33
CA VAL E 328 1.66 44.53 15.86
C VAL E 328 2.15 45.02 14.51
N PHE E 329 1.27 44.99 13.50
CA PHE E 329 1.66 45.39 12.15
C PHE E 329 2.16 46.83 12.13
N ILE E 330 3.26 47.06 11.41
CA ILE E 330 3.84 48.40 11.32
C ILE E 330 3.85 48.94 9.90
N THR E 331 4.43 48.19 8.96
CA THR E 331 4.67 48.71 7.60
C THR E 331 4.98 47.60 6.60
N ASP E 332 5.17 47.98 5.33
CA ASP E 332 5.80 47.13 4.33
C ASP E 332 6.52 48.01 3.30
N ASP E 333 6.40 49.33 3.51
CA ASP E 333 7.05 50.33 2.67
C ASP E 333 8.55 50.46 3.00
N PHE E 334 9.04 49.58 3.85
CA PHE E 334 10.45 49.57 4.19
C PHE E 334 11.20 48.83 3.09
N HIS E 335 11.97 49.60 2.32
CA HIS E 335 12.65 49.07 1.15
C HIS E 335 14.13 48.73 1.40
N ASP E 336 14.78 49.51 2.27
CA ASP E 336 16.14 49.22 2.72
C ASP E 336 16.21 48.00 3.67
N MET E 337 15.09 47.29 3.80
CA MET E 337 15.07 46.00 4.51
C MET E 337 16.13 45.06 3.94
N MET E 338 15.98 44.73 2.66
CA MET E 338 16.91 43.86 1.94
C MET E 338 17.80 44.68 1.01
N PRO E 339 18.95 44.12 0.60
CA PRO E 339 19.73 44.76 -0.46
C PRO E 339 19.03 44.65 -1.81
N LYS E 340 19.58 45.33 -2.82
CA LYS E 340 18.91 45.41 -4.13
C LYS E 340 18.79 44.05 -4.81
N TYR E 341 19.88 43.31 -4.87
CA TYR E 341 19.90 42.02 -5.58
C TYR E 341 18.99 40.97 -4.95
N LEU E 342 18.49 41.25 -3.75
CA LEU E 342 17.59 40.35 -3.04
C LEU E 342 16.19 40.93 -2.84
N ASN E 343 15.82 41.85 -3.75
CA ASN E 343 14.51 42.52 -3.70
C ASN E 343 13.33 41.58 -3.89
N PHE E 344 13.56 40.46 -4.59
CA PHE E 344 12.48 39.52 -4.90
C PHE E 344 11.90 38.85 -3.65
N VAL E 345 12.66 38.86 -2.55
CA VAL E 345 12.26 38.16 -1.34
C VAL E 345 11.05 38.78 -0.69
N LYS E 346 10.09 37.94 -0.29
CA LYS E 346 8.87 38.38 0.39
C LYS E 346 8.81 37.75 1.76
N GLY E 347 8.04 38.34 2.65
CA GLY E 347 7.76 37.70 3.93
C GLY E 347 7.67 38.62 5.12
N VAL E 348 7.57 38.01 6.30
CA VAL E 348 7.37 38.74 7.54
C VAL E 348 8.60 38.74 8.44
N VAL E 349 8.78 39.84 9.17
CA VAL E 349 9.78 39.97 10.21
C VAL E 349 9.05 40.46 11.46
N ASP E 350 9.22 39.77 12.59
CA ASP E 350 8.47 40.12 13.78
C ASP E 350 9.34 40.36 15.01
N SER E 351 9.94 41.55 15.06
CA SER E 351 10.81 41.92 16.18
C SER E 351 10.03 42.03 17.47
N ASP E 352 10.71 41.81 18.58
CA ASP E 352 10.18 42.17 19.90
C ASP E 352 11.17 43.09 20.60
N ASP E 353 12.19 43.52 19.84
CA ASP E 353 13.25 44.40 20.33
C ASP E 353 13.13 45.86 19.86
N LEU E 354 12.57 46.06 18.67
CA LEU E 354 12.41 47.39 18.09
C LEU E 354 11.47 48.28 18.92
N PRO E 355 11.69 49.61 18.90
CA PRO E 355 10.74 50.55 19.52
C PRO E 355 9.36 50.52 18.85
N LEU E 356 8.38 50.01 19.59
CA LEU E 356 6.99 49.88 19.13
C LEU E 356 6.34 51.25 18.95
N ASN E 357 6.36 52.05 20.01
CA ASN E 357 5.71 53.35 20.03
C ASN E 357 6.62 54.47 19.53
N VAL E 358 7.03 54.37 18.27
CA VAL E 358 7.78 55.42 17.58
C VAL E 358 7.08 55.78 16.27
N SER E 359 7.55 56.86 15.63
CA SER E 359 7.17 57.19 14.26
C SER E 359 7.90 56.24 13.31
N ARG E 360 7.34 56.04 12.11
CA ARG E 360 7.97 55.20 11.08
C ARG E 360 9.24 55.84 10.52
N GLU E 361 9.34 57.18 10.59
CA GLU E 361 10.56 57.90 10.27
C GLU E 361 11.68 57.49 11.24
N THR E 362 11.38 57.58 12.54
CA THR E 362 12.29 57.18 13.62
C THR E 362 12.70 55.70 13.51
N LEU E 363 11.70 54.83 13.32
CA LEU E 363 11.93 53.38 13.21
C LEU E 363 12.88 52.99 12.06
N GLN E 364 12.79 53.66 10.92
CA GLN E 364 13.58 53.26 9.72
C GLN E 364 15.09 53.56 9.86
N GLN E 365 15.42 54.63 10.57
CA GLN E 365 16.82 54.98 10.77
C GLN E 365 17.40 54.32 12.04
N HIS E 366 16.62 53.43 12.64
CA HIS E 366 17.01 52.74 13.86
C HIS E 366 18.17 51.78 13.60
N LYS E 367 19.15 51.82 14.50
CA LYS E 367 20.38 51.04 14.39
C LYS E 367 20.13 49.53 14.31
N LEU E 368 19.15 49.06 15.09
CA LEU E 368 18.78 47.65 15.13
C LEU E 368 18.35 47.10 13.77
N LEU E 369 17.86 47.97 12.90
CA LEU E 369 17.43 47.57 11.56
C LEU E 369 18.58 47.05 10.70
N LYS E 370 19.70 47.76 10.74
CA LYS E 370 20.90 47.34 10.00
C LYS E 370 21.39 45.97 10.48
N VAL E 371 21.21 45.69 11.77
CA VAL E 371 21.46 44.38 12.35
C VAL E 371 20.47 43.36 11.81
N ILE E 372 19.18 43.70 11.87
CA ILE E 372 18.11 42.82 11.36
C ILE E 372 18.25 42.56 9.87
N ARG E 373 18.79 43.54 9.14
CA ARG E 373 19.08 43.37 7.72
C ARG E 373 20.10 42.26 7.50
N LYS E 374 21.28 42.40 8.11
CA LYS E 374 22.37 41.41 8.00
C LYS E 374 21.87 40.00 8.20
N LYS E 375 21.20 39.77 9.34
CA LYS E 375 20.66 38.46 9.68
C LYS E 375 19.74 37.91 8.58
N LEU E 376 18.90 38.78 8.01
CA LEU E 376 17.95 38.38 6.96
C LEU E 376 18.66 37.92 5.68
N VAL E 377 19.68 38.68 5.26
CA VAL E 377 20.43 38.31 4.08
C VAL E 377 21.07 36.93 4.27
N ARG E 378 21.74 36.75 5.40
CA ARG E 378 22.37 35.48 5.70
C ARG E 378 21.36 34.34 5.62
N LYS E 379 20.21 34.49 6.27
CA LYS E 379 19.21 33.42 6.27
C LYS E 379 18.47 33.24 4.93
N THR E 380 18.56 34.25 4.06
CA THR E 380 18.05 34.13 2.70
C THR E 380 19.02 33.27 1.89
N LEU E 381 20.30 33.59 1.99
CA LEU E 381 21.33 32.82 1.30
C LEU E 381 21.43 31.40 1.84
N ASP E 382 21.05 31.20 3.10
CA ASP E 382 20.92 29.87 3.67
C ASP E 382 19.80 29.15 2.96
N MET E 383 18.65 29.81 2.84
CA MET E 383 17.47 29.23 2.23
C MET E 383 17.69 28.89 0.78
N ILE E 384 18.45 29.72 0.09
CA ILE E 384 18.75 29.50 -1.30
C ILE E 384 19.71 28.32 -1.49
N LYS E 385 20.71 28.23 -0.62
CA LYS E 385 21.62 27.09 -0.58
C LYS E 385 20.86 25.77 -0.45
N LYS E 386 19.91 25.74 0.48
CA LYS E 386 19.11 24.55 0.76
C LYS E 386 18.21 24.06 -0.38
N ILE E 387 18.23 24.74 -1.52
CA ILE E 387 17.43 24.28 -2.66
C ILE E 387 18.06 23.04 -3.32
N ALA E 388 17.22 22.05 -3.62
CA ALA E 388 17.64 20.81 -4.27
C ALA E 388 18.45 21.08 -5.52
N ASP E 389 19.57 20.38 -5.65
CA ASP E 389 20.57 20.66 -6.68
C ASP E 389 20.00 20.79 -8.11
N GLU E 390 19.09 19.89 -8.46
CA GLU E 390 18.45 19.92 -9.79
C GLU E 390 17.52 21.11 -9.90
N LYS E 391 16.65 21.26 -8.91
CA LYS E 391 15.72 22.38 -8.86
C LYS E 391 16.41 23.75 -8.90
N TYR E 392 17.62 23.85 -8.35
CA TYR E 392 18.37 25.10 -8.34
C TYR E 392 18.78 25.51 -9.73
N ASN E 393 19.38 24.59 -10.47
CA ASN E 393 19.88 24.89 -11.80
C ASN E 393 18.75 25.10 -12.80
N ASP E 394 17.67 24.33 -12.64
CA ASP E 394 16.60 24.31 -13.62
C ASP E 394 15.56 25.42 -13.41
N THR E 395 15.20 25.69 -12.16
CA THR E 395 14.21 26.71 -11.85
C THR E 395 14.85 28.02 -11.36
N PHE E 396 15.35 28.01 -10.12
CA PHE E 396 15.91 29.20 -9.49
C PHE E 396 16.85 29.96 -10.41
N TRP E 397 17.93 29.31 -10.83
CA TRP E 397 18.97 30.00 -11.59
C TRP E 397 18.42 30.66 -12.83
N LYS E 398 17.42 30.04 -13.44
CA LYS E 398 16.79 30.61 -14.62
C LYS E 398 16.08 31.93 -14.28
N GLU E 399 15.43 31.99 -13.12
CA GLU E 399 14.77 33.20 -12.66
C GLU E 399 15.74 34.24 -12.13
N PHE E 400 16.49 33.87 -11.09
CA PHE E 400 17.23 34.85 -10.31
C PHE E 400 18.74 34.86 -10.51
N GLY E 401 19.22 34.14 -11.51
CA GLY E 401 20.66 34.04 -11.77
C GLY E 401 21.34 35.40 -11.71
N THR E 402 20.78 36.38 -12.41
CA THR E 402 21.35 37.71 -12.52
C THR E 402 21.48 38.39 -11.15
N ASN E 403 20.48 38.20 -10.29
CA ASN E 403 20.50 38.72 -8.93
C ASN E 403 21.73 38.25 -8.19
N ILE E 404 21.97 36.94 -8.22
CA ILE E 404 23.12 36.35 -7.57
C ILE E 404 24.37 36.98 -8.13
N LYS E 405 24.43 37.07 -9.46
CA LYS E 405 25.56 37.70 -10.13
C LYS E 405 25.74 39.13 -9.66
N LEU E 406 24.64 39.83 -9.46
CA LEU E 406 24.68 41.19 -8.92
C LEU E 406 25.13 41.19 -7.46
N GLY E 407 24.71 40.18 -6.71
CA GLY E 407 25.08 40.05 -5.30
C GLY E 407 26.57 40.04 -5.08
N VAL E 408 27.26 39.23 -5.89
CA VAL E 408 28.71 39.11 -5.85
C VAL E 408 29.35 40.49 -5.98
N ILE E 409 28.64 41.39 -6.64
CA ILE E 409 29.16 42.72 -6.89
C ILE E 409 28.87 43.67 -5.70
N GLU E 410 27.61 43.70 -5.26
CA GLU E 410 27.20 44.54 -4.13
C GLU E 410 27.75 44.03 -2.80
N ASP E 411 27.36 42.81 -2.45
CA ASP E 411 27.56 42.26 -1.12
C ASP E 411 28.95 41.66 -0.98
N HIS E 412 29.89 42.46 -0.49
CA HIS E 412 31.26 42.00 -0.29
C HIS E 412 31.39 41.09 0.93
N SER E 413 30.53 41.32 1.92
CA SER E 413 30.53 40.53 3.14
C SER E 413 29.90 39.14 2.98
N ASN E 414 29.25 38.88 1.85
CA ASN E 414 28.74 37.55 1.53
C ASN E 414 29.30 37.01 0.22
N ARG E 415 30.27 37.75 -0.33
CA ARG E 415 30.89 37.42 -1.60
C ARG E 415 31.23 35.94 -1.79
N THR E 416 31.76 35.27 -0.77
CA THR E 416 32.13 33.85 -0.90
C THR E 416 30.91 32.94 -0.93
N ARG E 417 29.95 33.20 -0.05
CA ARG E 417 28.72 32.45 0.02
C ARG E 417 28.00 32.54 -1.32
N LEU E 418 28.10 33.71 -1.94
CA LEU E 418 27.48 33.91 -3.25
C LEU E 418 28.24 33.19 -4.35
N ALA E 419 29.55 33.42 -4.42
CA ALA E 419 30.37 32.78 -5.44
C ALA E 419 29.97 31.31 -5.63
N LYS E 420 29.82 30.59 -4.52
CA LYS E 420 29.45 29.19 -4.54
C LYS E 420 28.07 28.95 -5.15
N LEU E 421 27.28 30.01 -5.28
CA LEU E 421 25.93 29.94 -5.85
C LEU E 421 25.89 30.24 -7.34
N LEU E 422 27.02 30.69 -7.88
CA LEU E 422 27.09 31.05 -9.29
C LEU E 422 27.02 29.83 -10.17
N ARG E 423 26.43 30.00 -11.36
CA ARG E 423 26.38 28.95 -12.37
C ARG E 423 26.66 29.54 -13.75
N PHE E 424 27.34 28.78 -14.59
CA PHE E 424 27.63 29.22 -15.94
C PHE E 424 27.53 28.07 -16.92
N GLN E 425 27.46 28.39 -18.21
CA GLN E 425 27.71 27.40 -19.25
C GLN E 425 29.22 27.26 -19.38
N SER E 426 29.65 26.09 -19.87
CA SER E 426 31.06 25.86 -20.09
C SER E 426 31.27 24.79 -21.13
N SER E 427 32.53 24.66 -21.55
CA SER E 427 32.95 23.70 -22.56
C SER E 427 32.65 22.25 -22.16
N HIS E 428 32.36 22.02 -20.89
CA HIS E 428 32.12 20.67 -20.38
C HIS E 428 30.84 20.03 -20.95
N HIS E 429 29.90 20.85 -21.40
CA HIS E 429 28.60 20.36 -21.86
C HIS E 429 27.87 21.40 -22.72
N PRO E 430 27.28 20.95 -23.86
CA PRO E 430 26.50 21.75 -24.80
C PRO E 430 25.49 22.73 -24.20
N SER E 431 24.74 22.30 -23.19
CA SER E 431 23.67 23.13 -22.63
C SER E 431 23.67 23.26 -21.11
N ASP E 432 23.98 22.19 -20.39
CA ASP E 432 23.95 22.17 -18.93
C ASP E 432 24.84 23.23 -18.32
N ILE E 433 24.37 23.82 -17.24
CA ILE E 433 25.15 24.81 -16.52
C ILE E 433 26.00 24.12 -15.45
N THR E 434 27.12 24.74 -15.10
CA THR E 434 28.03 24.20 -14.11
C THR E 434 28.37 25.22 -13.05
N SER E 435 28.59 24.75 -11.82
CA SER E 435 29.00 25.61 -10.73
C SER E 435 30.49 25.81 -10.83
N LEU E 436 31.01 26.68 -9.98
CA LEU E 436 32.44 26.89 -9.95
C LEU E 436 33.18 25.77 -9.22
N ASP E 437 32.58 25.23 -8.18
CA ASP E 437 33.14 24.06 -7.51
C ASP E 437 33.26 22.88 -8.45
N GLN E 438 32.21 22.63 -9.22
CA GLN E 438 32.21 21.58 -10.25
C GLN E 438 33.29 21.78 -11.30
N TYR E 439 33.63 23.02 -11.59
CA TYR E 439 34.69 23.31 -12.53
C TYR E 439 36.02 22.95 -11.90
N VAL E 440 36.20 23.33 -10.64
CA VAL E 440 37.46 23.11 -9.95
C VAL E 440 37.76 21.61 -9.85
N GLU E 441 36.77 20.85 -9.37
CA GLU E 441 36.87 19.41 -9.26
C GLU E 441 37.41 18.79 -10.53
N ARG E 442 37.10 19.40 -11.67
CA ARG E 442 37.51 18.87 -12.98
C ARG E 442 38.87 19.32 -13.50
N MET E 443 39.48 20.31 -12.87
CA MET E 443 40.75 20.90 -13.36
C MET E 443 41.93 19.89 -13.42
N LYS E 444 42.94 20.21 -14.24
CA LYS E 444 44.20 19.44 -14.26
C LYS E 444 45.06 19.83 -13.06
N GLU E 445 45.94 18.93 -12.66
CA GLU E 445 46.74 19.10 -11.44
C GLU E 445 47.55 20.41 -11.37
N LYS E 446 48.09 20.83 -12.51
CA LYS E 446 48.93 22.04 -12.56
C LYS E 446 48.19 23.28 -13.09
N GLN E 447 46.90 23.13 -13.39
CA GLN E 447 46.05 24.23 -13.80
C GLN E 447 45.61 25.03 -12.56
N ASP E 448 46.04 26.29 -12.49
CA ASP E 448 45.69 27.18 -11.37
C ASP E 448 44.81 28.35 -11.81
N LYS E 449 44.41 28.35 -13.08
CA LYS E 449 43.61 29.41 -13.66
C LYS E 449 42.25 28.86 -14.11
N ILE E 450 41.19 29.57 -13.75
CA ILE E 450 39.87 29.26 -14.28
C ILE E 450 39.67 30.07 -15.54
N TYR E 451 39.51 29.38 -16.65
CA TYR E 451 39.47 30.04 -17.93
C TYR E 451 38.06 30.41 -18.33
N PHE E 452 37.88 31.66 -18.74
CA PHE E 452 36.60 32.11 -19.28
C PHE E 452 36.76 32.85 -20.60
N MET E 453 35.82 32.61 -21.50
CA MET E 453 35.68 33.39 -22.74
C MET E 453 34.40 34.20 -22.69
N ALA E 454 34.53 35.51 -22.82
CA ALA E 454 33.36 36.38 -22.86
C ALA E 454 32.81 36.42 -24.29
N GLY E 455 31.49 36.41 -24.40
CA GLY E 455 30.81 36.53 -25.68
C GLY E 455 29.48 37.26 -25.58
N SER E 456 28.80 37.41 -26.72
CA SER E 456 27.47 38.00 -26.76
C SER E 456 26.44 36.89 -26.69
N SER E 457 26.84 35.71 -27.17
CA SER E 457 26.05 34.49 -27.09
C SER E 457 27.02 33.31 -26.92
N ARG E 458 26.49 32.16 -26.51
CA ARG E 458 27.32 30.96 -26.34
C ARG E 458 28.05 30.58 -27.63
N LYS E 459 27.31 30.55 -28.73
CA LYS E 459 27.84 30.15 -30.04
C LYS E 459 29.01 31.03 -30.47
N GLU E 460 28.96 32.32 -30.12
CA GLU E 460 30.06 33.26 -30.38
C GLU E 460 31.32 32.89 -29.60
N ALA E 461 31.15 32.69 -28.30
CA ALA E 461 32.26 32.45 -27.38
C ALA E 461 32.90 31.09 -27.59
N GLU E 462 32.10 30.07 -27.90
CA GLU E 462 32.61 28.70 -28.10
C GLU E 462 33.37 28.53 -29.41
N SER E 463 32.95 29.29 -30.43
CA SER E 463 33.56 29.23 -31.76
C SER E 463 34.81 30.10 -31.84
N SER E 464 35.09 30.79 -30.73
CA SER E 464 36.26 31.66 -30.58
C SER E 464 37.57 30.92 -30.86
N PRO E 465 38.52 31.60 -31.53
CA PRO E 465 39.84 31.02 -31.81
C PRO E 465 40.71 30.86 -30.57
N PHE E 466 40.40 31.62 -29.52
CA PHE E 466 41.16 31.58 -28.27
C PHE E 466 40.99 30.26 -27.54
N VAL E 467 39.77 29.72 -27.57
CA VAL E 467 39.44 28.47 -26.85
C VAL E 467 40.03 27.21 -27.52
N GLU E 468 40.19 27.29 -28.84
CA GLU E 468 40.72 26.18 -29.65
C GLU E 468 41.80 25.37 -28.92
N ARG E 469 42.93 26.02 -28.63
CA ARG E 469 44.08 25.37 -27.99
C ARG E 469 43.78 24.89 -26.58
N LEU E 470 42.99 25.67 -25.84
CA LEU E 470 42.57 25.32 -24.48
C LEU E 470 41.74 24.02 -24.46
N LEU E 471 40.68 24.00 -25.27
CA LEU E 471 39.83 22.81 -25.41
C LEU E 471 40.59 21.59 -25.90
N LYS E 472 41.37 21.77 -26.97
CA LYS E 472 42.14 20.67 -27.56
C LYS E 472 43.15 20.06 -26.58
N LYS E 473 43.72 20.88 -25.70
CA LYS E 473 44.57 20.37 -24.63
C LYS E 473 43.78 19.98 -23.38
N GLY E 474 42.48 19.81 -23.56
CA GLY E 474 41.59 19.29 -22.51
C GLY E 474 41.39 20.18 -21.29
N TYR E 475 41.47 21.49 -21.48
CA TYR E 475 41.07 22.41 -20.44
C TYR E 475 39.58 22.70 -20.59
N GLU E 476 38.98 23.28 -19.56
CA GLU E 476 37.59 23.67 -19.62
C GLU E 476 37.51 25.19 -19.61
N VAL E 477 36.62 25.74 -20.42
CA VAL E 477 36.46 27.19 -20.47
C VAL E 477 35.02 27.58 -20.21
N ILE E 478 34.84 28.52 -19.29
CA ILE E 478 33.52 29.04 -18.93
C ILE E 478 33.09 30.07 -19.97
N TYR E 479 31.81 30.02 -20.34
CA TYR E 479 31.28 30.98 -21.31
C TYR E 479 30.41 32.04 -20.65
N LEU E 480 30.90 33.27 -20.66
CA LEU E 480 30.17 34.40 -20.13
C LEU E 480 29.41 35.06 -21.27
N THR E 481 28.08 34.94 -21.23
CA THR E 481 27.23 35.40 -22.32
C THR E 481 26.33 36.59 -21.96
N GLU E 482 26.11 36.78 -20.66
CA GLU E 482 25.36 37.94 -20.17
C GLU E 482 26.30 39.11 -19.91
N PRO E 483 25.80 40.36 -20.02
CA PRO E 483 26.70 41.50 -19.89
C PRO E 483 27.20 41.69 -18.46
N VAL E 484 26.40 41.26 -17.49
CA VAL E 484 26.75 41.35 -16.08
C VAL E 484 27.93 40.42 -15.72
N ASP E 485 28.03 39.31 -16.45
CA ASP E 485 28.98 38.22 -16.15
C ASP E 485 30.41 38.67 -15.93
N GLU E 486 30.92 39.46 -16.87
CA GLU E 486 32.31 39.86 -16.80
C GLU E 486 32.58 40.77 -15.59
N TYR E 487 31.55 41.49 -15.16
CA TYR E 487 31.66 42.38 -14.01
C TYR E 487 31.53 41.63 -12.71
N CYS E 488 30.83 40.49 -12.79
CA CYS E 488 30.73 39.54 -11.69
C CYS E 488 32.12 38.97 -11.44
N ILE E 489 32.62 38.24 -12.43
CA ILE E 489 33.97 37.68 -12.42
C ILE E 489 35.03 38.73 -12.09
N GLN E 490 34.82 39.97 -12.56
CA GLN E 490 35.77 41.05 -12.31
C GLN E 490 35.74 41.49 -10.84
N ALA E 491 34.66 41.15 -10.13
CA ALA E 491 34.52 41.47 -8.71
C ALA E 491 34.88 40.28 -7.84
N LEU E 492 35.40 39.25 -8.49
CA LEU E 492 35.75 38.01 -7.83
C LEU E 492 37.23 37.72 -8.05
N PRO E 493 38.05 37.93 -7.00
CA PRO E 493 39.51 37.86 -7.09
C PRO E 493 39.95 36.43 -7.37
N GLU E 494 39.78 35.57 -6.36
CA GLU E 494 40.08 34.17 -6.49
C GLU E 494 38.81 33.40 -6.19
N PHE E 495 38.75 32.17 -6.68
CA PHE E 495 37.75 31.24 -6.21
C PHE E 495 38.46 29.95 -5.85
N ASP E 496 38.48 29.65 -4.55
CA ASP E 496 39.11 28.42 -4.04
C ASP E 496 40.60 28.38 -4.37
N GLY E 497 41.28 29.49 -4.12
CA GLY E 497 42.70 29.63 -4.41
C GLY E 497 43.06 29.71 -5.89
N LYS E 498 42.04 29.74 -6.75
CA LYS E 498 42.25 29.84 -8.20
C LYS E 498 41.92 31.24 -8.70
N ARG E 499 42.81 31.76 -9.55
CA ARG E 499 42.59 33.04 -10.21
C ARG E 499 41.91 32.81 -11.56
N PHE E 500 41.03 33.74 -11.94
CA PHE E 500 40.36 33.70 -13.24
C PHE E 500 41.30 34.18 -14.34
N GLN E 501 41.04 33.71 -15.56
CA GLN E 501 41.83 34.11 -16.72
C GLN E 501 40.98 34.25 -17.97
N ASN E 502 40.96 35.47 -18.50
CA ASN E 502 40.28 35.75 -19.75
C ASN E 502 41.08 35.16 -20.89
N VAL E 503 40.60 34.08 -21.49
CA VAL E 503 41.32 33.43 -22.60
C VAL E 503 41.69 34.38 -23.75
N ALA E 504 40.85 35.39 -23.97
CA ALA E 504 41.07 36.39 -25.02
C ALA E 504 42.17 37.37 -24.67
N LYS E 505 42.76 37.21 -23.48
CA LYS E 505 43.83 38.09 -23.00
C LYS E 505 45.13 37.32 -22.82
N GLU E 506 46.21 38.05 -22.57
CA GLU E 506 47.52 37.45 -22.30
C GLU E 506 47.58 36.90 -20.88
#